data_8CEK
#
_entry.id   8CEK
#
_cell.length_a   140.046
_cell.length_b   190.828
_cell.length_c   190.907
_cell.angle_alpha   90.00
_cell.angle_beta   90.00
_cell.angle_gamma   90.00
#
_symmetry.space_group_name_H-M   'I 2 2 2'
#
loop_
_entity.id
_entity.type
_entity.pdbx_description
1 polymer 'Succinate-semialdehyde dehydrogenase (acetylating)'
2 non-polymer 'NADP NICOTINAMIDE-ADENINE-DINUCLEOTIDE PHOSPHATE'
3 water water
#
_entity_poly.entity_id   1
_entity_poly.type   'polypeptide(L)'
_entity_poly.pdbx_seq_one_letter_code
;MSNEVSIKELIEKAKVAQKKLEAYSQEQVDVLVKALGKVVYDNAEMFAKEAVEETEMGVYEDKVAKCHLKSGAIWNHIKD
KKTVGIIKEEPERALVYVAKPKGVVAATTPITNPVVTPMCNAMAAIKGRNTIIVAPHPKAKKVSAHTVELMNAELKKLGA
PENIIQIVEAPSREAAKELMESADVVIATGGAGRVKAAYSSGRPAYGVGPGNSQVIVDKGYDYNKAAQDIITGRKYDNGI
ICSSEQSVIAPAEDYDKVIAAFVENGAFYVEDEETVEKFRSTLFKDGKINSKIIGKSVQIIADLAGVKVPEGTKVIVLKG
KGAGEKDVLCKEKMCPVLVALKYDTFEEAVEIAMANYMYEGAGHTAGIHSDNDENIRYAGTVLPISRLVVNQPATTAGGS
FNNGFNPTTTLGCGSWGRNSISENLTYEHLINVSRIGYFNKEAKVPSYEEIWG
;
_entity_poly.pdbx_strand_id   A,B,C,D
#
loop_
_chem_comp.id
_chem_comp.type
_chem_comp.name
_chem_comp.formula
NAP non-polymer 'NADP NICOTINAMIDE-ADENINE-DINUCLEOTIDE PHOSPHATE' 'C21 H28 N7 O17 P3'
#
# COMPACT_ATOMS: atom_id res chain seq x y z
N VAL A 5 15.86 -14.29 -13.76
CA VAL A 5 15.19 -13.03 -13.42
C VAL A 5 16.21 -11.89 -13.38
N SER A 6 15.85 -10.76 -13.98
CA SER A 6 16.76 -9.61 -14.04
C SER A 6 16.66 -8.80 -12.75
N ILE A 7 17.69 -7.97 -12.53
CA ILE A 7 17.70 -7.08 -11.37
C ILE A 7 16.48 -6.17 -11.39
N LYS A 8 16.13 -5.65 -12.56
CA LYS A 8 14.97 -4.78 -12.68
C LYS A 8 13.70 -5.50 -12.22
N GLU A 9 13.57 -6.78 -12.56
CA GLU A 9 12.41 -7.53 -12.08
C GLU A 9 12.52 -7.85 -10.59
N LEU A 10 13.74 -8.07 -10.09
CA LEU A 10 13.92 -8.28 -8.66
C LEU A 10 13.50 -7.04 -7.87
N ILE A 11 13.96 -5.86 -8.32
CA ILE A 11 13.61 -4.61 -7.65
C ILE A 11 12.09 -4.42 -7.63
N GLU A 12 11.43 -4.76 -8.74
CA GLU A 12 9.99 -4.56 -8.82
C GLU A 12 9.24 -5.48 -7.87
N LYS A 13 9.58 -6.77 -7.89
CA LYS A 13 8.96 -7.71 -6.96
C LYS A 13 9.20 -7.28 -5.51
N ALA A 14 10.38 -6.75 -5.22
CA ALA A 14 10.68 -6.30 -3.86
C ALA A 14 9.80 -5.12 -3.46
N LYS A 15 9.63 -4.15 -4.36
CA LYS A 15 8.80 -2.98 -4.04
C LYS A 15 7.35 -3.37 -3.81
N VAL A 16 6.83 -4.32 -4.59
CA VAL A 16 5.49 -4.83 -4.33
C VAL A 16 5.42 -5.45 -2.95
N ALA A 17 6.42 -6.25 -2.60
CA ALA A 17 6.45 -6.91 -1.29
C ALA A 17 6.47 -5.88 -0.17
N GLN A 18 7.32 -4.87 -0.29
CA GLN A 18 7.46 -3.88 0.78
C GLN A 18 6.16 -3.14 1.03
N LYS A 19 5.42 -2.80 -0.04
CA LYS A 19 4.13 -2.12 0.14
C LYS A 19 3.17 -2.99 0.93
N LYS A 20 3.10 -4.29 0.62
CA LYS A 20 2.32 -5.20 1.45
C LYS A 20 2.88 -5.27 2.87
N LEU A 21 4.20 -5.24 3.00
CA LEU A 21 4.82 -5.35 4.32
C LEU A 21 4.66 -4.07 5.13
N GLU A 22 4.54 -2.92 4.48
CA GLU A 22 4.42 -1.66 5.21
C GLU A 22 3.15 -1.62 6.05
N ALA A 23 2.13 -2.37 5.67
CA ALA A 23 0.88 -2.42 6.43
C ALA A 23 0.99 -3.24 7.71
N TYR A 24 2.07 -4.00 7.89
CA TYR A 24 2.22 -4.82 9.08
C TYR A 24 2.37 -3.97 10.33
N SER A 25 1.88 -4.49 11.44
CA SER A 25 2.07 -3.85 12.73
C SER A 25 3.41 -4.26 13.33
N GLN A 26 3.73 -3.69 14.50
CA GLN A 26 4.96 -4.05 15.19
C GLN A 26 4.97 -5.54 15.54
N GLU A 27 3.87 -6.03 16.13
CA GLU A 27 3.79 -7.43 16.54
C GLU A 27 3.92 -8.36 15.35
N GLN A 28 3.46 -7.93 14.17
CA GLN A 28 3.45 -8.80 13.01
C GLN A 28 4.82 -8.93 12.35
N VAL A 29 5.63 -7.86 12.32
CA VAL A 29 6.99 -8.01 11.83
C VAL A 29 7.84 -8.75 12.86
N ASP A 30 7.50 -8.62 14.15
CA ASP A 30 8.27 -9.29 15.19
C ASP A 30 8.17 -10.80 15.06
N VAL A 31 6.98 -11.31 14.72
CA VAL A 31 6.80 -12.74 14.52
C VAL A 31 7.68 -13.24 13.38
N LEU A 32 7.74 -12.46 12.29
CA LEU A 32 8.55 -12.86 11.15
C LEU A 32 10.03 -12.81 11.49
N VAL A 33 10.47 -11.74 12.16
CA VAL A 33 11.88 -11.57 12.48
C VAL A 33 12.36 -12.73 13.35
N LYS A 34 11.60 -13.05 14.39
CA LYS A 34 11.99 -14.13 15.30
C LYS A 34 12.15 -15.44 14.56
N ALA A 35 11.20 -15.76 13.68
CA ALA A 35 11.27 -17.03 12.95
C ALA A 35 12.46 -17.06 11.99
N LEU A 36 12.89 -15.91 11.49
CA LEU A 36 14.09 -15.87 10.65
C LEU A 36 15.33 -16.29 11.42
N GLY A 37 15.50 -15.76 12.64
CA GLY A 37 16.64 -16.15 13.45
C GLY A 37 16.57 -17.58 13.92
N LYS A 38 15.37 -18.03 14.30
CA LYS A 38 15.22 -19.38 14.86
C LYS A 38 15.47 -20.45 13.81
N VAL A 39 15.20 -20.17 12.53
CA VAL A 39 15.44 -21.19 11.52
C VAL A 39 16.93 -21.35 11.26
N VAL A 40 17.73 -20.31 11.52
CA VAL A 40 19.18 -20.46 11.44
C VAL A 40 19.71 -21.15 12.70
N TYR A 41 19.12 -20.84 13.86
CA TYR A 41 19.48 -21.56 15.08
C TYR A 41 19.22 -23.05 14.94
N ASP A 42 17.99 -23.41 14.53
CA ASP A 42 17.58 -24.80 14.51
C ASP A 42 18.32 -25.61 13.46
N ASN A 43 18.85 -24.96 12.41
CA ASN A 43 19.58 -25.65 11.36
C ASN A 43 21.06 -25.33 11.37
N ALA A 44 21.60 -24.91 12.52
CA ALA A 44 22.99 -24.50 12.58
C ALA A 44 23.93 -25.60 12.09
N GLU A 45 23.65 -26.85 12.46
CA GLU A 45 24.56 -27.94 12.12
C GLU A 45 24.63 -28.16 10.61
N MET A 46 23.47 -28.17 9.95
CA MET A 46 23.45 -28.36 8.50
C MET A 46 24.14 -27.20 7.78
N PHE A 47 23.78 -25.96 8.14
CA PHE A 47 24.37 -24.79 7.49
C PHE A 47 25.89 -24.74 7.69
N ALA A 48 26.36 -25.04 8.91
CA ALA A 48 27.78 -25.00 9.18
C ALA A 48 28.54 -25.99 8.31
N LYS A 49 28.00 -27.19 8.15
CA LYS A 49 28.66 -28.21 7.33
C LYS A 49 28.74 -27.76 5.87
N GLU A 50 27.63 -27.23 5.33
CA GLU A 50 27.62 -26.79 3.94
C GLU A 50 28.57 -25.61 3.73
N ALA A 51 28.64 -24.69 4.71
CA ALA A 51 29.49 -23.52 4.54
C ALA A 51 30.97 -23.89 4.53
N VAL A 52 31.39 -24.79 5.44
CA VAL A 52 32.78 -25.22 5.46
C VAL A 52 33.14 -25.91 4.16
N GLU A 53 32.26 -26.77 3.64
CA GLU A 53 32.55 -27.49 2.41
C GLU A 53 32.62 -26.54 1.20
N GLU A 54 31.61 -25.68 1.05
CA GLU A 54 31.53 -24.86 -0.16
C GLU A 54 32.61 -23.78 -0.19
N THR A 55 32.74 -23.00 0.88
CA THR A 55 33.74 -21.93 0.92
C THR A 55 35.15 -22.42 1.18
N GLU A 56 35.33 -23.68 1.58
CA GLU A 56 36.65 -24.27 1.80
C GLU A 56 37.46 -23.44 2.82
N MET A 57 36.78 -22.94 3.84
CA MET A 57 37.44 -22.22 4.92
C MET A 57 36.61 -22.37 6.18
N GLY A 58 37.26 -22.16 7.31
CA GLY A 58 36.57 -22.14 8.59
C GLY A 58 36.54 -23.49 9.28
N VAL A 59 35.83 -23.50 10.41
CA VAL A 59 35.74 -24.65 11.31
C VAL A 59 34.28 -24.96 11.57
N TYR A 60 33.89 -26.22 11.39
CA TYR A 60 32.50 -26.62 11.54
C TYR A 60 31.93 -26.24 12.90
N GLU A 61 32.61 -26.66 13.98
CA GLU A 61 32.09 -26.40 15.33
C GLU A 61 31.97 -24.90 15.59
N ASP A 62 32.89 -24.10 15.05
CA ASP A 62 32.80 -22.66 15.25
C ASP A 62 31.64 -22.05 14.49
N LYS A 63 31.36 -22.54 13.28
CA LYS A 63 30.22 -22.02 12.54
C LYS A 63 28.89 -22.40 13.21
N VAL A 64 28.83 -23.57 13.86
CA VAL A 64 27.64 -23.94 14.61
C VAL A 64 27.43 -22.97 15.78
N ALA A 65 28.50 -22.69 16.52
CA ALA A 65 28.40 -21.72 17.61
C ALA A 65 28.05 -20.33 17.07
N LYS A 66 28.62 -19.96 15.93
CA LYS A 66 28.28 -18.67 15.32
C LYS A 66 26.79 -18.57 15.02
N CYS A 67 26.25 -19.60 14.35
CA CYS A 67 24.83 -19.59 14.02
C CYS A 67 23.96 -19.54 15.28
N HIS A 68 24.30 -20.35 16.29
CA HIS A 68 23.54 -20.34 17.54
C HIS A 68 23.61 -18.96 18.20
N LEU A 69 24.81 -18.38 18.26
CA LEU A 69 24.99 -17.13 19.01
C LEU A 69 24.36 -15.95 18.28
N LYS A 70 24.74 -15.74 17.02
CA LYS A 70 24.25 -14.58 16.27
C LYS A 70 22.72 -14.55 16.21
N SER A 71 22.12 -15.69 15.87
CA SER A 71 20.67 -15.77 15.76
C SER A 71 20.00 -15.41 17.07
N GLY A 72 20.47 -16.00 18.18
CA GLY A 72 19.84 -15.75 19.46
C GLY A 72 20.15 -14.39 20.03
N ALA A 73 21.38 -13.89 19.83
CA ALA A 73 21.76 -12.59 20.36
C ALA A 73 21.06 -11.45 19.62
N ILE A 74 20.83 -11.60 18.32
CA ILE A 74 20.15 -10.54 17.58
C ILE A 74 18.68 -10.47 17.98
N TRP A 75 18.00 -11.62 18.00
CA TRP A 75 16.60 -11.62 18.43
C TRP A 75 16.46 -11.07 19.84
N ASN A 76 17.30 -11.54 20.77
CA ASN A 76 17.21 -11.05 22.15
C ASN A 76 17.40 -9.55 22.23
N HIS A 77 18.16 -8.98 21.30
CA HIS A 77 18.40 -7.54 21.34
C HIS A 77 17.25 -6.74 20.75
N ILE A 78 16.66 -7.22 19.64
CA ILE A 78 15.68 -6.43 18.91
C ILE A 78 14.25 -6.84 19.21
N LYS A 79 14.04 -7.81 20.10
CA LYS A 79 12.69 -8.33 20.33
C LYS A 79 11.73 -7.23 20.78
N ASP A 80 12.19 -6.30 21.62
CA ASP A 80 11.33 -5.31 22.24
C ASP A 80 11.59 -3.89 21.73
N LYS A 81 12.32 -3.74 20.63
CA LYS A 81 12.58 -2.43 20.07
C LYS A 81 11.41 -1.97 19.21
N LYS A 82 11.01 -0.71 19.38
CA LYS A 82 9.88 -0.14 18.64
C LYS A 82 10.37 0.45 17.32
N THR A 83 9.92 -0.13 16.21
CA THR A 83 10.42 0.23 14.89
C THR A 83 9.31 0.47 13.88
N VAL A 84 8.07 0.64 14.33
CA VAL A 84 6.91 0.75 13.46
C VAL A 84 6.03 1.87 13.97
N GLY A 85 5.77 2.86 13.11
CA GLY A 85 4.86 3.95 13.49
C GLY A 85 5.47 4.87 14.53
N ILE A 86 4.60 5.41 15.38
CA ILE A 86 5.04 6.30 16.45
C ILE A 86 5.78 5.47 17.50
N ILE A 87 7.04 5.81 17.73
CA ILE A 87 7.91 5.01 18.60
C ILE A 87 8.36 5.76 19.85
N LYS A 88 8.15 7.08 19.93
CA LYS A 88 8.64 7.84 21.07
C LYS A 88 7.91 9.17 21.18
N GLU A 89 7.62 9.56 22.42
CA GLU A 89 7.02 10.85 22.74
C GLU A 89 8.03 11.64 23.57
N GLU A 90 8.33 12.86 23.14
CA GLU A 90 9.29 13.73 23.81
C GLU A 90 8.63 15.09 24.05
N PRO A 91 7.74 15.19 25.05
CA PRO A 91 7.01 16.45 25.26
C PRO A 91 7.90 17.61 25.66
N GLU A 92 9.07 17.36 26.24
CA GLU A 92 9.94 18.46 26.65
C GLU A 92 10.43 19.26 25.45
N ARG A 93 10.54 18.62 24.29
CA ARG A 93 10.85 19.30 23.04
C ARG A 93 9.65 19.39 22.10
N ALA A 94 8.47 19.00 22.57
CA ALA A 94 7.24 19.03 21.77
C ALA A 94 7.40 18.21 20.49
N LEU A 95 8.03 17.05 20.60
CA LEU A 95 8.28 16.18 19.46
C LEU A 95 7.59 14.84 19.64
N VAL A 96 7.28 14.21 18.51
CA VAL A 96 6.85 12.82 18.44
C VAL A 96 7.65 12.17 17.33
N TYR A 97 8.20 10.98 17.59
CA TYR A 97 9.08 10.29 16.67
C TYR A 97 8.34 9.16 15.96
N VAL A 98 8.58 9.01 14.66
CA VAL A 98 7.90 8.04 13.82
C VAL A 98 8.92 7.24 13.05
N ALA A 99 8.83 5.91 13.14
CA ALA A 99 9.72 5.01 12.42
C ALA A 99 9.07 4.58 11.11
N LYS A 100 9.81 4.73 10.02
CA LYS A 100 9.32 4.44 8.68
C LYS A 100 10.35 3.61 7.92
N PRO A 101 9.91 2.66 7.11
CA PRO A 101 10.86 1.88 6.32
C PRO A 101 11.63 2.74 5.34
N LYS A 102 12.81 2.27 4.95
CA LYS A 102 13.55 2.86 3.86
C LYS A 102 13.19 2.26 2.51
N GLY A 103 12.57 1.07 2.50
CA GLY A 103 12.13 0.47 1.26
C GLY A 103 12.82 -0.84 0.93
N VAL A 104 13.58 -0.85 -0.16
CA VAL A 104 14.24 -2.05 -0.65
C VAL A 104 15.72 -1.98 -0.29
N VAL A 105 16.18 -2.98 0.46
CA VAL A 105 17.58 -3.08 0.86
C VAL A 105 18.32 -3.95 -0.14
N ALA A 106 19.46 -3.46 -0.63
CA ALA A 106 20.42 -4.29 -1.34
C ALA A 106 21.53 -4.67 -0.37
N ALA A 107 21.76 -5.97 -0.21
CA ALA A 107 22.74 -6.46 0.76
C ALA A 107 23.68 -7.45 0.08
N THR A 108 24.96 -7.09 0.01
CA THR A 108 26.00 -7.99 -0.49
C THR A 108 26.63 -8.68 0.71
N THR A 109 26.76 -10.00 0.63
CA THR A 109 27.15 -10.78 1.78
C THR A 109 28.47 -11.52 1.54
N PRO A 110 29.27 -11.75 2.58
CA PRO A 110 30.63 -12.21 2.40
C PRO A 110 30.77 -13.73 2.37
N ILE A 111 31.95 -14.17 1.95
CA ILE A 111 32.27 -15.59 1.92
C ILE A 111 32.53 -16.15 3.32
N THR A 112 32.94 -15.30 4.27
CA THR A 112 33.31 -15.76 5.60
C THR A 112 32.10 -15.99 6.51
N ASN A 113 31.03 -15.24 6.31
CA ASN A 113 29.81 -15.38 7.12
C ASN A 113 28.59 -15.57 6.22
N PRO A 114 28.60 -16.56 5.33
CA PRO A 114 27.57 -16.64 4.29
C PRO A 114 26.20 -17.01 4.80
N VAL A 115 26.08 -17.43 6.05
CA VAL A 115 24.81 -17.83 6.64
C VAL A 115 24.27 -16.76 7.57
N VAL A 116 25.08 -16.30 8.52
CA VAL A 116 24.56 -15.38 9.54
C VAL A 116 24.35 -13.98 8.96
N THR A 117 25.16 -13.57 7.98
CA THR A 117 25.01 -12.22 7.44
C THR A 117 23.70 -12.06 6.67
N PRO A 118 23.32 -12.97 5.75
CA PRO A 118 21.97 -12.88 5.19
C PRO A 118 20.88 -12.89 6.25
N MET A 119 21.04 -13.70 7.29
CA MET A 119 20.06 -13.74 8.38
C MET A 119 19.99 -12.40 9.09
N CYS A 120 21.15 -11.88 9.52
CA CYS A 120 21.18 -10.63 10.29
C CYS A 120 20.64 -9.46 9.47
N ASN A 121 21.03 -9.35 8.20
CA ASN A 121 20.55 -8.26 7.37
C ASN A 121 19.04 -8.37 7.16
N ALA A 122 18.55 -9.59 6.89
CA ALA A 122 17.10 -9.77 6.68
C ALA A 122 16.33 -9.47 7.95
N MET A 123 16.84 -9.88 9.11
CA MET A 123 16.15 -9.58 10.36
C MET A 123 16.09 -8.08 10.61
N ALA A 124 17.19 -7.37 10.40
CA ALA A 124 17.21 -5.93 10.62
C ALA A 124 16.30 -5.21 9.62
N ALA A 125 16.27 -5.69 8.38
CA ALA A 125 15.42 -5.07 7.35
C ALA A 125 13.94 -5.24 7.70
N ILE A 126 13.49 -6.48 7.81
CA ILE A 126 12.08 -6.76 8.03
C ILE A 126 11.58 -6.22 9.37
N LYS A 127 12.47 -6.05 10.35
CA LYS A 127 12.08 -5.43 11.61
C LYS A 127 11.56 -4.01 11.41
N GLY A 128 12.00 -3.33 10.35
CA GLY A 128 11.54 -1.99 10.06
C GLY A 128 10.66 -1.91 8.82
N ARG A 129 10.05 -3.02 8.46
CA ARG A 129 9.13 -3.13 7.33
C ARG A 129 9.81 -2.88 5.99
N ASN A 130 11.09 -3.23 5.89
CA ASN A 130 11.80 -3.23 4.62
C ASN A 130 11.79 -4.63 4.01
N THR A 131 12.06 -4.68 2.71
CA THR A 131 12.39 -5.92 2.02
C THR A 131 13.85 -5.88 1.61
N ILE A 132 14.36 -7.03 1.15
CA ILE A 132 15.80 -7.17 0.99
C ILE A 132 16.08 -8.09 -0.19
N ILE A 133 17.13 -7.76 -0.94
CA ILE A 133 17.65 -8.58 -2.02
C ILE A 133 19.11 -8.90 -1.71
N VAL A 134 19.41 -10.18 -1.54
CA VAL A 134 20.75 -10.61 -1.14
C VAL A 134 21.58 -10.92 -2.38
N ALA A 135 22.80 -10.41 -2.42
CA ALA A 135 23.77 -10.72 -3.46
C ALA A 135 24.94 -11.43 -2.81
N PRO A 136 24.95 -12.76 -2.78
CA PRO A 136 25.99 -13.48 -2.06
C PRO A 136 27.30 -13.52 -2.83
N HIS A 137 28.37 -13.79 -2.09
CA HIS A 137 29.67 -14.02 -2.71
C HIS A 137 29.60 -15.26 -3.59
N PRO A 138 30.25 -15.25 -4.76
CA PRO A 138 30.17 -16.41 -5.65
C PRO A 138 30.65 -17.71 -5.02
N LYS A 139 31.69 -17.66 -4.19
CA LYS A 139 32.21 -18.87 -3.56
C LYS A 139 31.36 -19.35 -2.40
N ALA A 140 30.23 -18.69 -2.13
CA ALA A 140 29.32 -19.11 -1.08
C ALA A 140 27.86 -19.02 -1.53
N LYS A 141 27.61 -18.96 -2.84
CA LYS A 141 26.27 -18.68 -3.34
C LYS A 141 25.28 -19.78 -2.97
N LYS A 142 25.74 -21.03 -2.91
CA LYS A 142 24.81 -22.14 -2.67
C LYS A 142 24.27 -22.10 -1.25
N VAL A 143 25.16 -21.99 -0.25
CA VAL A 143 24.71 -22.04 1.14
C VAL A 143 23.98 -20.76 1.52
N SER A 144 24.36 -19.61 0.93
CA SER A 144 23.60 -18.39 1.14
C SER A 144 22.19 -18.51 0.55
N ALA A 145 22.09 -19.08 -0.65
CA ALA A 145 20.77 -19.33 -1.23
C ALA A 145 19.96 -20.30 -0.39
N HIS A 146 20.63 -21.32 0.17
CA HIS A 146 19.94 -22.28 1.02
C HIS A 146 19.40 -21.60 2.27
N THR A 147 20.18 -20.68 2.86
CA THR A 147 19.71 -19.93 4.01
C THR A 147 18.46 -19.13 3.65
N VAL A 148 18.51 -18.40 2.54
CA VAL A 148 17.36 -17.62 2.08
C VAL A 148 16.17 -18.52 1.84
N GLU A 149 16.41 -19.70 1.25
CA GLU A 149 15.32 -20.61 0.94
C GLU A 149 14.58 -21.05 2.18
N LEU A 150 15.31 -21.50 3.21
CA LEU A 150 14.67 -21.95 4.44
C LEU A 150 14.02 -20.78 5.18
N MET A 151 14.61 -19.59 5.10
CA MET A 151 13.99 -18.42 5.70
C MET A 151 12.65 -18.10 5.03
N ASN A 152 12.61 -18.15 3.70
CA ASN A 152 11.37 -17.86 2.99
C ASN A 152 10.30 -18.91 3.27
N ALA A 153 10.70 -20.14 3.56
CA ALA A 153 9.72 -21.17 3.89
C ALA A 153 9.07 -20.90 5.24
N GLU A 154 9.83 -20.37 6.20
CA GLU A 154 9.24 -19.98 7.47
C GLU A 154 8.34 -18.76 7.33
N LEU A 155 8.70 -17.83 6.43
CA LEU A 155 7.86 -16.66 6.18
C LEU A 155 6.52 -17.07 5.58
N LYS A 156 6.56 -17.95 4.56
CA LYS A 156 5.33 -18.38 3.91
C LYS A 156 4.40 -19.09 4.89
N LYS A 157 4.96 -19.94 5.75
CA LYS A 157 4.16 -20.62 6.77
C LYS A 157 3.44 -19.64 7.68
N LEU A 158 4.05 -18.49 7.95
CA LEU A 158 3.46 -17.48 8.81
C LEU A 158 2.54 -16.52 8.06
N GLY A 159 2.37 -16.70 6.76
CA GLY A 159 1.48 -15.85 5.99
C GLY A 159 2.10 -14.58 5.47
N ALA A 160 3.43 -14.49 5.43
CA ALA A 160 4.08 -13.27 4.99
C ALA A 160 3.88 -13.04 3.49
N PRO A 161 3.92 -11.79 3.05
CA PRO A 161 3.85 -11.52 1.61
C PRO A 161 5.04 -12.10 0.86
N GLU A 162 4.79 -12.50 -0.38
CA GLU A 162 5.83 -13.10 -1.19
C GLU A 162 6.95 -12.09 -1.47
N ASN A 163 8.18 -12.61 -1.50
CA ASN A 163 9.35 -11.90 -2.00
C ASN A 163 9.84 -10.78 -1.09
N ILE A 164 9.53 -10.82 0.21
CA ILE A 164 10.16 -9.82 1.07
C ILE A 164 11.64 -10.13 1.27
N ILE A 165 12.06 -11.37 1.01
CA ILE A 165 13.47 -11.71 0.85
C ILE A 165 13.64 -12.37 -0.50
N GLN A 166 14.58 -11.86 -1.29
CA GLN A 166 14.99 -12.48 -2.53
C GLN A 166 16.51 -12.57 -2.55
N ILE A 167 17.04 -13.31 -3.52
CA ILE A 167 18.48 -13.47 -3.67
C ILE A 167 18.83 -13.40 -5.14
N VAL A 168 19.93 -12.72 -5.45
CA VAL A 168 20.47 -12.70 -6.80
C VAL A 168 21.22 -14.01 -7.03
N GLU A 169 20.80 -14.77 -8.04
CA GLU A 169 21.45 -16.04 -8.35
C GLU A 169 22.76 -15.83 -9.10
N ALA A 170 22.85 -14.76 -9.90
CA ALA A 170 24.04 -14.41 -10.64
C ALA A 170 25.04 -13.69 -9.75
N PRO A 171 26.31 -13.61 -10.16
CA PRO A 171 27.30 -12.92 -9.33
C PRO A 171 27.30 -11.41 -9.49
N SER A 172 28.46 -10.84 -9.78
CA SER A 172 28.67 -9.39 -9.69
C SER A 172 28.49 -8.68 -11.04
N ARG A 173 29.36 -7.71 -11.30
CA ARG A 173 29.39 -6.93 -12.52
C ARG A 173 28.13 -6.08 -12.62
N GLU A 174 27.58 -5.87 -13.81
CA GLU A 174 26.45 -4.94 -13.97
C GLU A 174 25.29 -5.30 -13.06
N ALA A 175 25.08 -6.60 -12.82
CA ALA A 175 23.94 -7.02 -11.99
C ALA A 175 24.07 -6.50 -10.57
N ALA A 176 25.21 -6.74 -9.91
CA ALA A 176 25.39 -6.27 -8.55
C ALA A 176 25.47 -4.75 -8.51
N LYS A 177 26.06 -4.13 -9.54
CA LYS A 177 26.13 -2.68 -9.60
C LYS A 177 24.74 -2.09 -9.81
N GLU A 178 23.97 -2.64 -10.75
CA GLU A 178 22.61 -2.17 -10.97
C GLU A 178 21.74 -2.36 -9.74
N LEU A 179 21.97 -3.43 -8.97
CA LEU A 179 21.17 -3.69 -7.78
C LEU A 179 21.42 -2.62 -6.73
N MET A 180 22.70 -2.31 -6.44
CA MET A 180 23.00 -1.30 -5.44
C MET A 180 22.51 0.08 -5.87
N GLU A 181 22.53 0.36 -7.17
CA GLU A 181 22.09 1.67 -7.65
C GLU A 181 20.56 1.77 -7.69
N SER A 182 19.86 0.64 -7.83
CA SER A 182 18.42 0.65 -7.96
C SER A 182 17.68 0.49 -6.64
N ALA A 183 18.37 0.11 -5.57
CA ALA A 183 17.73 -0.09 -4.28
C ALA A 183 17.70 1.22 -3.49
N ASP A 184 16.84 1.26 -2.47
CA ASP A 184 16.72 2.46 -1.65
C ASP A 184 17.91 2.62 -0.71
N VAL A 185 18.45 1.50 -0.20
CA VAL A 185 19.56 1.53 0.76
C VAL A 185 20.39 0.27 0.54
N VAL A 186 21.69 0.39 0.79
CA VAL A 186 22.65 -0.65 0.48
C VAL A 186 23.39 -1.07 1.74
N ILE A 187 23.57 -2.38 1.91
CA ILE A 187 24.44 -2.95 2.94
C ILE A 187 25.54 -3.73 2.22
N ALA A 188 26.80 -3.37 2.48
CA ALA A 188 27.94 -4.05 1.90
C ALA A 188 28.79 -4.60 3.04
N THR A 189 28.73 -5.91 3.25
CA THR A 189 29.55 -6.61 4.23
C THR A 189 30.55 -7.47 3.44
N GLY A 190 31.81 -7.03 3.39
CA GLY A 190 32.80 -7.73 2.60
C GLY A 190 34.11 -6.96 2.54
N GLY A 191 34.77 -7.07 1.38
CA GLY A 191 36.08 -6.48 1.20
C GLY A 191 36.03 -5.03 0.77
N ALA A 192 37.22 -4.41 0.76
CA ALA A 192 37.34 -2.99 0.44
C ALA A 192 36.68 -2.64 -0.90
N GLY A 193 36.71 -3.57 -1.86
CA GLY A 193 36.11 -3.30 -3.15
C GLY A 193 34.59 -3.19 -3.09
N ARG A 194 33.97 -4.03 -2.28
CA ARG A 194 32.49 -4.01 -2.20
C ARG A 194 32.06 -2.77 -1.42
N VAL A 195 32.84 -2.37 -0.43
CA VAL A 195 32.52 -1.16 0.32
C VAL A 195 32.64 0.07 -0.59
N LYS A 196 33.69 0.13 -1.40
CA LYS A 196 33.90 1.25 -2.30
C LYS A 196 32.75 1.37 -3.29
N ALA A 197 32.32 0.25 -3.88
CA ALA A 197 31.23 0.28 -4.85
C ALA A 197 29.90 0.62 -4.20
N ALA A 198 29.74 0.31 -2.92
CA ALA A 198 28.52 0.70 -2.22
C ALA A 198 28.42 2.21 -2.07
N TYR A 199 29.52 2.85 -1.65
CA TYR A 199 29.55 4.28 -1.47
C TYR A 199 29.74 5.05 -2.77
N SER A 200 29.76 4.35 -3.91
CA SER A 200 29.79 4.98 -5.22
C SER A 200 28.52 4.71 -6.01
N SER A 201 27.49 4.14 -5.38
CA SER A 201 26.28 3.74 -6.08
C SER A 201 25.25 4.86 -6.20
N GLY A 202 25.48 6.01 -5.57
CA GLY A 202 24.49 7.06 -5.56
C GLY A 202 23.31 6.81 -4.67
N ARG A 203 23.38 5.80 -3.80
CA ARG A 203 22.36 5.49 -2.82
C ARG A 203 22.96 5.46 -1.42
N PRO A 204 22.16 5.70 -0.38
CA PRO A 204 22.70 5.59 0.99
C PRO A 204 23.15 4.17 1.28
N ALA A 205 24.37 4.06 1.81
CA ALA A 205 25.03 2.77 1.95
C ALA A 205 25.58 2.60 3.36
N TYR A 206 25.72 1.35 3.77
CA TYR A 206 26.40 0.97 5.00
C TYR A 206 27.44 -0.09 4.66
N GLY A 207 28.69 0.21 4.96
CA GLY A 207 29.79 -0.71 4.63
C GLY A 207 30.48 -1.25 5.85
N VAL A 208 31.49 -2.07 5.63
CA VAL A 208 32.27 -2.68 6.74
C VAL A 208 33.70 -2.75 6.23
N GLY A 209 34.61 -2.05 6.87
CA GLY A 209 36.01 -2.03 6.39
C GLY A 209 36.77 -3.28 6.73
N PRO A 210 38.02 -3.43 6.22
CA PRO A 210 38.85 -4.55 6.60
C PRO A 210 39.22 -4.40 8.08
N GLY A 211 39.27 -5.50 8.78
CA GLY A 211 39.70 -5.43 10.19
C GLY A 211 41.18 -5.70 10.35
N ASN A 212 41.72 -5.42 11.52
CA ASN A 212 43.11 -5.73 11.85
C ASN A 212 43.30 -5.51 13.35
N SER A 213 42.56 -6.27 14.15
CA SER A 213 42.46 -6.03 15.59
C SER A 213 43.82 -6.06 16.28
N GLN A 214 44.28 -4.90 16.74
CA GLN A 214 45.48 -4.82 17.55
C GLN A 214 45.13 -5.09 19.00
N VAL A 215 46.02 -5.79 19.71
CA VAL A 215 45.78 -6.20 21.09
C VAL A 215 46.97 -5.83 21.94
N ILE A 216 46.71 -5.09 23.01
CA ILE A 216 47.73 -4.67 23.97
C ILE A 216 47.52 -5.47 25.24
N VAL A 217 48.53 -6.24 25.65
CA VAL A 217 48.53 -6.87 26.95
C VAL A 217 49.28 -5.94 27.91
N ASP A 218 48.57 -5.45 28.91
CA ASP A 218 49.12 -4.45 29.82
C ASP A 218 49.92 -5.12 30.94
N LYS A 219 50.92 -4.39 31.44
CA LYS A 219 51.79 -4.90 32.49
C LYS A 219 51.01 -5.30 33.73
N GLY A 220 51.34 -6.47 34.28
CA GLY A 220 50.76 -6.93 35.52
C GLY A 220 49.40 -7.56 35.43
N TYR A 221 48.79 -7.58 34.24
CA TYR A 221 47.53 -8.28 34.07
C TYR A 221 47.75 -9.79 34.11
N ASP A 222 46.68 -10.54 34.37
CA ASP A 222 46.75 -12.00 34.37
C ASP A 222 47.01 -12.48 32.95
N TYR A 223 48.28 -12.75 32.64
CA TYR A 223 48.66 -13.12 31.27
C TYR A 223 48.04 -14.45 30.86
N ASN A 224 47.77 -15.34 31.81
CA ASN A 224 47.09 -16.58 31.47
C ASN A 224 45.70 -16.32 30.90
N LYS A 225 44.95 -15.43 31.53
CA LYS A 225 43.61 -15.11 31.04
C LYS A 225 43.68 -14.37 29.71
N ALA A 226 44.61 -13.43 29.58
CA ALA A 226 44.76 -12.72 28.31
C ALA A 226 45.06 -13.68 27.17
N ALA A 227 46.01 -14.61 27.38
CA ALA A 227 46.36 -15.56 26.35
C ALA A 227 45.18 -16.43 25.96
N GLN A 228 44.40 -16.88 26.95
CA GLN A 228 43.22 -17.70 26.65
C GLN A 228 42.20 -16.93 25.82
N ASP A 229 41.96 -15.66 26.16
CA ASP A 229 40.99 -14.86 25.41
C ASP A 229 41.50 -14.56 24.00
N ILE A 230 42.78 -14.23 23.88
CA ILE A 230 43.34 -13.87 22.58
C ILE A 230 43.40 -15.09 21.66
N ILE A 231 43.79 -16.24 22.20
CA ILE A 231 43.81 -17.47 21.41
C ILE A 231 42.39 -17.85 21.00
N THR A 232 41.43 -17.73 21.92
CA THR A 232 40.03 -18.02 21.59
C THR A 232 39.55 -17.17 20.42
N GLY A 233 39.87 -15.88 20.43
CA GLY A 233 39.43 -15.01 19.35
C GLY A 233 40.21 -15.22 18.05
N ARG A 234 41.51 -15.46 18.17
CA ARG A 234 42.35 -15.61 16.98
C ARG A 234 42.01 -16.89 16.21
N LYS A 235 41.70 -17.99 16.92
CA LYS A 235 41.51 -19.27 16.26
C LYS A 235 40.07 -19.51 15.78
N TYR A 236 39.13 -18.70 16.24
CA TYR A 236 37.71 -18.89 15.92
C TYR A 236 37.48 -18.89 14.41
N ASP A 237 36.88 -19.98 13.90
CA ASP A 237 36.60 -20.15 12.48
C ASP A 237 37.88 -20.01 11.64
N ASN A 238 39.00 -20.49 12.19
CA ASN A 238 40.31 -20.42 11.53
C ASN A 238 40.71 -18.98 11.20
N GLY A 239 40.26 -18.03 12.01
CA GLY A 239 40.75 -16.67 11.95
C GLY A 239 40.12 -15.76 10.92
N ILE A 240 38.96 -16.14 10.39
CA ILE A 240 38.34 -15.38 9.27
C ILE A 240 37.42 -14.24 9.76
N ILE A 241 37.22 -14.13 11.07
CA ILE A 241 36.35 -13.06 11.63
C ILE A 241 37.10 -11.72 11.55
N CYS A 242 36.43 -10.67 11.09
CA CYS A 242 37.05 -9.32 10.89
C CYS A 242 37.53 -8.71 12.20
N SER A 243 36.93 -9.09 13.31
CA SER A 243 37.31 -8.57 14.64
C SER A 243 38.43 -9.42 15.25
N SER A 244 38.80 -10.51 14.58
CA SER A 244 39.78 -11.47 15.17
C SER A 244 41.09 -10.81 15.56
N GLU A 245 41.62 -11.20 16.71
CA GLU A 245 42.93 -10.74 17.15
C GLU A 245 43.98 -11.02 16.09
N GLN A 246 44.90 -10.07 15.93
CA GLN A 246 45.91 -10.11 14.87
C GLN A 246 47.31 -9.93 15.38
N SER A 247 47.51 -9.32 16.55
CA SER A 247 48.83 -9.07 17.08
C SER A 247 48.78 -9.25 18.60
N VAL A 248 49.96 -9.42 19.19
CA VAL A 248 50.14 -9.45 20.63
C VAL A 248 51.20 -8.42 20.94
N ILE A 249 50.78 -7.25 21.43
CA ILE A 249 51.69 -6.17 21.81
C ILE A 249 51.95 -6.34 23.30
N ALA A 250 53.14 -6.86 23.64
CA ALA A 250 53.39 -7.32 25.00
C ALA A 250 54.49 -6.50 25.66
N PRO A 251 54.44 -6.35 26.99
CA PRO A 251 55.49 -5.57 27.67
C PRO A 251 56.82 -6.30 27.66
N ALA A 252 57.88 -5.57 27.30
CA ALA A 252 59.20 -6.18 27.18
C ALA A 252 59.68 -6.75 28.50
N GLU A 253 59.38 -6.07 29.61
CA GLU A 253 59.84 -6.53 30.92
C GLU A 253 59.23 -7.89 31.28
N ASP A 254 58.06 -8.21 30.75
CA ASP A 254 57.38 -9.48 31.05
C ASP A 254 57.20 -10.34 29.81
N TYR A 255 58.03 -10.14 28.78
CA TYR A 255 57.74 -10.73 27.47
C TYR A 255 57.74 -12.25 27.52
N ASP A 256 58.76 -12.84 28.14
CA ASP A 256 58.82 -14.31 28.18
C ASP A 256 57.68 -14.89 29.00
N LYS A 257 57.22 -14.18 30.02
CA LYS A 257 56.05 -14.61 30.78
C LYS A 257 54.82 -14.66 29.89
N VAL A 258 54.57 -13.58 29.15
CA VAL A 258 53.40 -13.52 28.28
C VAL A 258 53.44 -14.66 27.26
N ILE A 259 54.57 -14.80 26.56
CA ILE A 259 54.74 -15.91 25.60
C ILE A 259 54.49 -17.25 26.28
N ALA A 260 55.05 -17.42 27.49
CA ALA A 260 54.87 -18.69 28.20
C ALA A 260 53.38 -18.96 28.45
N ALA A 261 52.62 -17.93 28.81
CA ALA A 261 51.17 -18.07 28.97
C ALA A 261 50.52 -18.52 27.68
N PHE A 262 50.96 -17.98 26.54
CA PHE A 262 50.42 -18.40 25.25
C PHE A 262 50.74 -19.86 24.96
N VAL A 263 52.01 -20.25 25.15
CA VAL A 263 52.40 -21.64 24.90
C VAL A 263 51.64 -22.57 25.84
N GLU A 264 51.51 -22.18 27.11
CA GLU A 264 50.75 -22.98 28.06
C GLU A 264 49.32 -23.22 27.59
N ASN A 265 48.76 -22.30 26.81
CA ASN A 265 47.39 -22.40 26.35
C ASN A 265 47.27 -22.80 24.87
N GLY A 266 48.29 -23.42 24.31
CA GLY A 266 48.18 -24.04 23.01
C GLY A 266 48.82 -23.30 21.85
N ALA A 267 49.63 -22.27 22.11
CA ALA A 267 50.30 -21.56 21.03
C ALA A 267 51.65 -22.19 20.72
N PHE A 268 52.07 -22.04 19.46
CA PHE A 268 53.41 -22.38 19.01
C PHE A 268 54.12 -21.07 18.69
N TYR A 269 55.14 -20.73 19.48
CA TYR A 269 55.83 -19.46 19.37
C TYR A 269 57.12 -19.63 18.58
N VAL A 270 57.32 -18.77 17.58
CA VAL A 270 58.49 -18.82 16.72
C VAL A 270 59.29 -17.54 16.92
N GLU A 271 60.52 -17.69 17.40
CA GLU A 271 61.45 -16.58 17.64
C GLU A 271 62.54 -16.50 16.57
N ASP A 272 62.89 -17.62 15.95
CA ASP A 272 63.98 -17.65 14.98
C ASP A 272 63.59 -16.91 13.71
N GLU A 273 64.47 -16.03 13.23
CA GLU A 273 64.13 -15.17 12.09
C GLU A 273 63.91 -16.00 10.83
N GLU A 274 64.82 -16.93 10.53
CA GLU A 274 64.65 -17.73 9.32
C GLU A 274 63.38 -18.57 9.38
N THR A 275 63.02 -19.08 10.56
CA THR A 275 61.80 -19.88 10.66
C THR A 275 60.56 -19.01 10.51
N VAL A 276 60.57 -17.80 11.07
CA VAL A 276 59.46 -16.86 10.86
C VAL A 276 59.28 -16.59 9.37
N GLU A 277 60.39 -16.36 8.66
CA GLU A 277 60.32 -16.08 7.24
C GLU A 277 59.71 -17.23 6.45
N LYS A 278 59.92 -18.47 6.91
CA LYS A 278 59.24 -19.60 6.28
C LYS A 278 57.72 -19.45 6.36
N PHE A 279 57.22 -18.98 7.50
CA PHE A 279 55.79 -18.70 7.61
C PHE A 279 55.42 -17.44 6.82
N ARG A 280 56.21 -16.38 6.96
CA ARG A 280 55.89 -15.11 6.34
C ARG A 280 55.79 -15.25 4.81
N SER A 281 56.73 -15.99 4.21
CA SER A 281 56.68 -16.18 2.77
C SER A 281 55.54 -17.10 2.34
N THR A 282 54.97 -17.87 3.27
CA THR A 282 53.78 -18.66 2.97
C THR A 282 52.51 -17.83 3.12
N LEU A 283 52.42 -17.02 4.17
CA LEU A 283 51.20 -16.28 4.46
C LEU A 283 50.97 -15.12 3.50
N PHE A 284 52.04 -14.51 2.99
CA PHE A 284 51.93 -13.34 2.13
C PHE A 284 52.74 -13.55 0.85
N LYS A 285 52.11 -13.30 -0.29
CA LYS A 285 52.76 -13.32 -1.60
C LYS A 285 52.69 -11.91 -2.19
N ASP A 286 53.85 -11.31 -2.42
CA ASP A 286 53.95 -9.97 -2.99
C ASP A 286 53.21 -8.93 -2.15
N GLY A 287 53.22 -9.12 -0.83
CA GLY A 287 52.56 -8.21 0.08
C GLY A 287 51.07 -8.42 0.24
N LYS A 288 50.49 -9.41 -0.43
N LYS A 288 50.49 -9.42 -0.42
CA LYS A 288 49.08 -9.71 -0.30
CA LYS A 288 49.08 -9.72 -0.32
C LYS A 288 48.91 -11.07 0.37
C LYS A 288 48.91 -11.08 0.35
N ILE A 289 47.81 -11.22 1.10
CA ILE A 289 47.55 -12.46 1.82
C ILE A 289 47.35 -13.60 0.82
N ASN A 290 48.05 -14.71 1.06
CA ASN A 290 47.95 -15.89 0.22
C ASN A 290 46.57 -16.52 0.41
N SER A 291 45.72 -16.45 -0.62
CA SER A 291 44.34 -16.92 -0.48
C SER A 291 44.25 -18.42 -0.23
N LYS A 292 45.31 -19.16 -0.50
CA LYS A 292 45.28 -20.60 -0.27
C LYS A 292 45.27 -20.96 1.21
N ILE A 293 45.70 -20.07 2.10
CA ILE A 293 45.74 -20.34 3.54
C ILE A 293 44.69 -19.54 4.30
N ILE A 294 43.79 -18.86 3.61
CA ILE A 294 42.74 -18.10 4.29
C ILE A 294 41.77 -19.06 4.96
N GLY A 295 41.59 -18.92 6.27
CA GLY A 295 40.69 -19.80 6.98
C GLY A 295 41.09 -21.25 6.99
N LYS A 296 42.38 -21.54 6.84
CA LYS A 296 42.88 -22.90 6.90
C LYS A 296 43.48 -23.19 8.28
N SER A 297 43.70 -24.46 8.54
CA SER A 297 44.19 -24.92 9.82
C SER A 297 45.66 -24.52 10.04
N VAL A 298 46.07 -24.56 11.31
CA VAL A 298 47.47 -24.39 11.69
C VAL A 298 48.35 -25.38 10.93
N GLN A 299 47.90 -26.63 10.80
CA GLN A 299 48.75 -27.66 10.19
C GLN A 299 48.87 -27.50 8.69
N ILE A 300 47.82 -27.02 8.01
CA ILE A 300 47.94 -26.71 6.59
C ILE A 300 48.97 -25.62 6.39
N ILE A 301 48.94 -24.58 7.22
CA ILE A 301 49.91 -23.50 7.15
C ILE A 301 51.31 -24.01 7.46
N ALA A 302 51.44 -24.87 8.48
CA ALA A 302 52.76 -25.39 8.84
C ALA A 302 53.32 -26.28 7.75
N ASP A 303 52.48 -27.12 7.14
CA ASP A 303 52.93 -27.98 6.06
C ASP A 303 53.41 -27.17 4.86
N LEU A 304 52.65 -26.13 4.48
CA LEU A 304 53.06 -25.27 3.38
C LEU A 304 54.36 -24.55 3.69
N ALA A 305 54.52 -24.08 4.94
CA ALA A 305 55.76 -23.42 5.32
C ALA A 305 56.92 -24.39 5.44
N GLY A 306 56.65 -25.68 5.55
CA GLY A 306 57.72 -26.64 5.81
C GLY A 306 58.29 -26.56 7.20
N VAL A 307 57.46 -26.23 8.19
CA VAL A 307 57.89 -26.13 9.58
C VAL A 307 57.04 -27.09 10.40
N LYS A 308 57.72 -27.94 11.19
CA LYS A 308 57.02 -28.87 12.06
C LYS A 308 56.39 -28.12 13.22
N VAL A 309 55.08 -28.26 13.37
CA VAL A 309 54.33 -27.61 14.45
C VAL A 309 53.61 -28.70 15.20
N PRO A 310 53.74 -28.76 16.54
CA PRO A 310 53.18 -29.88 17.30
C PRO A 310 51.68 -30.05 17.07
N GLU A 311 51.25 -31.30 17.05
CA GLU A 311 49.83 -31.60 16.98
C GLU A 311 49.11 -31.00 18.18
N GLY A 312 47.91 -30.49 17.94
CA GLY A 312 47.14 -29.81 18.96
C GLY A 312 47.41 -28.33 19.07
N THR A 313 48.40 -27.81 18.36
CA THR A 313 48.66 -26.38 18.38
C THR A 313 47.42 -25.60 17.94
N LYS A 314 47.02 -24.62 18.75
CA LYS A 314 45.84 -23.82 18.47
C LYS A 314 46.13 -22.65 17.54
N VAL A 315 47.21 -21.92 17.78
CA VAL A 315 47.56 -20.75 16.99
C VAL A 315 49.09 -20.72 16.86
N ILE A 316 49.56 -20.05 15.81
CA ILE A 316 50.98 -19.77 15.62
C ILE A 316 51.23 -18.31 15.98
N VAL A 317 52.31 -18.07 16.71
CA VAL A 317 52.72 -16.71 17.10
C VAL A 317 54.11 -16.47 16.54
N LEU A 318 54.25 -15.43 15.73
CA LEU A 318 55.51 -15.10 15.06
C LEU A 318 56.06 -13.80 15.60
N LYS A 319 57.32 -13.81 16.02
CA LYS A 319 57.97 -12.56 16.42
C LYS A 319 58.13 -11.65 15.22
N GLY A 320 57.52 -10.47 15.28
CA GLY A 320 57.58 -9.55 14.16
C GLY A 320 58.86 -8.76 14.12
N LYS A 321 59.25 -8.37 12.91
CA LYS A 321 60.46 -7.56 12.74
C LYS A 321 60.29 -6.15 13.30
N GLY A 322 59.06 -5.67 13.35
CA GLY A 322 58.81 -4.33 13.88
C GLY A 322 57.39 -3.91 13.58
N ALA A 323 57.03 -2.75 14.14
CA ALA A 323 55.68 -2.24 13.97
C ALA A 323 55.45 -1.72 12.56
N GLY A 324 54.19 -1.72 12.15
CA GLY A 324 53.82 -1.10 10.89
C GLY A 324 54.38 -1.82 9.68
N GLU A 325 54.85 -1.03 8.71
CA GLU A 325 55.32 -1.57 7.44
C GLU A 325 56.69 -2.24 7.54
N LYS A 326 57.33 -2.21 8.71
CA LYS A 326 58.54 -2.99 8.91
C LYS A 326 58.31 -4.49 8.81
N ASP A 327 57.04 -4.93 8.80
CA ASP A 327 56.75 -6.36 8.68
C ASP A 327 55.36 -6.52 8.08
N VAL A 328 55.28 -7.21 6.95
CA VAL A 328 53.99 -7.52 6.33
C VAL A 328 53.09 -8.31 7.27
N LEU A 329 53.66 -8.99 8.26
CA LEU A 329 52.89 -9.75 9.23
C LEU A 329 52.00 -8.83 10.09
N CYS A 330 52.27 -7.53 10.10
CA CYS A 330 51.42 -6.60 10.83
C CYS A 330 50.13 -6.28 10.10
N LYS A 331 50.00 -6.67 8.83
CA LYS A 331 48.73 -6.55 8.11
C LYS A 331 47.72 -7.56 8.64
N GLU A 332 46.50 -7.50 8.11
CA GLU A 332 45.47 -8.45 8.51
C GLU A 332 45.82 -9.85 8.03
N LYS A 333 45.61 -10.83 8.90
CA LYS A 333 45.88 -12.24 8.60
C LYS A 333 44.60 -13.01 8.90
N MET A 334 43.95 -13.51 7.84
CA MET A 334 42.69 -14.27 7.99
C MET A 334 42.99 -15.77 8.16
N CYS A 335 43.74 -16.05 9.23
CA CYS A 335 44.22 -17.38 9.53
C CYS A 335 44.74 -17.37 10.97
N PRO A 336 44.87 -18.54 11.61
CA PRO A 336 45.20 -18.55 13.06
C PRO A 336 46.67 -18.24 13.34
N VAL A 337 47.12 -17.06 12.90
CA VAL A 337 48.49 -16.61 13.11
C VAL A 337 48.46 -15.24 13.76
N LEU A 338 49.32 -15.05 14.76
CA LEU A 338 49.50 -13.77 15.44
C LEU A 338 50.93 -13.27 15.23
N VAL A 339 51.09 -11.94 15.23
CA VAL A 339 52.41 -11.33 15.25
C VAL A 339 52.65 -10.75 16.63
N ALA A 340 53.84 -11.03 17.19
CA ALA A 340 54.20 -10.57 18.52
C ALA A 340 55.15 -9.39 18.44
N LEU A 341 54.93 -8.39 19.30
CA LEU A 341 55.77 -7.19 19.36
C LEU A 341 55.94 -6.76 20.81
N LYS A 342 57.05 -6.07 21.09
CA LYS A 342 57.40 -5.64 22.42
C LYS A 342 57.23 -4.14 22.58
N TYR A 343 56.94 -3.71 23.82
CA TYR A 343 56.89 -2.29 24.14
C TYR A 343 57.53 -2.04 25.49
N ASP A 344 58.13 -0.87 25.65
CA ASP A 344 58.69 -0.45 26.93
C ASP A 344 57.70 0.31 27.79
N THR A 345 56.84 1.13 27.19
CA THR A 345 55.82 1.88 27.91
C THR A 345 54.46 1.68 27.25
N PHE A 346 53.40 1.86 28.05
CA PHE A 346 52.05 1.72 27.51
C PHE A 346 51.80 2.73 26.40
N GLU A 347 52.33 3.94 26.54
CA GLU A 347 52.21 4.92 25.47
C GLU A 347 52.83 4.41 24.19
N GLU A 348 53.98 3.73 24.29
CA GLU A 348 54.58 3.14 23.10
C GLU A 348 53.73 2.00 22.55
N ALA A 349 53.09 1.23 23.43
CA ALA A 349 52.21 0.16 22.97
C ALA A 349 51.10 0.73 22.10
N VAL A 350 50.48 1.83 22.54
CA VAL A 350 49.44 2.47 21.74
C VAL A 350 50.01 2.95 20.41
N GLU A 351 51.22 3.53 20.43
CA GLU A 351 51.85 3.96 19.18
C GLU A 351 52.06 2.79 18.24
N ILE A 352 52.47 1.63 18.76
CA ILE A 352 52.67 0.46 17.91
C ILE A 352 51.35 0.03 17.29
N ALA A 353 50.30 -0.08 18.09
CA ALA A 353 48.98 -0.40 17.56
C ALA A 353 48.55 0.64 16.53
N MET A 354 48.80 1.92 16.81
CA MET A 354 48.46 2.99 15.87
C MET A 354 49.13 2.75 14.53
N ALA A 355 50.43 2.45 14.54
CA ALA A 355 51.16 2.25 13.29
C ALA A 355 50.60 1.07 12.50
N ASN A 356 50.09 0.05 13.20
CA ASN A 356 49.52 -1.08 12.48
C ASN A 356 48.16 -0.74 11.89
N TYR A 357 47.39 0.15 12.54
CA TYR A 357 46.12 0.59 11.97
C TYR A 357 46.34 1.46 10.74
N MET A 358 47.40 2.27 10.73
CA MET A 358 47.76 3.04 9.55
C MET A 358 48.17 2.12 8.41
N TYR A 359 48.72 0.96 8.73
CA TYR A 359 49.07 -0.03 7.72
C TYR A 359 47.81 -0.69 7.15
N GLU A 360 46.93 -1.14 8.03
CA GLU A 360 45.67 -1.75 7.60
C GLU A 360 44.69 -1.78 8.77
N GLY A 361 43.41 -1.58 8.46
CA GLY A 361 42.34 -1.82 9.40
C GLY A 361 41.88 -0.64 10.23
N ALA A 362 42.27 0.58 9.87
CA ALA A 362 41.87 1.75 10.66
C ALA A 362 40.34 1.85 10.73
N GLY A 363 39.85 2.13 11.94
CA GLY A 363 38.43 2.28 12.16
C GLY A 363 37.71 1.05 12.65
N HIS A 364 38.38 -0.09 12.76
CA HIS A 364 37.69 -1.30 13.17
C HIS A 364 37.82 -1.53 14.67
N THR A 365 38.47 -2.62 15.08
CA THR A 365 38.44 -3.07 16.46
C THR A 365 39.85 -3.16 17.02
N ALA A 366 39.96 -2.89 18.33
CA ALA A 366 41.15 -3.23 19.09
C ALA A 366 40.72 -4.01 20.32
N GLY A 367 41.67 -4.73 20.89
CA GLY A 367 41.48 -5.37 22.17
C GLY A 367 42.55 -4.92 23.14
N ILE A 368 42.21 -4.95 24.42
CA ILE A 368 43.16 -4.63 25.48
C ILE A 368 42.86 -5.54 26.65
N HIS A 369 43.91 -5.92 27.36
CA HIS A 369 43.79 -6.79 28.53
C HIS A 369 44.52 -6.08 29.67
N SER A 370 43.74 -5.47 30.57
CA SER A 370 44.29 -4.55 31.55
C SER A 370 43.32 -4.39 32.71
N ASP A 371 43.89 -4.08 33.87
CA ASP A 371 43.13 -3.68 35.04
C ASP A 371 43.32 -2.19 35.35
N ASN A 372 44.02 -1.47 34.49
CA ASN A 372 44.32 -0.05 34.66
C ASN A 372 43.36 0.73 33.76
N ASP A 373 42.31 1.29 34.35
CA ASP A 373 41.29 1.96 33.55
C ASP A 373 41.83 3.22 32.89
N GLU A 374 42.80 3.91 33.52
CA GLU A 374 43.40 5.07 32.88
C GLU A 374 44.08 4.67 31.57
N ASN A 375 44.77 3.53 31.56
CA ASN A 375 45.38 3.04 30.33
C ASN A 375 44.32 2.62 29.32
N ILE A 376 43.27 1.93 29.79
CA ILE A 376 42.20 1.52 28.90
C ILE A 376 41.56 2.74 28.25
N ARG A 377 41.28 3.78 29.05
CA ARG A 377 40.65 4.99 28.51
C ARG A 377 41.58 5.73 27.57
N TYR A 378 42.88 5.77 27.89
CA TYR A 378 43.83 6.42 26.99
C TYR A 378 43.88 5.71 25.64
N ALA A 379 43.92 4.37 25.65
CA ALA A 379 43.97 3.65 24.38
C ALA A 379 42.70 3.85 23.58
N GLY A 380 41.53 3.82 24.24
CA GLY A 380 40.28 4.04 23.54
C GLY A 380 40.11 5.45 23.01
N THR A 381 40.81 6.42 23.59
CA THR A 381 40.73 7.80 23.12
C THR A 381 41.69 8.06 21.97
N VAL A 382 42.85 7.41 21.97
CA VAL A 382 43.87 7.73 20.97
C VAL A 382 43.69 6.90 19.71
N LEU A 383 43.23 5.65 19.83
CA LEU A 383 43.31 4.76 18.69
C LEU A 383 42.18 5.01 17.68
N PRO A 384 42.48 4.90 16.39
CA PRO A 384 41.44 5.04 15.34
C PRO A 384 40.61 3.77 15.20
N ILE A 385 39.71 3.56 16.15
CA ILE A 385 38.91 2.35 16.23
C ILE A 385 37.48 2.73 16.61
N SER A 386 36.52 1.97 16.06
CA SER A 386 35.13 2.12 16.47
C SER A 386 34.79 1.34 17.73
N ARG A 387 35.60 0.33 18.08
CA ARG A 387 35.31 -0.53 19.22
C ARG A 387 36.61 -0.92 19.90
N LEU A 388 36.65 -0.80 21.23
CA LEU A 388 37.75 -1.29 22.05
C LEU A 388 37.20 -2.37 22.97
N VAL A 389 37.64 -3.61 22.76
CA VAL A 389 37.14 -4.76 23.50
C VAL A 389 38.09 -5.05 24.67
N VAL A 390 37.56 -5.05 25.88
CA VAL A 390 38.36 -5.09 27.10
C VAL A 390 38.18 -6.44 27.78
N ASN A 391 39.31 -7.15 27.99
CA ASN A 391 39.37 -8.34 28.85
C ASN A 391 38.38 -9.42 28.39
N GLN A 392 38.29 -9.60 27.09
CA GLN A 392 37.47 -10.65 26.49
C GLN A 392 37.98 -10.87 25.07
N PRO A 393 37.61 -11.99 24.44
CA PRO A 393 38.03 -12.19 23.04
C PRO A 393 37.52 -11.06 22.17
N ALA A 394 38.41 -10.55 21.30
CA ALA A 394 38.04 -9.44 20.44
C ALA A 394 36.92 -9.81 19.48
N THR A 395 36.71 -11.11 19.23
CA THR A 395 35.61 -11.54 18.39
C THR A 395 34.25 -11.34 19.03
N THR A 396 34.19 -10.90 20.29
CA THR A 396 32.92 -10.51 20.89
C THR A 396 32.50 -9.09 20.50
N ALA A 397 33.29 -8.40 19.67
CA ALA A 397 32.94 -7.04 19.27
C ALA A 397 31.64 -7.00 18.49
N GLY A 398 31.30 -8.09 17.80
CA GLY A 398 30.04 -8.23 17.13
C GLY A 398 28.87 -8.60 18.02
N GLY A 399 29.07 -8.54 19.33
CA GLY A 399 28.00 -8.82 20.27
C GLY A 399 28.26 -10.09 21.08
N SER A 400 27.90 -10.05 22.35
CA SER A 400 27.92 -11.22 23.22
C SER A 400 27.03 -10.94 24.40
N PHE A 401 26.57 -12.01 25.05
CA PHE A 401 25.65 -11.87 26.17
C PHE A 401 26.34 -11.28 27.39
N ASN A 402 27.64 -10.98 27.29
CA ASN A 402 28.42 -10.43 28.39
C ASN A 402 29.02 -9.06 28.08
N ASN A 403 28.60 -8.40 27.00
CA ASN A 403 29.03 -7.03 26.75
C ASN A 403 27.90 -6.24 26.12
N GLY A 404 28.14 -4.95 25.92
CA GLY A 404 27.14 -4.02 25.45
C GLY A 404 27.17 -3.69 23.96
N PHE A 405 28.03 -4.34 23.18
CA PHE A 405 28.01 -4.11 21.75
C PHE A 405 26.75 -4.68 21.13
N ASN A 406 26.13 -3.90 20.25
CA ASN A 406 24.91 -4.37 19.60
C ASN A 406 25.23 -5.55 18.70
N PRO A 407 24.53 -6.68 18.84
CA PRO A 407 24.85 -7.85 18.03
C PRO A 407 24.57 -7.60 16.55
N THR A 408 25.48 -8.09 15.71
CA THR A 408 25.40 -7.85 14.28
C THR A 408 26.36 -8.80 13.57
N THR A 409 26.20 -8.90 12.26
CA THR A 409 27.21 -9.44 11.36
C THR A 409 27.76 -8.36 10.44
N THR A 410 27.59 -7.09 10.79
CA THR A 410 27.97 -5.99 9.91
C THR A 410 28.51 -4.88 10.80
N LEU A 411 29.84 -4.82 10.92
CA LEU A 411 30.52 -3.94 11.87
C LEU A 411 31.14 -2.78 11.10
N GLY A 412 30.51 -1.61 11.20
CA GLY A 412 31.01 -0.44 10.51
C GLY A 412 32.32 0.06 11.10
N CYS A 413 33.11 0.69 10.25
CA CYS A 413 34.44 1.17 10.63
C CYS A 413 34.56 2.69 10.61
N GLY A 414 33.43 3.41 10.61
CA GLY A 414 33.48 4.85 10.63
C GLY A 414 34.13 5.46 9.37
N SER A 415 34.44 6.75 9.48
CA SER A 415 35.08 7.45 8.38
C SER A 415 36.47 6.90 8.08
N TRP A 416 37.15 6.37 9.11
CA TRP A 416 38.46 5.75 8.89
C TRP A 416 38.39 4.66 7.82
N GLY A 417 37.41 3.76 7.94
CA GLY A 417 37.25 2.69 6.98
C GLY A 417 36.36 3.04 5.81
N ARG A 418 36.17 4.35 5.59
CA ARG A 418 35.31 4.85 4.51
C ARG A 418 33.88 4.32 4.65
N ASN A 419 33.36 4.37 5.86
CA ASN A 419 32.01 3.92 6.15
C ASN A 419 31.18 5.08 6.67
N SER A 420 29.86 4.89 6.67
CA SER A 420 28.97 5.93 7.15
C SER A 420 28.74 5.88 8.65
N ILE A 421 29.04 4.77 9.32
CA ILE A 421 28.80 4.62 10.75
C ILE A 421 30.00 3.97 11.42
N SER A 422 30.30 4.43 12.62
CA SER A 422 31.38 3.88 13.46
C SER A 422 30.80 2.97 14.54
N GLU A 423 29.92 2.06 14.15
CA GLU A 423 29.22 1.21 15.10
C GLU A 423 28.67 0.00 14.36
N ASN A 424 28.09 -0.92 15.14
CA ASN A 424 27.53 -2.15 14.57
C ASN A 424 26.16 -1.87 13.94
N LEU A 425 25.95 -2.45 12.76
CA LEU A 425 24.70 -2.27 12.04
C LEU A 425 23.57 -2.95 12.79
N THR A 426 22.45 -2.25 12.94
CA THR A 426 21.23 -2.80 13.52
C THR A 426 20.02 -2.38 12.69
N TYR A 427 18.86 -2.83 13.15
CA TYR A 427 17.57 -2.38 12.62
C TYR A 427 17.52 -0.86 12.51
N GLU A 428 18.15 -0.15 13.45
CA GLU A 428 18.00 1.29 13.54
C GLU A 428 18.48 1.98 12.27
N HIS A 429 19.56 1.47 11.67
CA HIS A 429 20.12 2.08 10.47
C HIS A 429 19.30 1.80 9.23
N LEU A 430 18.24 1.01 9.32
CA LEU A 430 17.40 0.68 8.17
C LEU A 430 16.01 1.28 8.25
N ILE A 431 15.76 2.17 9.21
CA ILE A 431 14.51 2.92 9.27
C ILE A 431 14.81 4.41 9.15
N ASN A 432 13.91 5.13 8.48
CA ASN A 432 13.84 6.58 8.56
C ASN A 432 13.10 6.94 9.83
N VAL A 433 13.74 7.67 10.73
CA VAL A 433 13.05 8.20 11.91
C VAL A 433 12.62 9.63 11.61
N SER A 434 11.32 9.88 11.65
CA SER A 434 10.72 11.17 11.34
C SER A 434 10.26 11.85 12.62
N ARG A 435 10.01 13.16 12.53
CA ARG A 435 9.67 13.97 13.68
C ARG A 435 8.43 14.80 13.41
N ILE A 436 7.43 14.67 14.28
CA ILE A 436 6.31 15.60 14.35
C ILE A 436 6.70 16.69 15.33
N GLY A 437 6.75 17.93 14.85
CA GLY A 437 7.15 19.05 15.68
C GLY A 437 6.03 20.02 15.97
N TYR A 438 5.51 19.98 17.19
CA TYR A 438 4.42 20.86 17.59
C TYR A 438 4.96 22.25 17.91
N PHE A 439 4.05 23.18 18.16
CA PHE A 439 4.40 24.57 18.43
C PHE A 439 4.33 24.81 19.94
N ASN A 440 5.42 25.32 20.50
CA ASN A 440 5.46 25.70 21.91
C ASN A 440 5.18 27.19 22.02
N LYS A 441 4.05 27.53 22.66
CA LYS A 441 3.67 28.94 22.78
C LYS A 441 4.36 29.64 23.94
N GLU A 442 4.67 28.90 25.02
CA GLU A 442 5.20 29.55 26.21
C GLU A 442 6.56 30.21 25.96
N ALA A 443 7.32 29.71 25.01
CA ALA A 443 8.64 30.26 24.74
C ALA A 443 8.52 31.68 24.18
N LYS A 444 9.40 32.56 24.66
CA LYS A 444 9.42 33.94 24.23
C LYS A 444 10.63 34.20 23.33
N VAL A 445 10.51 35.24 22.50
CA VAL A 445 11.60 35.66 21.63
C VAL A 445 12.78 36.07 22.49
N PRO A 446 13.95 35.43 22.34
CA PRO A 446 15.09 35.77 23.19
C PRO A 446 15.77 37.06 22.74
N SER A 447 16.33 37.76 23.73
CA SER A 447 17.09 38.97 23.45
C SER A 447 18.50 38.62 22.97
N TYR A 448 19.24 39.65 22.56
CA TYR A 448 20.62 39.46 22.11
C TYR A 448 21.48 38.85 23.21
N GLU A 449 21.37 39.38 24.43
CA GLU A 449 22.13 38.83 25.55
C GLU A 449 21.67 37.42 25.89
N GLU A 450 20.37 37.15 25.75
CA GLU A 450 19.86 35.80 25.95
C GLU A 450 20.34 34.83 24.87
N ILE A 451 20.84 35.32 23.75
CA ILE A 451 21.36 34.48 22.68
C ILE A 451 22.87 34.33 22.78
N TRP A 452 23.59 35.44 22.90
CA TRP A 452 25.05 35.44 22.84
C TRP A 452 25.72 35.64 24.20
N GLY A 453 24.95 35.69 25.28
CA GLY A 453 25.53 35.86 26.60
C GLY A 453 26.19 34.61 27.13
N VAL B 5 46.45 26.69 -5.37
CA VAL B 5 45.00 26.76 -5.47
C VAL B 5 44.44 25.44 -5.98
N SER B 6 45.25 24.38 -5.90
CA SER B 6 44.80 23.06 -6.30
C SER B 6 44.01 22.39 -5.17
N ILE B 7 43.15 21.45 -5.55
CA ILE B 7 42.37 20.71 -4.57
C ILE B 7 43.29 19.95 -3.63
N LYS B 8 44.33 19.31 -4.17
CA LYS B 8 45.26 18.55 -3.33
C LYS B 8 46.00 19.45 -2.36
N GLU B 9 46.28 20.70 -2.76
CA GLU B 9 46.88 21.64 -1.83
C GLU B 9 45.90 22.03 -0.73
N LEU B 10 44.64 22.26 -1.08
CA LEU B 10 43.63 22.60 -0.09
C LEU B 10 43.42 21.44 0.88
N ILE B 11 43.33 20.21 0.36
CA ILE B 11 43.20 19.04 1.22
C ILE B 11 44.38 18.95 2.18
N GLU B 12 45.59 19.16 1.66
CA GLU B 12 46.78 19.06 2.50
C GLU B 12 46.79 20.14 3.57
N LYS B 13 46.46 21.38 3.21
CA LYS B 13 46.34 22.44 4.22
C LYS B 13 45.30 22.07 5.27
N ALA B 14 44.22 21.41 4.85
CA ALA B 14 43.13 21.09 5.77
C ALA B 14 43.53 19.98 6.73
N LYS B 15 44.32 19.01 6.27
CA LYS B 15 44.80 17.95 7.15
C LYS B 15 45.76 18.51 8.19
N VAL B 16 46.68 19.37 7.76
CA VAL B 16 47.61 20.01 8.70
C VAL B 16 46.84 20.79 9.76
N ALA B 17 45.85 21.58 9.32
CA ALA B 17 45.02 22.32 10.26
C ALA B 17 44.27 21.37 11.19
N GLN B 18 43.69 20.30 10.63
CA GLN B 18 42.88 19.38 11.42
C GLN B 18 43.70 18.74 12.54
N LYS B 19 44.95 18.34 12.24
CA LYS B 19 45.81 17.78 13.27
C LYS B 19 46.05 18.79 14.39
N LYS B 20 46.33 20.05 14.02
CA LYS B 20 46.47 21.09 15.04
C LYS B 20 45.18 21.25 15.84
N LEU B 21 44.04 21.25 15.15
CA LEU B 21 42.76 21.46 15.82
C LEU B 21 42.38 20.27 16.69
N GLU B 22 42.80 19.06 16.31
CA GLU B 22 42.45 17.87 17.10
C GLU B 22 43.00 17.94 18.52
N ALA B 23 44.01 18.78 18.77
CA ALA B 23 44.55 18.95 20.11
C ALA B 23 43.71 19.89 20.97
N TYR B 24 42.70 20.54 20.40
CA TYR B 24 41.85 21.46 21.15
C TYR B 24 40.96 20.69 22.12
N SER B 25 40.65 21.34 23.24
CA SER B 25 39.69 20.81 24.19
C SER B 25 38.27 21.17 23.78
N GLN B 26 37.29 20.68 24.55
CA GLN B 26 35.90 21.00 24.29
C GLN B 26 35.65 22.49 24.43
N GLU B 27 36.17 23.11 25.46
CA GLU B 27 35.95 24.54 25.68
C GLU B 27 36.62 25.37 24.61
N GLN B 28 37.74 24.90 24.06
CA GLN B 28 38.48 25.70 23.09
C GLN B 28 37.84 25.68 21.71
N VAL B 29 37.25 24.56 21.30
CA VAL B 29 36.48 24.58 20.05
C VAL B 29 35.18 25.35 20.22
N ASP B 30 34.59 25.31 21.42
CA ASP B 30 33.34 26.03 21.66
C ASP B 30 33.53 27.53 21.50
N VAL B 31 34.69 28.06 21.90
CA VAL B 31 34.97 29.47 21.70
C VAL B 31 34.92 29.83 20.23
N LEU B 32 35.62 29.05 19.39
CA LEU B 32 35.65 29.33 17.96
C LEU B 32 34.27 29.18 17.33
N VAL B 33 33.53 28.14 17.74
CA VAL B 33 32.24 27.85 17.12
C VAL B 33 31.25 28.97 17.40
N LYS B 34 31.22 29.46 18.64
CA LYS B 34 30.34 30.57 18.99
C LYS B 34 30.67 31.81 18.18
N ALA B 35 31.96 32.09 17.98
CA ALA B 35 32.35 33.28 17.24
C ALA B 35 31.95 33.19 15.78
N LEU B 36 32.00 31.99 15.20
CA LEU B 36 31.60 31.82 13.80
C LEU B 36 30.14 32.21 13.60
N GLY B 37 29.27 31.77 14.50
CA GLY B 37 27.87 32.14 14.37
C GLY B 37 27.63 33.61 14.66
N LYS B 38 28.34 34.15 15.66
CA LYS B 38 28.10 35.54 16.06
C LYS B 38 28.53 36.53 14.98
N VAL B 39 29.54 36.19 14.18
CA VAL B 39 29.93 37.10 13.11
C VAL B 39 28.87 37.16 12.02
N VAL B 40 28.15 36.05 11.79
CA VAL B 40 27.07 36.09 10.82
C VAL B 40 25.88 36.85 11.38
N TYR B 41 25.60 36.67 12.68
CA TYR B 41 24.59 37.48 13.34
C TYR B 41 24.93 38.96 13.27
N ASP B 42 26.18 39.31 13.62
CA ASP B 42 26.54 40.71 13.73
C ASP B 42 26.61 41.41 12.38
N ASN B 43 26.90 40.68 11.31
CA ASN B 43 26.98 41.23 9.97
C ASN B 43 25.80 40.83 9.09
N ALA B 44 24.65 40.53 9.71
CA ALA B 44 23.52 39.99 8.96
C ALA B 44 23.05 40.95 7.87
N GLU B 45 23.08 42.26 8.14
CA GLU B 45 22.55 43.23 7.19
C GLU B 45 23.41 43.32 5.94
N MET B 46 24.73 43.34 6.10
CA MET B 46 25.61 43.41 4.94
C MET B 46 25.54 42.13 4.10
N PHE B 47 25.59 40.97 4.77
CA PHE B 47 25.51 39.70 4.05
C PHE B 47 24.18 39.57 3.30
N ALA B 48 23.09 40.00 3.93
CA ALA B 48 21.78 39.83 3.31
C ALA B 48 21.67 40.67 2.04
N LYS B 49 22.12 41.92 2.10
CA LYS B 49 22.09 42.77 0.92
C LYS B 49 22.96 42.21 -0.20
N GLU B 50 24.13 41.67 0.15
CA GLU B 50 25.02 41.11 -0.86
C GLU B 50 24.42 39.85 -1.49
N ALA B 51 23.73 39.04 -0.70
CA ALA B 51 23.17 37.80 -1.23
C ALA B 51 22.05 38.09 -2.22
N VAL B 52 21.10 38.95 -1.84
CA VAL B 52 20.00 39.32 -2.72
C VAL B 52 20.54 39.85 -4.05
N GLU B 53 21.54 40.72 -3.98
CA GLU B 53 22.08 41.34 -5.19
C GLU B 53 22.79 40.31 -6.08
N GLU B 54 23.69 39.52 -5.49
CA GLU B 54 24.50 38.62 -6.29
C GLU B 54 23.68 37.47 -6.87
N THR B 55 22.85 36.83 -6.03
CA THR B 55 22.07 35.68 -6.49
C THR B 55 20.81 36.08 -7.25
N GLU B 56 20.43 37.36 -7.23
CA GLU B 56 19.25 37.85 -7.95
C GLU B 56 17.98 37.11 -7.52
N MET B 57 17.89 36.75 -6.25
CA MET B 57 16.70 36.10 -5.71
C MET B 57 16.61 36.39 -4.22
N GLY B 58 15.40 36.28 -3.69
CA GLY B 58 15.20 36.46 -2.26
C GLY B 58 14.81 37.87 -1.86
N VAL B 59 14.71 38.06 -0.55
CA VAL B 59 14.21 39.29 0.05
C VAL B 59 15.20 39.72 1.14
N TYR B 60 15.63 40.98 1.09
CA TYR B 60 16.64 41.47 2.03
C TYR B 60 16.23 41.24 3.48
N GLU B 61 15.02 41.65 3.84
CA GLU B 61 14.61 41.56 5.24
C GLU B 61 14.51 40.12 5.71
N ASP B 62 14.16 39.20 4.82
CA ASP B 62 14.06 37.80 5.22
C ASP B 62 15.44 37.16 5.39
N LYS B 63 16.42 37.55 4.56
CA LYS B 63 17.77 37.03 4.74
C LYS B 63 18.42 37.60 6.00
N VAL B 64 18.05 38.82 6.39
CA VAL B 64 18.50 39.34 7.67
C VAL B 64 17.95 38.50 8.81
N ALA B 65 16.64 38.18 8.75
CA ALA B 65 16.04 37.34 9.77
C ALA B 65 16.65 35.94 9.75
N LYS B 66 16.95 35.43 8.56
CA LYS B 66 17.55 34.10 8.45
C LYS B 66 18.92 34.05 9.11
N CYS B 67 19.79 35.01 8.79
CA CYS B 67 21.09 35.09 9.45
C CYS B 67 20.96 35.22 10.97
N HIS B 68 20.06 36.08 11.43
CA HIS B 68 19.84 36.24 12.86
C HIS B 68 19.40 34.92 13.50
N LEU B 69 18.40 34.27 12.90
CA LEU B 69 17.80 33.09 13.52
C LEU B 69 18.76 31.90 13.49
N LYS B 70 19.33 31.61 12.32
CA LYS B 70 20.15 30.41 12.17
C LYS B 70 21.35 30.45 13.09
N SER B 71 22.10 31.55 13.08
CA SER B 71 23.31 31.66 13.90
C SER B 71 23.00 31.51 15.38
N GLY B 72 21.95 32.17 15.85
CA GLY B 72 21.62 32.12 17.26
C GLY B 72 21.01 30.79 17.67
N ALA B 73 20.19 30.20 16.80
CA ALA B 73 19.55 28.92 17.14
C ALA B 73 20.55 27.78 17.12
N ILE B 74 21.48 27.80 16.17
CA ILE B 74 22.48 26.73 16.10
C ILE B 74 23.42 26.79 17.30
N TRP B 75 23.95 27.99 17.60
CA TRP B 75 24.84 28.11 18.76
C TRP B 75 24.14 27.71 20.04
N ASN B 76 22.92 28.22 20.25
CA ASN B 76 22.18 27.87 21.45
C ASN B 76 21.93 26.38 21.53
N HIS B 77 21.84 25.70 20.39
CA HIS B 77 21.60 24.26 20.40
C HIS B 77 22.88 23.48 20.72
N ILE B 78 24.02 23.89 20.19
CA ILE B 78 25.23 23.07 20.25
C ILE B 78 26.22 23.55 21.30
N LYS B 79 25.88 24.56 22.09
CA LYS B 79 26.88 25.13 23.00
C LYS B 79 27.21 24.19 24.17
N ASP B 80 26.26 23.34 24.57
CA ASP B 80 26.47 22.44 25.70
C ASP B 80 26.60 20.98 25.28
N LYS B 81 26.78 20.71 24.00
CA LYS B 81 26.90 19.35 23.50
C LYS B 81 28.36 18.88 23.58
N LYS B 82 28.57 17.69 24.14
CA LYS B 82 29.90 17.15 24.37
C LYS B 82 30.35 16.38 23.14
N THR B 83 31.43 16.85 22.50
CA THR B 83 31.87 16.31 21.21
C THR B 83 33.36 16.05 21.18
N VAL B 84 34.03 16.00 22.33
CA VAL B 84 35.48 15.86 22.39
C VAL B 84 35.84 14.81 23.43
N GLY B 85 36.54 13.76 23.00
CA GLY B 85 36.98 12.74 23.95
C GLY B 85 35.83 11.89 24.44
N ILE B 86 35.88 11.54 25.72
CA ILE B 86 34.84 10.71 26.33
C ILE B 86 33.63 11.58 26.64
N ILE B 87 32.49 11.21 26.08
CA ILE B 87 31.27 12.03 26.15
C ILE B 87 30.15 11.36 26.93
N LYS B 88 30.21 10.07 27.19
CA LYS B 88 29.12 9.40 27.86
C LYS B 88 29.61 8.15 28.59
N GLU B 89 29.13 7.97 29.82
CA GLU B 89 29.32 6.74 30.58
C GLU B 89 27.98 6.03 30.68
N GLU B 90 27.97 4.73 30.40
CA GLU B 90 26.74 3.93 30.45
C GLU B 90 27.03 2.60 31.14
N PRO B 91 27.17 2.61 32.46
CA PRO B 91 27.51 1.37 33.18
C PRO B 91 26.50 0.25 32.99
N GLU B 92 25.22 0.57 32.79
CA GLU B 92 24.21 -0.47 32.64
C GLU B 92 24.48 -1.37 31.44
N ARG B 93 25.19 -0.88 30.43
CA ARG B 93 25.67 -1.72 29.34
C ARG B 93 27.19 -1.84 29.35
N ALA B 94 27.85 -1.37 30.41
CA ALA B 94 29.30 -1.44 30.55
C ALA B 94 30.00 -0.83 29.33
N LEU B 95 29.49 0.31 28.88
CA LEU B 95 30.01 1.00 27.71
C LEU B 95 30.51 2.38 28.09
N VAL B 96 31.54 2.84 27.38
CA VAL B 96 32.01 4.21 27.44
C VAL B 96 32.14 4.72 26.01
N TYR B 97 31.57 5.89 25.75
CA TYR B 97 31.50 6.46 24.41
C TYR B 97 32.56 7.54 24.24
N VAL B 98 33.21 7.55 23.08
CA VAL B 98 34.30 8.48 22.78
C VAL B 98 34.00 9.16 21.45
N ALA B 99 34.10 10.48 21.42
CA ALA B 99 33.86 11.26 20.21
C ALA B 99 35.19 11.61 19.56
N LYS B 100 35.34 11.23 18.29
CA LYS B 100 36.54 11.49 17.53
C LYS B 100 36.17 12.15 16.20
N PRO B 101 36.97 13.11 15.74
CA PRO B 101 36.67 13.76 14.46
C PRO B 101 36.66 12.77 13.30
N LYS B 102 35.95 13.15 12.25
CA LYS B 102 36.01 12.40 11.00
C LYS B 102 37.12 12.90 10.08
N GLY B 103 37.62 14.12 10.30
CA GLY B 103 38.72 14.64 9.52
C GLY B 103 38.42 15.90 8.75
N VAL B 104 38.50 15.83 7.43
CA VAL B 104 38.31 16.99 6.56
C VAL B 104 36.95 16.88 5.89
N VAL B 105 36.13 17.91 6.06
CA VAL B 105 34.78 17.95 5.49
C VAL B 105 34.83 18.71 4.17
N ALA B 106 34.25 18.11 3.14
CA ALA B 106 33.94 18.82 1.91
C ALA B 106 32.47 19.21 1.93
N ALA B 107 32.20 20.50 1.70
CA ALA B 107 30.84 21.04 1.82
C ALA B 107 30.52 21.87 0.59
N THR B 108 29.55 21.41 -0.20
CA THR B 108 29.04 22.16 -1.33
C THR B 108 27.77 22.89 -0.90
N THR B 109 27.73 24.21 -1.13
CA THR B 109 26.72 25.08 -0.53
C THR B 109 25.82 25.70 -1.60
N PRO B 110 24.57 25.98 -1.26
CA PRO B 110 23.57 26.33 -2.29
C PRO B 110 23.55 27.82 -2.61
N ILE B 111 22.81 28.14 -3.67
CA ILE B 111 22.62 29.54 -4.07
C ILE B 111 21.54 30.20 -3.22
N THR B 112 20.60 29.42 -2.69
CA THR B 112 19.47 29.96 -1.95
C THR B 112 19.85 30.41 -0.55
N ASN B 113 20.84 29.75 0.07
CA ASN B 113 21.26 30.07 1.43
C ASN B 113 22.79 30.18 1.49
N PRO B 114 23.37 31.10 0.71
CA PRO B 114 24.83 31.09 0.54
C PRO B 114 25.61 31.62 1.71
N VAL B 115 24.95 32.18 2.72
CA VAL B 115 25.61 32.73 3.90
C VAL B 115 25.51 31.79 5.08
N VAL B 116 24.29 31.36 5.42
CA VAL B 116 24.08 30.58 6.63
C VAL B 116 24.59 29.14 6.47
N THR B 117 24.60 28.61 5.25
CA THR B 117 25.02 27.22 5.06
C THR B 117 26.53 27.04 5.28
N PRO B 118 27.43 27.85 4.70
CA PRO B 118 28.84 27.73 5.10
C PRO B 118 29.04 27.95 6.59
N MET B 119 28.28 28.87 7.19
CA MET B 119 28.36 29.10 8.63
C MET B 119 27.95 27.86 9.39
N CYS B 120 26.75 27.32 9.08
CA CYS B 120 26.26 26.15 9.78
C CYS B 120 27.19 24.96 9.63
N ASN B 121 27.61 24.67 8.39
CA ASN B 121 28.50 23.54 8.15
C ASN B 121 29.84 23.73 8.89
N ALA B 122 30.40 24.94 8.85
CA ALA B 122 31.65 25.21 9.55
C ALA B 122 31.49 25.02 11.06
N MET B 123 30.40 25.53 11.62
CA MET B 123 30.17 25.39 13.06
C MET B 123 30.05 23.92 13.45
N ALA B 124 29.29 23.14 12.67
CA ALA B 124 29.12 21.73 13.01
C ALA B 124 30.44 20.97 12.88
N ALA B 125 31.23 21.29 11.85
CA ALA B 125 32.50 20.61 11.63
C ALA B 125 33.49 20.91 12.75
N ILE B 126 33.73 22.20 13.01
CA ILE B 126 34.74 22.60 13.98
C ILE B 126 34.35 22.18 15.39
N LYS B 127 33.05 22.11 15.67
CA LYS B 127 32.57 21.62 16.97
C LYS B 127 33.12 20.23 17.30
N GLY B 128 33.42 19.43 16.28
CA GLY B 128 33.94 18.10 16.52
C GLY B 128 35.38 17.94 16.07
N ARG B 129 36.12 19.04 16.07
CA ARG B 129 37.54 19.07 15.70
C ARG B 129 37.77 18.62 14.26
N ASN B 130 36.80 18.87 13.40
CA ASN B 130 36.97 18.68 11.96
C ASN B 130 37.36 20.01 11.31
N THR B 131 37.96 19.92 10.13
CA THR B 131 38.15 21.08 9.27
C THR B 131 37.24 20.95 8.06
N ILE B 132 37.16 22.02 7.27
CA ILE B 132 36.15 22.09 6.23
C ILE B 132 36.68 22.89 5.05
N ILE B 133 36.33 22.45 3.85
CA ILE B 133 36.58 23.18 2.61
C ILE B 133 35.24 23.44 1.94
N VAL B 134 34.90 24.71 1.75
CA VAL B 134 33.62 25.09 1.16
C VAL B 134 33.78 25.21 -0.35
N ALA B 135 32.85 24.62 -1.09
CA ALA B 135 32.72 24.86 -2.53
C ALA B 135 31.35 25.44 -2.79
N PRO B 136 31.24 26.73 -3.08
CA PRO B 136 29.92 27.38 -3.19
C PRO B 136 29.34 27.32 -4.59
N HIS B 137 28.05 27.62 -4.68
CA HIS B 137 27.42 27.74 -5.98
C HIS B 137 28.09 28.87 -6.75
N PRO B 138 28.34 28.70 -8.06
CA PRO B 138 29.01 29.76 -8.83
C PRO B 138 28.29 31.09 -8.77
N LYS B 139 26.96 31.09 -8.77
CA LYS B 139 26.19 32.33 -8.74
C LYS B 139 26.11 32.93 -7.34
N ALA B 140 26.80 32.36 -6.36
CA ALA B 140 26.83 32.89 -5.00
C ALA B 140 28.24 32.89 -4.42
N LYS B 141 29.27 32.66 -5.24
CA LYS B 141 30.60 32.42 -4.72
C LYS B 141 31.15 33.63 -3.97
N LYS B 142 30.80 34.85 -4.40
CA LYS B 142 31.36 36.03 -3.77
C LYS B 142 30.88 36.17 -2.33
N VAL B 143 29.57 36.14 -2.11
CA VAL B 143 29.05 36.34 -0.76
C VAL B 143 29.37 35.15 0.13
N SER B 144 29.45 33.95 -0.44
CA SER B 144 29.93 32.81 0.33
C SER B 144 31.39 32.99 0.72
N ALA B 145 32.23 33.38 -0.25
CA ALA B 145 33.63 33.69 0.05
C ALA B 145 33.73 34.79 1.09
N HIS B 146 32.90 35.82 0.97
CA HIS B 146 32.92 36.91 1.95
C HIS B 146 32.55 36.39 3.34
N THR B 147 31.63 35.44 3.41
CA THR B 147 31.27 34.84 4.70
C THR B 147 32.44 34.07 5.29
N VAL B 148 33.10 33.25 4.47
CA VAL B 148 34.30 32.54 4.92
C VAL B 148 35.37 33.53 5.35
N GLU B 149 35.58 34.59 4.58
CA GLU B 149 36.57 35.61 4.92
C GLU B 149 36.35 36.16 6.33
N LEU B 150 35.12 36.61 6.61
CA LEU B 150 34.85 37.22 7.91
C LEU B 150 34.85 36.19 9.04
N MET B 151 34.50 34.94 8.74
CA MET B 151 34.67 33.88 9.74
C MET B 151 36.15 33.65 10.04
N ASN B 152 36.98 33.58 8.99
CA ASN B 152 38.41 33.37 9.20
C ASN B 152 39.06 34.54 9.92
N ALA B 153 38.55 35.75 9.73
CA ALA B 153 39.11 36.91 10.42
C ALA B 153 38.88 36.81 11.93
N GLU B 154 37.73 36.31 12.35
CA GLU B 154 37.48 36.13 13.78
C GLU B 154 38.27 34.96 14.35
N LEU B 155 38.50 33.92 13.55
CA LEU B 155 39.30 32.80 14.02
C LEU B 155 40.76 33.21 14.24
N LYS B 156 41.29 34.05 13.35
CA LYS B 156 42.66 34.53 13.50
C LYS B 156 42.82 35.34 14.78
N LYS B 157 41.84 36.17 15.12
CA LYS B 157 41.89 36.95 16.35
C LYS B 157 41.82 36.09 17.60
N LEU B 158 41.31 34.87 17.50
CA LEU B 158 41.21 33.96 18.63
C LEU B 158 42.34 32.94 18.67
N GLY B 159 43.30 33.02 17.75
CA GLY B 159 44.41 32.10 17.74
C GLY B 159 44.08 30.72 17.23
N ALA B 160 43.22 30.62 16.23
CA ALA B 160 42.86 29.33 15.68
C ALA B 160 43.95 28.84 14.72
N PRO B 161 44.12 27.53 14.60
CA PRO B 161 45.04 27.02 13.57
C PRO B 161 44.63 27.47 12.19
N GLU B 162 45.62 27.90 11.40
CA GLU B 162 45.35 28.40 10.07
C GLU B 162 44.64 27.35 9.22
N ASN B 163 43.69 27.80 8.41
CA ASN B 163 43.06 27.00 7.36
C ASN B 163 42.14 25.92 7.89
N ILE B 164 41.53 26.10 9.07
CA ILE B 164 40.47 25.17 9.44
C ILE B 164 39.22 25.42 8.60
N ILE B 165 39.13 26.59 7.95
CA ILE B 165 38.09 26.86 6.96
C ILE B 165 38.77 27.39 5.70
N GLN B 166 38.57 26.68 4.59
CA GLN B 166 39.04 27.11 3.29
C GLN B 166 37.86 27.10 2.32
N ILE B 167 38.06 27.72 1.16
CA ILE B 167 37.02 27.82 0.14
C ILE B 167 37.67 27.76 -1.24
N VAL B 168 37.02 27.04 -2.15
CA VAL B 168 37.47 26.92 -3.53
C VAL B 168 36.74 27.96 -4.37
N GLU B 169 37.47 28.66 -5.24
CA GLU B 169 36.83 29.63 -6.12
C GLU B 169 36.23 28.95 -7.35
N ALA B 170 37.07 28.36 -8.18
CA ALA B 170 36.62 27.76 -9.43
C ALA B 170 35.73 26.55 -9.14
N PRO B 171 34.45 26.58 -9.52
CA PRO B 171 33.58 25.42 -9.30
C PRO B 171 33.77 24.34 -10.34
N SER B 172 35.01 24.18 -10.82
CA SER B 172 35.34 23.14 -11.79
C SER B 172 34.90 21.78 -11.28
N ARG B 173 33.97 21.16 -12.02
CA ARG B 173 33.43 19.88 -11.58
C ARG B 173 34.47 18.78 -11.57
N GLU B 174 35.59 18.95 -12.28
CA GLU B 174 36.73 18.07 -12.06
C GLU B 174 37.36 18.34 -10.70
N ALA B 175 37.36 19.60 -10.26
CA ALA B 175 37.91 19.95 -8.96
C ALA B 175 36.90 19.72 -7.84
N ALA B 176 35.60 19.85 -8.12
CA ALA B 176 34.59 19.58 -7.11
C ALA B 176 34.46 18.08 -6.86
N LYS B 177 34.46 17.29 -7.94
CA LYS B 177 34.46 15.83 -7.80
C LYS B 177 35.71 15.36 -7.06
N GLU B 178 36.88 15.90 -7.41
CA GLU B 178 38.11 15.52 -6.72
C GLU B 178 38.05 15.90 -5.25
N LEU B 179 37.41 17.03 -4.93
CA LEU B 179 37.33 17.45 -3.53
C LEU B 179 36.47 16.50 -2.71
N MET B 180 35.31 16.09 -3.24
CA MET B 180 34.46 15.17 -2.49
C MET B 180 35.13 13.81 -2.32
N GLU B 181 35.85 13.35 -3.36
CA GLU B 181 36.48 12.04 -3.29
C GLU B 181 37.71 12.05 -2.38
N SER B 182 38.37 13.20 -2.24
CA SER B 182 39.58 13.30 -1.43
C SER B 182 39.31 13.61 0.03
N ALA B 183 38.11 14.05 0.37
CA ALA B 183 37.80 14.41 1.75
C ALA B 183 37.29 13.21 2.53
N ASP B 184 37.37 13.31 3.86
CA ASP B 184 36.93 12.21 4.70
C ASP B 184 35.42 12.09 4.73
N VAL B 185 34.70 13.20 4.59
CA VAL B 185 33.24 13.21 4.69
C VAL B 185 32.72 14.38 3.85
N VAL B 186 31.57 14.18 3.23
CA VAL B 186 31.00 15.13 2.28
C VAL B 186 29.63 15.60 2.78
N ILE B 187 29.41 16.91 2.70
CA ILE B 187 28.08 17.50 2.85
C ILE B 187 27.70 18.15 1.53
N ALA B 188 26.54 17.77 0.99
CA ALA B 188 26.01 18.35 -0.24
C ALA B 188 24.67 19.01 0.07
N THR B 189 24.64 20.34 0.04
CA THR B 189 23.41 21.10 0.23
C THR B 189 23.13 21.85 -1.06
N GLY B 190 22.15 21.36 -1.82
CA GLY B 190 21.84 21.95 -3.11
C GLY B 190 20.87 21.09 -3.88
N GLY B 191 21.04 21.08 -5.20
CA GLY B 191 20.13 20.37 -6.07
C GLY B 191 20.40 18.87 -6.12
N ALA B 192 19.47 18.16 -6.77
CA ALA B 192 19.56 16.71 -6.86
C ALA B 192 20.85 16.25 -7.52
N GLY B 193 21.37 17.03 -8.47
CA GLY B 193 22.59 16.64 -9.15
C GLY B 193 23.79 16.62 -8.22
N ARG B 194 23.96 17.69 -7.44
CA ARG B 194 25.08 17.76 -6.50
C ARG B 194 24.96 16.75 -5.38
N VAL B 195 23.75 16.28 -5.09
CA VAL B 195 23.56 15.29 -4.03
C VAL B 195 23.99 13.91 -4.51
N LYS B 196 23.54 13.53 -5.71
CA LYS B 196 23.95 12.24 -6.27
C LYS B 196 25.46 12.15 -6.41
N ALA B 197 26.11 13.27 -6.74
CA ALA B 197 27.56 13.28 -6.86
C ALA B 197 28.23 12.96 -5.53
N ALA B 198 27.69 13.49 -4.43
CA ALA B 198 28.24 13.21 -3.11
C ALA B 198 28.11 11.74 -2.74
N TYR B 199 26.98 11.13 -3.08
CA TYR B 199 26.75 9.72 -2.78
C TYR B 199 27.35 8.79 -3.82
N SER B 200 28.10 9.33 -4.78
CA SER B 200 28.89 8.54 -5.72
C SER B 200 30.38 8.76 -5.56
N SER B 201 30.80 9.55 -4.57
CA SER B 201 32.18 9.95 -4.41
C SER B 201 33.05 8.88 -3.76
N GLY B 202 32.47 7.76 -3.32
CA GLY B 202 33.23 6.78 -2.58
C GLY B 202 33.54 7.19 -1.15
N ARG B 203 32.90 8.24 -0.65
CA ARG B 203 33.11 8.72 0.71
C ARG B 203 31.77 8.87 1.41
N PRO B 204 31.73 8.70 2.73
CA PRO B 204 30.47 8.89 3.46
C PRO B 204 29.96 10.32 3.29
N ALA B 205 28.70 10.43 2.87
CA ALA B 205 28.15 11.70 2.45
C ALA B 205 26.84 11.99 3.18
N TYR B 206 26.60 13.29 3.40
CA TYR B 206 25.34 13.77 3.93
C TYR B 206 24.77 14.78 2.94
N GLY B 207 23.64 14.44 2.32
CA GLY B 207 23.02 15.26 1.32
C GLY B 207 21.70 15.85 1.75
N VAL B 208 21.04 16.48 0.78
CA VAL B 208 19.69 16.98 0.94
C VAL B 208 18.85 16.46 -0.21
N GLY B 209 17.59 16.87 -0.23
CA GLY B 209 16.72 16.58 -1.33
C GLY B 209 15.89 17.80 -1.68
N PRO B 210 15.37 17.85 -2.90
CA PRO B 210 14.42 18.91 -3.23
C PRO B 210 13.21 18.86 -2.32
N GLY B 211 12.77 20.02 -1.88
CA GLY B 211 11.55 20.10 -1.10
C GLY B 211 10.32 20.10 -1.98
N ASN B 212 9.18 19.92 -1.32
CA ASN B 212 7.87 20.11 -1.94
C ASN B 212 6.82 20.01 -0.83
N SER B 213 6.93 20.88 0.16
CA SER B 213 6.09 20.84 1.35
C SER B 213 4.61 20.86 1.01
N GLN B 214 3.93 19.74 1.25
CA GLN B 214 2.48 19.69 1.16
C GLN B 214 1.86 20.14 2.49
N VAL B 215 0.72 20.81 2.41
CA VAL B 215 0.07 21.40 3.58
C VAL B 215 -1.39 20.99 3.59
N ILE B 216 -1.80 20.30 4.66
CA ILE B 216 -3.20 19.97 4.88
C ILE B 216 -3.78 20.95 5.88
N VAL B 217 -4.88 21.60 5.52
CA VAL B 217 -5.68 22.38 6.46
C VAL B 217 -6.87 21.52 6.87
N ASP B 218 -6.93 21.18 8.16
CA ASP B 218 -7.97 20.30 8.66
C ASP B 218 -9.26 21.07 8.90
N LYS B 219 -10.39 20.35 8.78
CA LYS B 219 -11.70 20.97 8.97
C LYS B 219 -11.85 21.52 10.39
N GLY B 220 -12.48 22.68 10.50
CA GLY B 220 -12.76 23.28 11.79
C GLY B 220 -11.59 23.98 12.45
N TYR B 221 -10.39 23.89 11.88
CA TYR B 221 -9.28 24.67 12.40
C TYR B 221 -9.51 26.15 12.13
N ASP B 222 -8.81 27.00 12.87
CA ASP B 222 -8.84 28.44 12.66
C ASP B 222 -8.17 28.74 11.32
N TYR B 223 -8.98 28.96 10.28
CA TYR B 223 -8.43 29.17 8.94
C TYR B 223 -7.68 30.49 8.82
N ASN B 224 -8.00 31.47 9.67
CA ASN B 224 -7.26 32.72 9.65
C ASN B 224 -5.82 32.50 10.09
N LYS B 225 -5.61 31.74 11.17
CA LYS B 225 -4.25 31.46 11.61
C LYS B 225 -3.52 30.56 10.62
N ALA B 226 -4.21 29.54 10.10
CA ALA B 226 -3.61 28.68 9.09
C ALA B 226 -3.14 29.50 7.89
N ALA B 227 -4.00 30.38 7.38
CA ALA B 227 -3.63 31.18 6.22
C ALA B 227 -2.44 32.09 6.53
N GLN B 228 -2.44 32.72 7.71
CA GLN B 228 -1.32 33.57 8.09
C GLN B 228 -0.01 32.79 8.14
N ASP B 229 -0.04 31.58 8.71
CA ASP B 229 1.18 30.77 8.82
C ASP B 229 1.65 30.28 7.46
N ILE B 230 0.72 29.82 6.63
CA ILE B 230 1.07 29.30 5.31
C ILE B 230 1.60 30.43 4.41
N ILE B 231 1.02 31.62 4.52
CA ILE B 231 1.49 32.75 3.74
C ILE B 231 2.86 33.20 4.22
N THR B 232 3.07 33.26 5.54
CA THR B 232 4.38 33.59 6.09
C THR B 232 5.45 32.67 5.52
N GLY B 233 5.18 31.37 5.49
CA GLY B 233 6.16 30.41 5.01
C GLY B 233 6.34 30.43 3.51
N ARG B 234 5.24 30.59 2.77
CA ARG B 234 5.33 30.59 1.30
C ARG B 234 6.11 31.79 0.80
N LYS B 235 5.92 32.96 1.41
CA LYS B 235 6.50 34.19 0.88
C LYS B 235 7.94 34.45 1.36
N TYR B 236 8.37 33.77 2.42
CA TYR B 236 9.70 33.94 3.01
C TYR B 236 10.78 33.80 1.95
N ASP B 237 11.63 34.83 1.83
CA ASP B 237 12.75 34.84 0.87
C ASP B 237 12.26 34.60 -0.55
N ASN B 238 11.05 35.08 -0.85
CA ASN B 238 10.40 34.84 -2.15
C ASN B 238 10.28 33.36 -2.46
N GLY B 239 10.15 32.52 -1.43
CA GLY B 239 9.76 31.13 -1.59
C GLY B 239 10.85 30.16 -1.96
N ILE B 240 12.11 30.55 -1.79
CA ILE B 240 13.25 29.71 -2.24
C ILE B 240 13.67 28.70 -1.16
N ILE B 241 13.09 28.77 0.03
CA ILE B 241 13.47 27.84 1.13
C ILE B 241 12.88 26.46 0.84
N CYS B 242 13.68 25.40 0.99
CA CYS B 242 13.27 24.01 0.65
C CYS B 242 12.08 23.52 1.48
N SER B 243 11.88 24.05 2.67
CA SER B 243 10.77 23.66 3.56
C SER B 243 9.52 24.48 3.27
N SER B 244 9.62 25.43 2.34
CA SER B 244 8.50 26.37 2.07
C SER B 244 7.22 25.67 1.64
N GLU B 245 6.10 26.23 2.06
CA GLU B 245 4.80 25.69 1.70
C GLU B 245 4.59 25.75 0.19
N GLN B 246 4.08 24.66 -0.38
CA GLN B 246 3.89 24.53 -1.81
C GLN B 246 2.44 24.36 -2.23
N SER B 247 1.59 23.87 -1.34
CA SER B 247 0.21 23.58 -1.70
C SER B 247 -0.68 23.92 -0.51
N VAL B 248 -1.96 24.11 -0.81
CA VAL B 248 -3.01 24.23 0.19
C VAL B 248 -4.02 23.14 -0.11
N ILE B 249 -4.01 22.08 0.69
CA ILE B 249 -4.91 20.95 0.55
C ILE B 249 -6.06 21.20 1.53
N ALA B 250 -7.20 21.67 1.02
CA ALA B 250 -8.25 22.26 1.82
C ALA B 250 -9.54 21.43 1.75
N PRO B 251 -10.37 21.47 2.79
CA PRO B 251 -11.58 20.64 2.78
C PRO B 251 -12.65 21.23 1.87
N ALA B 252 -13.23 20.38 1.03
CA ALA B 252 -14.23 20.82 0.06
C ALA B 252 -15.37 21.59 0.72
N GLU B 253 -15.87 21.09 1.84
CA GLU B 253 -17.04 21.70 2.48
C GLU B 253 -16.74 23.09 3.02
N ASP B 254 -15.48 23.42 3.28
CA ASP B 254 -15.09 24.74 3.76
C ASP B 254 -14.19 25.48 2.78
N TYR B 255 -14.16 25.04 1.52
CA TYR B 255 -13.16 25.54 0.57
C TYR B 255 -13.21 27.05 0.45
N ASP B 256 -14.40 27.60 0.15
CA ASP B 256 -14.53 29.04 -0.01
C ASP B 256 -14.15 29.77 1.28
N LYS B 257 -14.46 29.17 2.43
CA LYS B 257 -14.08 29.79 3.70
C LYS B 257 -12.58 29.83 3.85
N VAL B 258 -11.90 28.75 3.46
CA VAL B 258 -10.44 28.72 3.55
C VAL B 258 -9.82 29.75 2.61
N ILE B 259 -10.30 29.80 1.37
CA ILE B 259 -9.78 30.76 0.40
C ILE B 259 -9.99 32.18 0.88
N ALA B 260 -11.17 32.47 1.43
CA ALA B 260 -11.45 33.80 1.95
C ALA B 260 -10.45 34.19 3.02
N ALA B 261 -10.05 33.23 3.88
CA ALA B 261 -9.05 33.51 4.91
C ALA B 261 -7.70 33.82 4.29
N PHE B 262 -7.31 33.11 3.23
CA PHE B 262 -6.09 33.47 2.51
C PHE B 262 -6.20 34.86 1.91
N VAL B 263 -7.34 35.17 1.29
CA VAL B 263 -7.52 36.49 0.67
C VAL B 263 -7.47 37.59 1.72
N GLU B 264 -8.11 37.35 2.87
CA GLU B 264 -8.08 38.33 3.95
C GLU B 264 -6.67 38.61 4.43
N ASN B 265 -5.73 37.69 4.22
CA ASN B 265 -4.36 37.85 4.70
C ASN B 265 -3.36 38.06 3.56
N GLY B 266 -3.82 38.51 2.39
CA GLY B 266 -2.93 38.98 1.36
C GLY B 266 -2.74 38.09 0.14
N ALA B 267 -3.48 36.99 0.04
CA ALA B 267 -3.37 36.13 -1.14
C ALA B 267 -4.21 36.67 -2.29
N PHE B 268 -3.77 36.37 -3.51
CA PHE B 268 -4.57 36.57 -4.72
C PHE B 268 -4.93 35.18 -5.23
N TYR B 269 -6.23 34.86 -5.24
CA TYR B 269 -6.70 33.52 -5.59
C TYR B 269 -7.25 33.50 -7.00
N VAL B 270 -6.75 32.57 -7.82
CA VAL B 270 -7.16 32.43 -9.21
C VAL B 270 -7.89 31.10 -9.37
N GLU B 271 -9.16 31.17 -9.77
CA GLU B 271 -10.01 30.01 -10.02
C GLU B 271 -10.21 29.74 -11.50
N ASP B 272 -10.23 30.78 -12.33
CA ASP B 272 -10.50 30.66 -13.76
C ASP B 272 -9.41 29.84 -14.45
N GLU B 273 -9.83 28.78 -15.17
CA GLU B 273 -8.89 27.86 -15.79
C GLU B 273 -7.92 28.56 -16.74
N GLU B 274 -8.43 29.48 -17.57
CA GLU B 274 -7.57 30.15 -18.54
C GLU B 274 -6.55 31.06 -17.87
N THR B 275 -6.98 31.75 -16.80
CA THR B 275 -6.06 32.64 -16.09
C THR B 275 -4.99 31.85 -15.33
N VAL B 276 -5.36 30.69 -14.78
CA VAL B 276 -4.37 29.83 -14.13
C VAL B 276 -3.32 29.40 -15.14
N GLU B 277 -3.75 29.00 -16.34
CA GLU B 277 -2.83 28.57 -17.38
C GLU B 277 -1.83 29.66 -17.75
N LYS B 278 -2.26 30.93 -17.72
CA LYS B 278 -1.32 32.02 -17.95
C LYS B 278 -0.18 32.00 -16.94
N PHE B 279 -0.50 31.74 -15.65
CA PHE B 279 0.56 31.58 -14.65
C PHE B 279 1.33 30.28 -14.88
N ARG B 280 0.61 29.19 -15.15
CA ARG B 280 1.27 27.88 -15.28
C ARG B 280 2.27 27.90 -16.44
N SER B 281 1.92 28.52 -17.56
CA SER B 281 2.84 28.60 -18.68
C SER B 281 4.01 29.52 -18.41
N THR B 282 3.90 30.42 -17.42
CA THR B 282 5.03 31.24 -17.00
C THR B 282 5.94 30.49 -16.03
N LEU B 283 5.35 29.79 -15.05
CA LEU B 283 6.15 29.19 -13.98
C LEU B 283 6.91 27.95 -14.45
N PHE B 284 6.37 27.20 -15.42
CA PHE B 284 7.01 25.98 -15.88
C PHE B 284 7.15 26.02 -17.40
N LYS B 285 8.35 25.70 -17.89
CA LYS B 285 8.63 25.56 -19.31
C LYS B 285 9.06 24.11 -19.55
N ASP B 286 8.26 23.37 -20.33
CA ASP B 286 8.54 21.97 -20.63
C ASP B 286 8.68 21.14 -19.34
N GLY B 287 7.81 21.41 -18.37
CA GLY B 287 7.81 20.66 -17.13
C GLY B 287 8.87 21.05 -16.12
N LYS B 288 9.77 21.97 -16.47
CA LYS B 288 10.80 22.44 -15.55
C LYS B 288 10.49 23.86 -15.10
N ILE B 289 10.86 24.18 -13.86
CA ILE B 289 10.61 25.51 -13.33
C ILE B 289 11.36 26.54 -14.15
N ASN B 290 10.70 27.67 -14.43
CA ASN B 290 11.30 28.76 -15.17
C ASN B 290 12.28 29.50 -14.28
N SER B 291 13.58 29.35 -14.55
CA SER B 291 14.60 29.92 -13.68
C SER B 291 14.48 31.43 -13.58
N LYS B 292 13.79 32.07 -14.51
CA LYS B 292 13.66 33.52 -14.49
C LYS B 292 12.74 34.03 -13.38
N ILE B 293 11.93 33.17 -12.77
CA ILE B 293 11.01 33.58 -11.72
C ILE B 293 11.38 32.95 -10.37
N ILE B 294 12.50 32.24 -10.30
CA ILE B 294 12.93 31.65 -9.03
C ILE B 294 13.28 32.76 -8.06
N GLY B 295 12.63 32.77 -6.90
CA GLY B 295 12.92 33.76 -5.89
C GLY B 295 12.60 35.19 -6.30
N LYS B 296 11.66 35.36 -7.22
CA LYS B 296 11.20 36.67 -7.64
C LYS B 296 9.89 37.05 -6.95
N SER B 297 9.50 38.30 -7.10
CA SER B 297 8.33 38.84 -6.42
C SER B 297 7.04 38.35 -7.07
N VAL B 298 5.94 38.55 -6.35
CA VAL B 298 4.60 38.30 -6.91
C VAL B 298 4.39 39.11 -8.19
N GLN B 299 4.80 40.38 -8.18
CA GLN B 299 4.51 41.26 -9.32
C GLN B 299 5.34 40.90 -10.54
N ILE B 300 6.60 40.50 -10.34
CA ILE B 300 7.41 40.01 -11.46
C ILE B 300 6.72 38.84 -12.15
N ILE B 301 6.20 37.91 -11.34
CA ILE B 301 5.48 36.77 -11.88
C ILE B 301 4.19 37.21 -12.56
N ALA B 302 3.48 38.16 -11.96
CA ALA B 302 2.23 38.64 -12.54
C ALA B 302 2.45 39.32 -13.88
N ASP B 303 3.50 40.14 -13.98
CA ASP B 303 3.76 40.84 -15.23
C ASP B 303 4.18 39.87 -16.33
N LEU B 304 5.00 38.87 -16.00
CA LEU B 304 5.39 37.89 -17.01
C LEU B 304 4.19 37.05 -17.44
N ALA B 305 3.29 36.73 -16.50
CA ALA B 305 2.10 36.00 -16.86
C ALA B 305 1.11 36.85 -17.65
N GLY B 306 1.20 38.17 -17.56
CA GLY B 306 0.20 39.03 -18.16
C GLY B 306 -1.11 39.06 -17.41
N VAL B 307 -1.07 38.95 -16.08
CA VAL B 307 -2.25 38.96 -15.24
C VAL B 307 -2.12 40.10 -14.23
N LYS B 308 -3.17 40.91 -14.09
CA LYS B 308 -3.18 42.01 -13.13
C LYS B 308 -3.43 41.45 -11.74
N VAL B 309 -2.48 41.69 -10.84
CA VAL B 309 -2.56 41.21 -9.47
C VAL B 309 -2.49 42.41 -8.55
N PRO B 310 -3.41 42.55 -7.59
CA PRO B 310 -3.48 43.78 -6.79
C PRO B 310 -2.17 44.09 -6.07
N GLU B 311 -1.93 45.37 -5.87
CA GLU B 311 -0.78 45.81 -5.09
C GLU B 311 -0.96 45.39 -3.64
N GLY B 312 0.13 44.95 -3.02
CA GLY B 312 0.10 44.40 -1.69
C GLY B 312 -0.05 42.90 -1.61
N THR B 313 -0.27 42.24 -2.75
CA THR B 313 -0.47 40.80 -2.75
C THR B 313 0.79 40.09 -2.28
N LYS B 314 0.63 39.17 -1.34
CA LYS B 314 1.76 38.48 -0.74
C LYS B 314 2.08 37.15 -1.42
N VAL B 315 1.06 36.39 -1.81
CA VAL B 315 1.22 35.12 -2.49
C VAL B 315 0.12 35.00 -3.54
N ILE B 316 0.39 34.22 -4.58
CA ILE B 316 -0.60 33.82 -5.56
C ILE B 316 -1.03 32.39 -5.24
N VAL B 317 -2.34 32.15 -5.25
CA VAL B 317 -2.88 30.81 -5.03
C VAL B 317 -3.62 30.40 -6.28
N LEU B 318 -3.20 29.29 -6.88
CA LEU B 318 -3.75 28.82 -8.14
C LEU B 318 -4.55 27.54 -7.89
N LYS B 319 -5.80 27.54 -8.34
CA LYS B 319 -6.57 26.30 -8.33
C LYS B 319 -5.94 25.30 -9.28
N GLY B 320 -5.61 24.12 -8.76
CA GLY B 320 -4.94 23.12 -9.57
C GLY B 320 -5.91 22.19 -10.28
N LYS B 321 -5.45 21.62 -11.40
CA LYS B 321 -6.28 20.69 -12.16
C LYS B 321 -6.49 19.40 -11.39
N GLY B 322 -5.54 19.02 -10.55
CA GLY B 322 -5.62 17.77 -9.83
C GLY B 322 -4.30 17.45 -9.18
N ALA B 323 -4.32 16.41 -8.36
CA ALA B 323 -3.13 16.02 -7.60
C ALA B 323 -2.09 15.38 -8.51
N GLY B 324 -0.84 15.43 -8.05
CA GLY B 324 0.23 14.74 -8.75
C GLY B 324 0.45 15.26 -10.15
N GLU B 325 0.75 14.34 -11.07
CA GLU B 325 1.06 14.68 -12.45
C GLU B 325 -0.14 15.21 -13.22
N LYS B 326 -1.32 15.28 -12.61
CA LYS B 326 -2.43 15.98 -13.24
C LYS B 326 -2.15 17.47 -13.40
N ASP B 327 -1.16 18.00 -12.68
CA ASP B 327 -0.86 19.42 -12.76
C ASP B 327 0.60 19.65 -12.41
N VAL B 328 1.34 20.25 -13.35
CA VAL B 328 2.73 20.61 -13.12
C VAL B 328 2.88 21.60 -11.97
N LEU B 329 1.82 22.33 -11.63
CA LEU B 329 1.85 23.21 -10.47
C LEU B 329 1.98 22.46 -9.14
N CYS B 330 1.84 21.12 -9.16
CA CYS B 330 2.06 20.32 -7.95
C CYS B 330 3.52 20.01 -7.71
N LYS B 331 4.41 20.35 -8.63
CA LYS B 331 5.85 20.23 -8.40
C LYS B 331 6.32 21.34 -7.47
N GLU B 332 7.62 21.30 -7.12
CA GLU B 332 8.17 22.34 -6.28
C GLU B 332 8.23 23.67 -7.03
N LYS B 333 7.75 24.73 -6.38
CA LYS B 333 7.75 26.07 -6.93
C LYS B 333 8.59 26.96 -6.01
N MET B 334 9.75 27.40 -6.50
CA MET B 334 10.65 28.25 -5.72
C MET B 334 10.31 29.72 -5.96
N CYS B 335 9.08 30.07 -5.58
CA CYS B 335 8.50 31.39 -5.79
C CYS B 335 7.22 31.46 -4.97
N PRO B 336 6.70 32.66 -4.72
CA PRO B 336 5.53 32.77 -3.81
C PRO B 336 4.21 32.40 -4.50
N VAL B 337 4.12 31.16 -4.95
CA VAL B 337 2.93 30.64 -5.62
C VAL B 337 2.53 29.32 -4.96
N LEU B 338 1.25 29.19 -4.63
CA LEU B 338 0.67 27.98 -4.07
C LEU B 338 -0.33 27.36 -5.04
N VAL B 339 -0.42 26.04 -5.00
CA VAL B 339 -1.48 25.31 -5.70
C VAL B 339 -2.50 24.85 -4.67
N ALA B 340 -3.78 25.07 -4.97
CA ALA B 340 -4.86 24.73 -4.05
C ALA B 340 -5.61 23.52 -4.56
N LEU B 341 -5.93 22.60 -3.65
CA LEU B 341 -6.61 21.35 -3.96
C LEU B 341 -7.64 21.06 -2.88
N LYS B 342 -8.67 20.29 -3.25
CA LYS B 342 -9.79 19.98 -2.38
C LYS B 342 -9.74 18.53 -1.93
N TYR B 343 -10.35 18.26 -0.77
CA TYR B 343 -10.48 16.89 -0.29
C TYR B 343 -11.83 16.72 0.41
N ASP B 344 -12.36 15.50 0.31
CA ASP B 344 -13.59 15.13 1.01
C ASP B 344 -13.32 14.54 2.39
N THR B 345 -12.24 13.76 2.53
CA THR B 345 -11.86 13.16 3.79
C THR B 345 -10.38 13.41 4.06
N PHE B 346 -10.00 13.36 5.34
CA PHE B 346 -8.58 13.53 5.67
C PHE B 346 -7.73 12.48 4.99
N GLU B 347 -8.25 11.27 4.83
CA GLU B 347 -7.53 10.24 4.10
C GLU B 347 -7.22 10.70 2.68
N GLU B 348 -8.21 11.33 2.03
CA GLU B 348 -7.96 11.84 0.68
C GLU B 348 -6.94 12.97 0.71
N ALA B 349 -6.99 13.82 1.73
CA ALA B 349 -5.97 14.86 1.88
C ALA B 349 -4.58 14.25 1.95
N VAL B 350 -4.43 13.13 2.66
CA VAL B 350 -3.14 12.47 2.77
C VAL B 350 -2.70 11.88 1.43
N GLU B 351 -3.65 11.25 0.71
CA GLU B 351 -3.31 10.66 -0.57
C GLU B 351 -2.92 11.74 -1.58
N ILE B 352 -3.57 12.90 -1.53
CA ILE B 352 -3.19 14.01 -2.41
C ILE B 352 -1.75 14.44 -2.11
N ALA B 353 -1.45 14.66 -0.84
CA ALA B 353 -0.10 15.01 -0.43
C ALA B 353 0.89 13.96 -0.91
N MET B 354 0.55 12.68 -0.73
CA MET B 354 1.48 11.63 -1.11
C MET B 354 1.70 11.59 -2.61
N ALA B 355 0.65 11.85 -3.40
CA ALA B 355 0.81 11.89 -4.85
C ALA B 355 1.74 13.02 -5.28
N ASN B 356 1.73 14.14 -4.55
CA ASN B 356 2.62 15.24 -4.91
C ASN B 356 4.06 14.95 -4.48
N TYR B 357 4.24 14.27 -3.33
CA TYR B 357 5.58 13.85 -2.95
C TYR B 357 6.16 12.85 -3.96
N MET B 358 5.33 11.94 -4.47
CA MET B 358 5.79 11.01 -5.51
C MET B 358 6.15 11.76 -6.79
N TYR B 359 5.44 12.86 -7.08
CA TYR B 359 5.79 13.72 -8.19
C TYR B 359 7.14 14.38 -7.95
N GLU B 360 7.30 15.02 -6.79
CA GLU B 360 8.56 15.67 -6.44
C GLU B 360 8.60 15.91 -4.93
N GLY B 361 9.79 15.72 -4.35
CA GLY B 361 10.07 16.15 -2.99
C GLY B 361 9.92 15.12 -1.89
N ALA B 362 9.77 13.85 -2.23
CA ALA B 362 9.56 12.81 -1.21
C ALA B 362 10.68 12.83 -0.17
N GLY B 363 10.30 12.73 1.10
CA GLY B 363 11.24 12.65 2.18
C GLY B 363 11.55 13.95 2.88
N HIS B 364 10.95 15.07 2.46
CA HIS B 364 11.30 16.35 3.06
C HIS B 364 10.30 16.74 4.14
N THR B 365 9.58 17.83 3.95
CA THR B 365 8.75 18.42 4.99
C THR B 365 7.30 18.47 4.55
N ALA B 366 6.40 18.36 5.53
CA ALA B 366 4.99 18.66 5.34
C ALA B 366 4.53 19.60 6.44
N GLY B 367 3.44 20.31 6.16
CA GLY B 367 2.80 21.15 7.14
C GLY B 367 1.37 20.67 7.37
N ILE B 368 0.86 20.92 8.57
CA ILE B 368 -0.52 20.59 8.87
C ILE B 368 -1.04 21.61 9.86
N HIS B 369 -2.31 21.97 9.71
CA HIS B 369 -2.95 22.94 10.59
C HIS B 369 -4.25 22.31 11.06
N SER B 370 -4.27 21.90 12.33
CA SER B 370 -5.30 21.00 12.83
C SER B 370 -5.31 21.05 14.35
N ASP B 371 -6.50 20.84 14.91
CA ASP B 371 -6.70 20.62 16.33
C ASP B 371 -7.04 19.17 16.64
N ASN B 372 -6.93 18.29 15.65
CA ASN B 372 -7.28 16.88 15.76
C ASN B 372 -5.96 16.10 15.80
N ASP B 373 -5.49 15.80 17.01
CA ASP B 373 -4.18 15.17 17.16
C ASP B 373 -4.13 13.79 16.50
N GLU B 374 -5.27 13.09 16.44
CA GLU B 374 -5.26 11.78 15.80
C GLU B 374 -4.99 11.90 14.30
N ASN B 375 -5.53 12.94 13.66
CA ASN B 375 -5.22 13.18 12.25
C ASN B 375 -3.76 13.55 12.07
N ILE B 376 -3.23 14.40 12.96
CA ILE B 376 -1.82 14.77 12.90
C ILE B 376 -0.95 13.52 12.99
N ARG B 377 -1.23 12.66 13.97
CA ARG B 377 -0.43 11.45 14.14
C ARG B 377 -0.57 10.51 12.96
N TYR B 378 -1.78 10.45 12.37
CA TYR B 378 -1.94 9.61 11.19
C TYR B 378 -1.13 10.15 10.01
N ALA B 379 -1.14 11.48 9.82
CA ALA B 379 -0.35 12.07 8.75
C ALA B 379 1.14 11.86 8.99
N GLY B 380 1.60 12.08 10.22
CA GLY B 380 2.99 11.80 10.54
C GLY B 380 3.35 10.35 10.34
N THR B 381 2.39 9.45 10.58
CA THR B 381 2.66 8.02 10.53
C THR B 381 2.85 7.54 9.10
N VAL B 382 2.11 8.09 8.14
CA VAL B 382 2.05 7.51 6.81
C VAL B 382 2.74 8.34 5.72
N LEU B 383 2.90 9.66 5.92
CA LEU B 383 3.42 10.48 4.83
C LEU B 383 4.92 10.23 4.64
N PRO B 384 5.41 10.26 3.39
CA PRO B 384 6.86 10.07 3.13
C PRO B 384 7.64 11.36 3.36
N ILE B 385 7.82 11.69 4.65
CA ILE B 385 8.46 12.93 5.05
C ILE B 385 9.37 12.65 6.24
N SER B 386 10.39 13.50 6.40
CA SER B 386 11.22 13.49 7.59
C SER B 386 10.71 14.42 8.68
N ARG B 387 9.93 15.45 8.32
CA ARG B 387 9.48 16.45 9.28
C ARG B 387 8.02 16.82 8.99
N LEU B 388 7.21 16.83 10.04
CA LEU B 388 5.83 17.30 9.97
C LEU B 388 5.71 18.49 10.91
N VAL B 389 5.41 19.66 10.34
CA VAL B 389 5.37 20.91 11.07
C VAL B 389 3.91 21.23 11.38
N VAL B 390 3.59 21.36 12.66
CA VAL B 390 2.20 21.46 13.13
C VAL B 390 1.90 22.90 13.54
N ASN B 391 0.87 23.50 12.93
CA ASN B 391 0.30 24.77 13.38
C ASN B 391 1.34 25.87 13.47
N GLN B 392 2.23 25.93 12.50
CA GLN B 392 3.25 26.97 12.42
C GLN B 392 3.75 27.01 10.99
N PRO B 393 4.49 28.05 10.60
CA PRO B 393 5.00 28.09 9.23
C PRO B 393 5.98 26.95 8.98
N ALA B 394 5.83 26.31 7.82
CA ALA B 394 6.65 25.13 7.54
C ALA B 394 8.13 25.46 7.44
N THR B 395 8.46 26.73 7.15
CA THR B 395 9.85 27.17 7.12
C THR B 395 10.51 27.12 8.49
N THR B 396 9.77 26.85 9.56
CA THR B 396 10.38 26.58 10.84
C THR B 396 10.94 25.16 10.94
N ALA B 397 10.82 24.37 9.86
CA ALA B 397 11.33 23.00 9.88
C ALA B 397 12.82 22.94 10.16
N GLY B 398 13.57 23.97 9.73
CA GLY B 398 15.00 24.04 9.97
C GLY B 398 15.38 24.56 11.34
N GLY B 399 14.41 24.73 12.24
CA GLY B 399 14.70 25.25 13.56
C GLY B 399 14.00 26.54 13.89
N SER B 400 13.52 26.65 15.13
CA SER B 400 12.94 27.88 15.64
C SER B 400 12.92 27.78 17.16
N PHE B 401 12.86 28.93 17.82
CA PHE B 401 12.84 28.89 19.28
C PHE B 401 11.51 28.44 19.82
N ASN B 402 10.59 27.97 18.99
CA ASN B 402 9.29 27.51 19.45
C ASN B 402 8.97 26.09 19.01
N ASN B 403 9.92 25.36 18.44
CA ASN B 403 9.74 23.94 18.18
C ASN B 403 11.03 23.21 18.53
N GLY B 404 10.99 21.88 18.44
CA GLY B 404 12.10 21.02 18.80
C GLY B 404 12.94 20.51 17.65
N PHE B 405 12.77 21.04 16.44
CA PHE B 405 13.61 20.61 15.33
C PHE B 405 15.03 21.11 15.53
N ASN B 406 15.99 20.24 15.30
CA ASN B 406 17.40 20.60 15.47
C ASN B 406 17.76 21.70 14.47
N PRO B 407 18.24 22.86 14.91
CA PRO B 407 18.55 23.94 13.98
C PRO B 407 19.66 23.53 13.01
N THR B 408 19.47 23.91 11.75
CA THR B 408 20.38 23.51 10.68
C THR B 408 20.06 24.36 9.46
N THR B 409 20.95 24.28 8.47
CA THR B 409 20.66 24.71 7.10
C THR B 409 20.63 23.53 6.14
N THR B 410 20.88 22.32 6.62
CA THR B 410 21.01 21.12 5.81
C THR B 410 19.98 20.12 6.30
N LEU B 411 18.87 20.01 5.59
CA LEU B 411 17.71 19.21 6.01
C LEU B 411 17.73 17.88 5.27
N GLY B 412 18.10 16.82 5.98
CA GLY B 412 18.12 15.50 5.36
C GLY B 412 16.74 15.03 4.97
N CYS B 413 16.68 14.26 3.88
CA CYS B 413 15.42 13.78 3.34
C CYS B 413 15.31 12.26 3.35
N GLY B 414 16.20 11.56 4.05
CA GLY B 414 16.10 10.12 4.17
C GLY B 414 16.30 9.40 2.84
N SER B 415 15.90 8.11 2.85
CA SER B 415 16.05 7.28 1.66
C SER B 415 15.18 7.76 0.52
N TRP B 416 14.01 8.35 0.83
CA TRP B 416 13.16 8.92 -0.22
C TRP B 416 13.95 9.92 -1.07
N GLY B 417 14.58 10.90 -0.42
CA GLY B 417 15.42 11.86 -1.08
C GLY B 417 16.82 11.38 -1.39
N ARG B 418 17.06 10.07 -1.25
CA ARG B 418 18.36 9.46 -1.52
C ARG B 418 19.45 10.10 -0.66
N ASN B 419 19.15 10.27 0.63
CA ASN B 419 20.10 10.76 1.62
C ASN B 419 20.32 9.69 2.68
N SER B 420 21.37 9.89 3.47
CA SER B 420 21.74 8.93 4.51
C SER B 420 20.95 9.13 5.80
N ILE B 421 20.36 10.30 6.02
CA ILE B 421 19.62 10.57 7.24
C ILE B 421 18.29 11.23 6.89
N SER B 422 17.28 10.97 7.73
CA SER B 422 15.98 11.59 7.58
C SER B 422 15.77 12.62 8.69
N GLU B 423 16.72 13.54 8.83
CA GLU B 423 16.68 14.52 9.90
C GLU B 423 17.64 15.66 9.57
N ASN B 424 17.53 16.72 10.36
CA ASN B 424 18.38 17.89 10.19
C ASN B 424 19.83 17.57 10.58
N LEU B 425 20.78 17.99 9.73
CA LEU B 425 22.19 17.73 9.98
C LEU B 425 22.70 18.61 11.13
N THR B 426 23.47 18.01 12.03
CA THR B 426 24.09 18.71 13.15
C THR B 426 25.54 18.27 13.30
N TYR B 427 26.19 18.83 14.33
CA TYR B 427 27.52 18.39 14.74
C TYR B 427 27.61 16.87 14.84
N GLU B 428 26.52 16.24 15.28
CA GLU B 428 26.56 14.83 15.64
C GLU B 428 26.94 13.96 14.45
N HIS B 429 26.58 14.37 13.24
CA HIS B 429 26.83 13.59 12.04
C HIS B 429 28.26 13.73 11.52
N LEU B 430 29.08 14.54 12.17
CA LEU B 430 30.44 14.78 11.70
C LEU B 430 31.50 14.28 12.67
N ILE B 431 31.12 13.47 13.66
CA ILE B 431 32.06 12.84 14.57
C ILE B 431 31.81 11.35 14.58
N ASN B 432 32.89 10.58 14.65
CA ASN B 432 32.81 9.16 14.96
C ASN B 432 32.59 9.01 16.46
N VAL B 433 31.70 8.10 16.82
CA VAL B 433 31.44 7.80 18.22
C VAL B 433 31.93 6.39 18.48
N SER B 434 33.06 6.28 19.18
CA SER B 434 33.66 4.99 19.53
C SER B 434 33.06 4.44 20.81
N ARG B 435 33.21 3.14 21.01
CA ARG B 435 32.72 2.46 22.19
C ARG B 435 33.85 1.66 22.84
N ILE B 436 34.04 1.87 24.13
CA ILE B 436 34.86 1.00 24.97
C ILE B 436 33.91 0.01 25.64
N GLY B 437 34.05 -1.27 25.30
CA GLY B 437 33.15 -2.28 25.82
C GLY B 437 33.77 -3.15 26.90
N TYR B 438 33.38 -2.93 28.15
CA TYR B 438 33.90 -3.70 29.27
C TYR B 438 33.19 -5.04 29.37
N PHE B 439 33.76 -5.94 30.17
CA PHE B 439 33.21 -7.27 30.37
C PHE B 439 32.34 -7.29 31.62
N ASN B 440 31.15 -7.86 31.50
CA ASN B 440 30.22 -8.02 32.61
C ASN B 440 30.21 -9.50 32.99
N LYS B 441 31.03 -9.86 33.97
CA LYS B 441 31.13 -11.26 34.38
C LYS B 441 29.88 -11.74 35.13
N GLU B 442 29.14 -10.82 35.75
CA GLU B 442 27.93 -11.18 36.48
C GLU B 442 26.74 -11.31 35.52
N ALA B 443 26.91 -12.20 34.54
CA ALA B 443 25.87 -12.48 33.56
C ALA B 443 25.97 -13.95 33.17
N LYS B 444 24.83 -14.62 33.11
CA LYS B 444 24.78 -16.06 32.90
C LYS B 444 24.64 -16.39 31.42
N VAL B 445 24.70 -17.68 31.11
CA VAL B 445 24.48 -18.19 29.76
C VAL B 445 22.99 -18.45 29.58
N PRO B 446 22.26 -17.58 28.89
CA PRO B 446 20.81 -17.80 28.72
C PRO B 446 20.56 -19.07 27.92
N SER B 447 19.53 -19.81 28.32
CA SER B 447 19.23 -21.09 27.73
C SER B 447 18.35 -20.93 26.48
N TYR B 448 18.09 -22.05 25.82
CA TYR B 448 17.23 -22.05 24.64
C TYR B 448 15.87 -21.45 24.96
N GLU B 449 15.29 -21.85 26.09
CA GLU B 449 13.95 -21.38 26.45
C GLU B 449 13.93 -19.88 26.69
N GLU B 450 14.96 -19.35 27.36
CA GLU B 450 14.99 -17.93 27.66
C GLU B 450 15.06 -17.09 26.39
N ILE B 451 15.77 -17.59 25.38
CA ILE B 451 15.97 -16.82 24.15
C ILE B 451 14.75 -16.92 23.24
N TRP B 452 14.31 -18.14 22.95
CA TRP B 452 13.26 -18.38 21.96
C TRP B 452 11.88 -18.61 22.57
N GLY B 453 11.74 -18.58 23.89
CA GLY B 453 10.47 -18.89 24.53
C GLY B 453 9.35 -17.92 24.16
N SER C 6 -3.02 -33.92 -51.30
CA SER C 6 -1.92 -32.97 -51.12
C SER C 6 -2.28 -31.59 -51.68
N ILE C 7 -1.47 -30.59 -51.33
CA ILE C 7 -1.76 -29.22 -51.76
C ILE C 7 -1.70 -29.10 -53.28
N LYS C 8 -0.69 -29.72 -53.89
CA LYS C 8 -0.55 -29.61 -55.35
C LYS C 8 -1.73 -30.24 -56.06
N GLU C 9 -2.29 -31.31 -55.50
CA GLU C 9 -3.53 -31.87 -56.05
C GLU C 9 -4.68 -30.87 -55.91
N LEU C 10 -4.78 -30.21 -54.76
CA LEU C 10 -5.87 -29.28 -54.53
C LEU C 10 -5.76 -28.07 -55.47
N ILE C 11 -4.56 -27.49 -55.57
CA ILE C 11 -4.36 -26.33 -56.44
C ILE C 11 -4.75 -26.66 -57.87
N GLU C 12 -4.35 -27.84 -58.36
CA GLU C 12 -4.63 -28.22 -59.74
C GLU C 12 -6.13 -28.43 -59.95
N LYS C 13 -6.79 -29.13 -59.04
CA LYS C 13 -8.23 -29.32 -59.16
C LYS C 13 -8.97 -27.99 -59.08
N ALA C 14 -8.40 -27.01 -58.38
CA ALA C 14 -9.01 -25.68 -58.30
C ALA C 14 -8.79 -24.89 -59.58
N LYS C 15 -7.58 -24.97 -60.16
CA LYS C 15 -7.33 -24.30 -61.43
C LYS C 15 -8.22 -24.85 -62.53
N VAL C 16 -8.47 -26.17 -62.51
CA VAL C 16 -9.39 -26.77 -63.46
C VAL C 16 -10.80 -26.21 -63.28
N ALA C 17 -11.31 -26.27 -62.05
CA ALA C 17 -12.65 -25.76 -61.77
C ALA C 17 -12.77 -24.27 -62.09
N GLN C 18 -11.71 -23.51 -61.83
CA GLN C 18 -11.75 -22.07 -62.07
C GLN C 18 -11.93 -21.75 -63.54
N LYS C 19 -11.29 -22.53 -64.42
CA LYS C 19 -11.48 -22.31 -65.86
C LYS C 19 -12.91 -22.65 -66.28
N LYS C 20 -13.49 -23.70 -65.69
CA LYS C 20 -14.88 -24.00 -65.97
C LYS C 20 -15.80 -22.90 -65.46
N LEU C 21 -15.44 -22.29 -64.32
CA LEU C 21 -16.27 -21.24 -63.73
C LEU C 21 -16.08 -19.90 -64.43
N GLU C 22 -14.89 -19.63 -64.96
CA GLU C 22 -14.67 -18.38 -65.69
C GLU C 22 -15.62 -18.24 -66.88
N ALA C 23 -16.18 -19.35 -67.36
CA ALA C 23 -17.15 -19.30 -68.44
C ALA C 23 -18.50 -18.77 -67.99
N TYR C 24 -18.75 -18.72 -66.68
CA TYR C 24 -20.07 -18.36 -66.18
C TYR C 24 -20.35 -16.87 -66.38
N SER C 25 -21.64 -16.56 -66.56
CA SER C 25 -22.11 -15.19 -66.68
C SER C 25 -22.38 -14.60 -65.30
N GLN C 26 -22.70 -13.31 -65.27
CA GLN C 26 -23.02 -12.65 -64.00
C GLN C 26 -24.20 -13.31 -63.32
N GLU C 27 -25.25 -13.63 -64.08
CA GLU C 27 -26.45 -14.23 -63.48
C GLU C 27 -26.20 -15.64 -62.98
N GLN C 28 -25.24 -16.35 -63.57
CA GLN C 28 -24.99 -17.73 -63.17
C GLN C 28 -24.13 -17.82 -61.92
N VAL C 29 -23.20 -16.88 -61.72
CA VAL C 29 -22.46 -16.88 -60.47
C VAL C 29 -23.32 -16.34 -59.33
N ASP C 30 -24.24 -15.42 -59.63
CA ASP C 30 -25.12 -14.89 -58.59
C ASP C 30 -26.02 -16.00 -58.03
N VAL C 31 -26.44 -16.93 -58.88
CA VAL C 31 -27.25 -18.05 -58.41
C VAL C 31 -26.46 -18.89 -57.41
N LEU C 32 -25.19 -19.16 -57.71
CA LEU C 32 -24.37 -19.95 -56.81
C LEU C 32 -24.08 -19.19 -55.52
N VAL C 33 -23.75 -17.90 -55.64
CA VAL C 33 -23.36 -17.11 -54.47
C VAL C 33 -24.52 -17.02 -53.48
N LYS C 34 -25.74 -16.77 -53.99
CA LYS C 34 -26.90 -16.66 -53.12
C LYS C 34 -27.13 -17.95 -52.35
N ALA C 35 -27.08 -19.09 -53.05
CA ALA C 35 -27.31 -20.38 -52.39
C ALA C 35 -26.27 -20.65 -51.31
N LEU C 36 -25.03 -20.17 -51.49
CA LEU C 36 -24.01 -20.39 -50.48
C LEU C 36 -24.36 -19.68 -49.17
N GLY C 37 -24.89 -18.45 -49.28
CA GLY C 37 -25.33 -17.76 -48.08
C GLY C 37 -26.55 -18.41 -47.46
N LYS C 38 -27.53 -18.80 -48.30
CA LYS C 38 -28.76 -19.37 -47.80
C LYS C 38 -28.53 -20.69 -47.07
N VAL C 39 -27.50 -21.45 -47.48
CA VAL C 39 -27.17 -22.70 -46.79
C VAL C 39 -26.81 -22.44 -45.35
N VAL C 40 -26.02 -21.39 -45.10
CA VAL C 40 -25.64 -21.06 -43.72
C VAL C 40 -26.84 -20.53 -42.95
N TYR C 41 -27.66 -19.70 -43.59
CA TYR C 41 -28.87 -19.19 -42.93
C TYR C 41 -29.78 -20.34 -42.49
N ASP C 42 -30.12 -21.22 -43.43
CA ASP C 42 -31.10 -22.26 -43.15
C ASP C 42 -30.59 -23.27 -42.13
N ASN C 43 -29.28 -23.47 -42.05
CA ASN C 43 -28.69 -24.44 -41.12
C ASN C 43 -27.98 -23.76 -39.96
N ALA C 44 -28.38 -22.54 -39.62
CA ALA C 44 -27.67 -21.79 -38.58
C ALA C 44 -27.68 -22.53 -37.24
N GLU C 45 -28.82 -23.12 -36.89
CA GLU C 45 -28.94 -23.78 -35.59
C GLU C 45 -27.97 -24.95 -35.46
N MET C 46 -27.88 -25.79 -36.49
CA MET C 46 -26.96 -26.92 -36.44
C MET C 46 -25.51 -26.46 -36.41
N PHE C 47 -25.16 -25.51 -37.29
CA PHE C 47 -23.78 -25.02 -37.33
C PHE C 47 -23.38 -24.37 -36.02
N ALA C 48 -24.26 -23.58 -35.43
CA ALA C 48 -23.92 -22.87 -34.19
C ALA C 48 -23.68 -23.84 -33.05
N LYS C 49 -24.51 -24.87 -32.93
CA LYS C 49 -24.30 -25.87 -31.88
C LYS C 49 -22.97 -26.58 -32.06
N GLU C 50 -22.67 -27.02 -33.29
CA GLU C 50 -21.41 -27.71 -33.54
C GLU C 50 -20.21 -26.82 -33.25
N ALA C 51 -20.29 -25.54 -33.60
CA ALA C 51 -19.16 -24.63 -33.41
C ALA C 51 -18.87 -24.41 -31.92
N VAL C 52 -19.91 -24.15 -31.13
CA VAL C 52 -19.69 -23.95 -29.69
C VAL C 52 -19.10 -25.21 -29.06
N GLU C 53 -19.62 -26.38 -29.43
CA GLU C 53 -19.13 -27.63 -28.85
C GLU C 53 -17.69 -27.91 -29.25
N GLU C 54 -17.38 -27.82 -30.55
CA GLU C 54 -16.04 -28.19 -31.02
C GLU C 54 -14.98 -27.17 -30.61
N THR C 55 -15.25 -25.88 -30.81
CA THR C 55 -14.27 -24.85 -30.46
C THR C 55 -14.23 -24.54 -28.97
N GLU C 56 -15.21 -25.00 -28.21
CA GLU C 56 -15.27 -24.77 -26.75
C GLU C 56 -15.26 -23.27 -26.42
N MET C 57 -15.95 -22.48 -27.23
CA MET C 57 -16.04 -21.05 -26.96
C MET C 57 -17.30 -20.51 -27.61
N GLY C 58 -17.73 -19.35 -27.13
CA GLY C 58 -18.87 -18.68 -27.70
C GLY C 58 -20.20 -19.11 -27.11
N VAL C 59 -21.25 -18.53 -27.68
CA VAL C 59 -22.62 -18.71 -27.21
C VAL C 59 -23.49 -19.16 -28.37
N TYR C 60 -24.23 -20.25 -28.16
CA TYR C 60 -25.09 -20.82 -29.20
C TYR C 60 -25.97 -19.76 -29.85
N GLU C 61 -26.78 -19.06 -29.04
CA GLU C 61 -27.73 -18.09 -29.59
C GLU C 61 -27.03 -17.00 -30.38
N ASP C 62 -25.84 -16.58 -29.94
CA ASP C 62 -25.14 -15.51 -30.63
C ASP C 62 -24.60 -15.97 -31.97
N LYS C 63 -24.14 -17.23 -32.05
CA LYS C 63 -23.67 -17.75 -33.34
C LYS C 63 -24.83 -18.00 -34.29
N VAL C 64 -26.02 -18.30 -33.77
CA VAL C 64 -27.20 -18.41 -34.63
C VAL C 64 -27.51 -17.06 -35.24
N ALA C 65 -27.50 -16.01 -34.43
CA ALA C 65 -27.71 -14.67 -34.96
C ALA C 65 -26.58 -14.27 -35.90
N LYS C 66 -25.36 -14.70 -35.60
CA LYS C 66 -24.23 -14.40 -36.48
C LYS C 66 -24.44 -15.00 -37.87
N CYS C 67 -24.77 -16.30 -37.93
CA CYS C 67 -25.03 -16.94 -39.22
C CYS C 67 -26.19 -16.27 -39.95
N HIS C 68 -27.25 -15.93 -39.24
CA HIS C 68 -28.41 -15.29 -39.86
C HIS C 68 -28.04 -13.92 -40.43
N LEU C 69 -27.33 -13.11 -39.65
CA LEU C 69 -27.03 -11.74 -40.07
C LEU C 69 -26.01 -11.72 -41.21
N LYS C 70 -24.89 -12.43 -41.04
CA LYS C 70 -23.81 -12.35 -42.02
C LYS C 70 -24.26 -12.86 -43.38
N SER C 71 -24.89 -14.03 -43.42
CA SER C 71 -25.35 -14.59 -44.68
C SER C 71 -26.29 -13.63 -45.41
N GLY C 72 -27.29 -13.12 -44.70
CA GLY C 72 -28.27 -12.25 -45.34
C GLY C 72 -27.71 -10.89 -45.67
N ALA C 73 -26.87 -10.32 -44.80
CA ALA C 73 -26.33 -9.00 -45.06
C ALA C 73 -25.32 -9.02 -46.20
N ILE C 74 -24.54 -10.09 -46.32
CA ILE C 74 -23.57 -10.18 -47.40
C ILE C 74 -24.28 -10.33 -48.74
N TRP C 75 -25.22 -11.28 -48.84
CA TRP C 75 -25.96 -11.44 -50.07
C TRP C 75 -26.71 -10.17 -50.45
N ASN C 76 -27.31 -9.50 -49.46
CA ASN C 76 -28.03 -8.26 -49.74
C ASN C 76 -27.09 -7.18 -50.26
N HIS C 77 -25.81 -7.25 -49.91
CA HIS C 77 -24.86 -6.23 -50.35
C HIS C 77 -24.28 -6.51 -51.73
N ILE C 78 -24.14 -7.77 -52.11
CA ILE C 78 -23.46 -8.13 -53.34
C ILE C 78 -24.41 -8.68 -54.40
N LYS C 79 -25.72 -8.66 -54.16
CA LYS C 79 -26.67 -9.23 -55.11
C LYS C 79 -26.62 -8.50 -56.45
N ASP C 80 -26.48 -7.17 -56.43
CA ASP C 80 -26.56 -6.37 -57.63
C ASP C 80 -25.21 -5.82 -58.08
N LYS C 81 -24.12 -6.30 -57.51
CA LYS C 81 -22.80 -5.83 -57.88
C LYS C 81 -22.31 -6.53 -59.14
N LYS C 82 -21.77 -5.75 -60.07
CA LYS C 82 -21.29 -6.31 -61.37
C LYS C 82 -19.83 -6.72 -61.21
N THR C 83 -19.56 -8.00 -61.40
CA THR C 83 -18.20 -8.51 -61.12
C THR C 83 -17.75 -9.43 -62.25
N VAL C 84 -18.48 -9.46 -63.35
CA VAL C 84 -18.15 -10.38 -64.49
C VAL C 84 -18.11 -9.58 -65.79
N GLY C 85 -16.95 -9.55 -66.42
CA GLY C 85 -16.81 -8.89 -67.74
C GLY C 85 -16.81 -7.38 -67.66
N ILE C 86 -17.36 -6.73 -68.67
CA ILE C 86 -17.38 -5.28 -68.71
C ILE C 86 -18.40 -4.77 -67.71
N ILE C 87 -17.95 -3.98 -66.75
CA ILE C 87 -18.84 -3.59 -65.63
C ILE C 87 -19.03 -2.06 -65.57
N LYS C 88 -18.30 -1.29 -66.37
CA LYS C 88 -18.45 0.18 -66.25
C LYS C 88 -18.00 0.92 -67.50
N GLU C 89 -18.81 1.89 -67.93
CA GLU C 89 -18.47 2.75 -69.06
C GLU C 89 -18.26 4.16 -68.52
N GLU C 90 -17.14 4.77 -68.89
CA GLU C 90 -16.76 6.10 -68.42
C GLU C 90 -16.33 6.96 -69.60
N PRO C 91 -17.29 7.43 -70.40
CA PRO C 91 -16.92 8.14 -71.64
C PRO C 91 -16.16 9.44 -71.39
N GLU C 92 -16.37 10.10 -70.25
CA GLU C 92 -15.65 11.35 -70.00
C GLU C 92 -14.16 11.12 -69.77
N ARG C 93 -13.75 9.88 -69.51
CA ARG C 93 -12.34 9.51 -69.46
C ARG C 93 -11.94 8.57 -70.58
N ALA C 94 -12.87 8.24 -71.48
CA ALA C 94 -12.62 7.30 -72.58
C ALA C 94 -12.07 5.97 -72.04
N LEU C 95 -12.73 5.47 -70.99
CA LEU C 95 -12.34 4.22 -70.33
C LEU C 95 -13.50 3.25 -70.33
N VAL C 96 -13.16 1.96 -70.41
CA VAL C 96 -14.11 0.87 -70.19
C VAL C 96 -13.48 -0.11 -69.21
N TYR C 97 -14.20 -0.46 -68.15
CA TYR C 97 -13.68 -1.30 -67.08
C TYR C 97 -14.17 -2.73 -67.25
N VAL C 98 -13.25 -3.69 -67.09
CA VAL C 98 -13.54 -5.10 -67.23
C VAL C 98 -13.14 -5.80 -65.94
N ALA C 99 -14.02 -6.69 -65.45
CA ALA C 99 -13.78 -7.44 -64.22
C ALA C 99 -13.32 -8.85 -64.57
N LYS C 100 -12.14 -9.23 -64.08
CA LYS C 100 -11.58 -10.53 -64.38
C LYS C 100 -11.21 -11.25 -63.09
N PRO C 101 -11.45 -12.56 -63.01
CA PRO C 101 -11.09 -13.32 -61.81
C PRO C 101 -9.60 -13.28 -61.55
N LYS C 102 -9.24 -13.42 -60.27
CA LYS C 102 -7.84 -13.57 -59.89
C LYS C 102 -7.38 -15.02 -59.90
N GLY C 103 -8.31 -15.97 -59.93
CA GLY C 103 -7.92 -17.37 -60.03
C GLY C 103 -8.28 -18.20 -58.82
N VAL C 104 -7.26 -18.71 -58.12
CA VAL C 104 -7.44 -19.60 -56.99
C VAL C 104 -7.13 -18.83 -55.72
N VAL C 105 -8.11 -18.81 -54.80
CA VAL C 105 -7.99 -18.11 -53.53
C VAL C 105 -7.61 -19.11 -52.45
N ALA C 106 -6.60 -18.78 -51.65
CA ALA C 106 -6.27 -19.53 -50.46
C ALA C 106 -6.80 -18.76 -49.25
N ALA C 107 -7.68 -19.39 -48.48
CA ALA C 107 -8.34 -18.75 -47.34
C ALA C 107 -8.08 -19.55 -46.07
N THR C 108 -7.40 -18.94 -45.12
CA THR C 108 -7.24 -19.51 -43.79
C THR C 108 -8.29 -18.88 -42.87
N THR C 109 -9.11 -19.72 -42.24
CA THR C 109 -10.25 -19.27 -41.47
C THR C 109 -10.05 -19.47 -39.97
N PRO C 110 -10.64 -18.62 -39.13
CA PRO C 110 -10.31 -18.61 -37.70
C PRO C 110 -11.17 -19.59 -36.89
N ILE C 111 -10.77 -19.76 -35.64
CA ILE C 111 -11.56 -20.57 -34.71
C ILE C 111 -12.77 -19.81 -34.18
N THR C 112 -12.75 -18.48 -34.22
CA THR C 112 -13.81 -17.68 -33.62
C THR C 112 -15.03 -17.55 -34.51
N ASN C 113 -14.84 -17.57 -35.83
CA ASN C 113 -15.94 -17.51 -36.79
C ASN C 113 -15.79 -18.63 -37.81
N PRO C 114 -15.81 -19.89 -37.35
CA PRO C 114 -15.45 -21.00 -38.24
C PRO C 114 -16.50 -21.33 -39.29
N VAL C 115 -17.71 -20.79 -39.17
CA VAL C 115 -18.78 -21.09 -40.11
C VAL C 115 -18.99 -19.95 -41.10
N VAL C 116 -19.07 -18.71 -40.62
CA VAL C 116 -19.38 -17.60 -41.51
C VAL C 116 -18.17 -17.12 -42.30
N THR C 117 -16.94 -17.40 -41.84
CA THR C 117 -15.78 -16.94 -42.61
C THR C 117 -15.56 -17.78 -43.87
N PRO C 118 -15.63 -19.12 -43.83
CA PRO C 118 -15.60 -19.85 -45.10
C PRO C 118 -16.74 -19.45 -46.02
N MET C 119 -17.91 -19.14 -45.45
CA MET C 119 -19.05 -18.71 -46.25
C MET C 119 -18.79 -17.35 -46.90
N CYS C 120 -18.35 -16.38 -46.10
CA CYS C 120 -18.08 -15.04 -46.63
C CYS C 120 -16.99 -15.08 -47.70
N ASN C 121 -15.92 -15.83 -47.43
CA ASN C 121 -14.83 -15.92 -48.39
C ASN C 121 -15.27 -16.62 -49.67
N ALA C 122 -16.04 -17.71 -49.54
CA ALA C 122 -16.49 -18.44 -50.71
C ALA C 122 -17.41 -17.59 -51.58
N MET C 123 -18.37 -16.90 -50.95
CA MET C 123 -19.26 -16.02 -51.71
C MET C 123 -18.48 -14.92 -52.41
N ALA C 124 -17.54 -14.29 -51.70
CA ALA C 124 -16.77 -13.21 -52.31
C ALA C 124 -15.91 -13.73 -53.47
N ALA C 125 -15.38 -14.95 -53.35
CA ALA C 125 -14.55 -15.51 -54.40
C ALA C 125 -15.38 -15.87 -55.62
N ILE C 126 -16.44 -16.68 -55.43
CA ILE C 126 -17.23 -17.17 -56.55
C ILE C 126 -18.03 -16.06 -57.23
N LYS C 127 -18.26 -14.95 -56.53
CA LYS C 127 -18.91 -13.79 -57.16
C LYS C 127 -18.07 -13.23 -58.30
N GLY C 128 -16.75 -13.42 -58.25
CA GLY C 128 -15.87 -12.92 -59.29
C GLY C 128 -15.26 -14.02 -60.14
N ARG C 129 -15.88 -15.20 -60.12
CA ARG C 129 -15.46 -16.37 -60.91
C ARG C 129 -14.14 -16.96 -60.40
N ASN C 130 -13.85 -16.78 -59.13
CA ASN C 130 -12.70 -17.41 -58.50
C ASN C 130 -13.10 -18.74 -57.87
N THR C 131 -12.12 -19.59 -57.65
CA THR C 131 -12.26 -20.77 -56.80
C THR C 131 -11.51 -20.53 -55.51
N ILE C 132 -11.77 -21.40 -54.52
CA ILE C 132 -11.28 -21.17 -53.17
C ILE C 132 -10.91 -22.50 -52.52
N ILE C 133 -9.81 -22.48 -51.77
CA ILE C 133 -9.38 -23.61 -50.94
C ILE C 133 -9.33 -23.13 -49.49
N VAL C 134 -10.10 -23.79 -48.64
CA VAL C 134 -10.24 -23.36 -47.24
C VAL C 134 -9.24 -24.14 -46.39
N ALA C 135 -8.43 -23.40 -45.62
CA ALA C 135 -7.58 -24.00 -44.59
C ALA C 135 -8.12 -23.60 -43.22
N PRO C 136 -8.92 -24.44 -42.57
CA PRO C 136 -9.53 -24.05 -41.30
C PRO C 136 -8.56 -24.17 -40.14
N HIS C 137 -8.91 -23.51 -39.04
CA HIS C 137 -8.17 -23.69 -37.81
C HIS C 137 -8.32 -25.13 -37.33
N PRO C 138 -7.25 -25.75 -36.83
CA PRO C 138 -7.35 -27.15 -36.40
C PRO C 138 -8.44 -27.40 -35.37
N LYS C 139 -8.58 -26.52 -34.38
CA LYS C 139 -9.61 -26.70 -33.37
C LYS C 139 -11.01 -26.38 -33.86
N ALA C 140 -11.18 -26.04 -35.14
CA ALA C 140 -12.49 -25.84 -35.75
C ALA C 140 -12.63 -26.60 -37.06
N LYS C 141 -11.74 -27.56 -37.32
CA LYS C 141 -11.67 -28.18 -38.63
C LYS C 141 -12.95 -28.93 -38.99
N LYS C 142 -13.67 -29.44 -37.98
CA LYS C 142 -14.85 -30.24 -38.27
C LYS C 142 -16.02 -29.37 -38.71
N VAL C 143 -16.36 -28.33 -37.93
CA VAL C 143 -17.51 -27.52 -38.27
C VAL C 143 -17.25 -26.71 -39.55
N SER C 144 -16.00 -26.31 -39.78
CA SER C 144 -15.66 -25.67 -41.04
C SER C 144 -15.87 -26.63 -42.21
N ALA C 145 -15.34 -27.86 -42.08
CA ALA C 145 -15.53 -28.86 -43.13
C ALA C 145 -17.01 -29.16 -43.35
N HIS C 146 -17.80 -29.17 -42.27
CA HIS C 146 -19.24 -29.40 -42.42
C HIS C 146 -19.91 -28.25 -43.14
N THR C 147 -19.42 -27.02 -42.95
CA THR C 147 -19.94 -25.89 -43.70
C THR C 147 -19.61 -26.01 -45.18
N VAL C 148 -18.35 -26.29 -45.50
CA VAL C 148 -17.95 -26.49 -46.89
C VAL C 148 -18.74 -27.63 -47.51
N GLU C 149 -19.02 -28.68 -46.72
CA GLU C 149 -19.73 -29.84 -47.24
C GLU C 149 -21.13 -29.46 -47.71
N LEU C 150 -21.92 -28.83 -46.85
CA LEU C 150 -23.29 -28.47 -47.21
C LEU C 150 -23.32 -27.38 -48.28
N MET C 151 -22.27 -26.58 -48.39
CA MET C 151 -22.18 -25.64 -49.51
C MET C 151 -21.98 -26.38 -50.82
N ASN C 152 -21.08 -27.36 -50.83
CA ASN C 152 -20.82 -28.12 -52.05
C ASN C 152 -22.02 -28.96 -52.44
N ALA C 153 -22.82 -29.41 -51.48
CA ALA C 153 -24.02 -30.18 -51.81
C ALA C 153 -25.04 -29.33 -52.57
N GLU C 154 -25.12 -28.03 -52.26
CA GLU C 154 -26.06 -27.17 -52.96
C GLU C 154 -25.49 -26.64 -54.27
N LEU C 155 -24.17 -26.52 -54.37
CA LEU C 155 -23.56 -26.17 -55.65
C LEU C 155 -23.72 -27.30 -56.65
N LYS C 156 -23.39 -28.53 -56.25
CA LYS C 156 -23.57 -29.68 -57.13
C LYS C 156 -25.02 -29.84 -57.54
N LYS C 157 -25.96 -29.51 -56.65
CA LYS C 157 -27.37 -29.52 -57.01
C LYS C 157 -27.67 -28.52 -58.12
N LEU C 158 -26.99 -27.37 -58.13
CA LEU C 158 -27.16 -26.35 -59.14
C LEU C 158 -26.26 -26.56 -60.35
N GLY C 159 -25.65 -27.73 -60.48
CA GLY C 159 -24.83 -28.02 -61.64
C GLY C 159 -23.54 -27.23 -61.73
N ALA C 160 -23.03 -26.74 -60.59
CA ALA C 160 -21.81 -25.96 -60.59
C ALA C 160 -20.62 -26.82 -61.01
N PRO C 161 -19.54 -26.19 -61.48
CA PRO C 161 -18.30 -26.95 -61.68
C PRO C 161 -17.84 -27.58 -60.38
N GLU C 162 -17.44 -28.84 -60.46
CA GLU C 162 -16.96 -29.53 -59.27
C GLU C 162 -15.66 -28.92 -58.79
N ASN C 163 -15.50 -28.88 -57.47
CA ASN C 163 -14.27 -28.45 -56.79
C ASN C 163 -14.03 -26.95 -56.85
N ILE C 164 -15.07 -26.14 -57.04
CA ILE C 164 -14.86 -24.70 -56.92
C ILE C 164 -14.68 -24.29 -55.46
N ILE C 165 -15.14 -25.13 -54.52
CA ILE C 165 -14.82 -24.99 -53.11
C ILE C 165 -14.16 -26.28 -52.65
N GLN C 166 -12.98 -26.16 -52.04
CA GLN C 166 -12.27 -27.29 -51.47
C GLN C 166 -11.76 -26.90 -50.08
N ILE C 167 -11.38 -27.90 -49.30
CA ILE C 167 -10.91 -27.66 -47.94
C ILE C 167 -9.82 -28.68 -47.61
N VAL C 168 -8.80 -28.21 -46.90
CA VAL C 168 -7.70 -29.05 -46.44
C VAL C 168 -8.01 -29.53 -45.03
N GLU C 169 -7.75 -30.80 -44.76
CA GLU C 169 -7.96 -31.33 -43.41
C GLU C 169 -6.75 -31.07 -42.52
N ALA C 170 -5.61 -31.65 -42.88
CA ALA C 170 -4.40 -31.51 -42.07
C ALA C 170 -3.89 -30.07 -42.14
N PRO C 171 -3.79 -29.37 -41.00
CA PRO C 171 -3.30 -28.00 -41.02
C PRO C 171 -1.78 -27.91 -41.02
N SER C 172 -1.13 -28.87 -41.66
CA SER C 172 0.31 -28.91 -41.76
C SER C 172 0.84 -27.58 -42.29
N ARG C 173 1.63 -26.88 -41.47
CA ARG C 173 2.14 -25.59 -41.88
C ARG C 173 3.12 -25.69 -43.05
N GLU C 174 3.66 -26.89 -43.32
CA GLU C 174 4.33 -27.11 -44.60
C GLU C 174 3.33 -27.10 -45.74
N ALA C 175 2.07 -27.42 -45.46
CA ALA C 175 1.02 -27.42 -46.46
C ALA C 175 0.21 -26.13 -46.49
N ALA C 176 0.11 -25.42 -45.35
CA ALA C 176 -0.55 -24.12 -45.34
C ALA C 176 0.33 -23.05 -45.95
N LYS C 177 1.65 -23.13 -45.73
CA LYS C 177 2.57 -22.25 -46.44
C LYS C 177 2.61 -22.58 -47.93
N GLU C 178 2.60 -23.87 -48.26
CA GLU C 178 2.57 -24.29 -49.66
C GLU C 178 1.29 -23.84 -50.34
N LEU C 179 0.16 -23.90 -49.63
CA LEU C 179 -1.11 -23.47 -50.21
C LEU C 179 -1.09 -21.98 -50.48
N MET C 180 -0.64 -21.18 -49.51
CA MET C 180 -0.61 -19.73 -49.70
C MET C 180 0.37 -19.33 -50.80
N GLU C 181 1.49 -20.05 -50.94
CA GLU C 181 2.47 -19.74 -51.96
C GLU C 181 2.00 -20.16 -53.35
N SER C 182 1.16 -21.18 -53.45
CA SER C 182 0.72 -21.67 -54.75
C SER C 182 -0.51 -20.93 -55.27
N ALA C 183 -1.35 -20.41 -54.38
CA ALA C 183 -2.59 -19.78 -54.82
C ALA C 183 -2.31 -18.43 -55.46
N ASP C 184 -3.30 -17.94 -56.22
CA ASP C 184 -3.15 -16.65 -56.88
C ASP C 184 -3.34 -15.49 -55.91
N VAL C 185 -4.12 -15.70 -54.85
CA VAL C 185 -4.43 -14.63 -53.90
C VAL C 185 -4.75 -15.27 -52.54
N VAL C 186 -4.40 -14.56 -51.48
CA VAL C 186 -4.45 -15.10 -50.12
C VAL C 186 -5.41 -14.26 -49.28
N ILE C 187 -6.28 -14.95 -48.52
CA ILE C 187 -7.03 -14.33 -47.43
C ILE C 187 -6.64 -15.04 -46.15
N ALA C 188 -6.20 -14.27 -45.15
CA ALA C 188 -5.84 -14.81 -43.84
C ALA C 188 -6.70 -14.11 -42.78
N THR C 189 -7.71 -14.81 -42.29
CA THR C 189 -8.53 -14.33 -41.18
C THR C 189 -8.13 -15.13 -39.95
N GLY C 190 -7.46 -14.47 -39.02
CA GLY C 190 -6.94 -15.15 -37.85
C GLY C 190 -6.02 -14.24 -37.05
N GLY C 191 -5.09 -14.86 -36.34
CA GLY C 191 -4.16 -14.13 -35.50
C GLY C 191 -2.97 -13.57 -36.26
N ALA C 192 -2.12 -12.84 -35.54
CA ALA C 192 -0.95 -12.22 -36.16
C ALA C 192 -0.05 -13.23 -36.82
N GLY C 193 -0.13 -14.51 -36.43
CA GLY C 193 0.71 -15.54 -37.00
C GLY C 193 0.44 -15.84 -38.46
N ARG C 194 -0.76 -16.30 -38.79
CA ARG C 194 -1.07 -16.62 -40.19
C ARG C 194 -1.22 -15.38 -41.05
N VAL C 195 -1.33 -14.19 -40.46
CA VAL C 195 -1.40 -12.97 -41.24
C VAL C 195 0.00 -12.58 -41.73
N LYS C 196 0.98 -12.58 -40.83
CA LYS C 196 2.36 -12.33 -41.25
C LYS C 196 2.83 -13.39 -42.24
N ALA C 197 2.37 -14.63 -42.08
CA ALA C 197 2.70 -15.68 -43.03
C ALA C 197 2.01 -15.45 -44.37
N ALA C 198 0.85 -14.80 -44.37
CA ALA C 198 0.19 -14.48 -45.63
C ALA C 198 0.98 -13.43 -46.42
N TYR C 199 1.45 -12.39 -45.74
CA TYR C 199 2.21 -11.33 -46.38
C TYR C 199 3.69 -11.69 -46.58
N SER C 200 4.05 -12.95 -46.33
CA SER C 200 5.38 -13.46 -46.62
C SER C 200 5.37 -14.57 -47.65
N SER C 201 4.24 -14.79 -48.32
CA SER C 201 4.07 -15.91 -49.24
C SER C 201 4.46 -15.59 -50.67
N GLY C 202 4.84 -14.35 -50.97
CA GLY C 202 5.12 -13.98 -52.33
C GLY C 202 3.90 -13.84 -53.22
N ARG C 203 2.69 -13.91 -52.65
CA ARG C 203 1.46 -13.74 -53.38
C ARG C 203 0.64 -12.59 -52.80
N PRO C 204 -0.21 -11.95 -53.59
CA PRO C 204 -1.04 -10.86 -53.06
C PRO C 204 -1.99 -11.39 -51.99
N ALA C 205 -1.98 -10.72 -50.83
CA ALA C 205 -2.65 -11.23 -49.65
C ALA C 205 -3.54 -10.17 -49.01
N TYR C 206 -4.63 -10.64 -48.42
CA TYR C 206 -5.54 -9.82 -47.62
C TYR C 206 -5.64 -10.45 -46.24
N GLY C 207 -5.13 -9.76 -45.23
CA GLY C 207 -5.13 -10.24 -43.87
C GLY C 207 -6.04 -9.44 -42.96
N VAL C 208 -5.97 -9.78 -41.68
CA VAL C 208 -6.63 -9.05 -40.63
C VAL C 208 -5.60 -8.68 -39.58
N GLY C 209 -6.03 -7.87 -38.62
CA GLY C 209 -5.20 -7.53 -37.49
C GLY C 209 -5.90 -7.92 -36.21
N PRO C 210 -5.15 -7.96 -35.11
CA PRO C 210 -5.79 -8.14 -33.80
C PRO C 210 -6.64 -6.93 -33.47
N GLY C 211 -7.79 -7.18 -32.86
CA GLY C 211 -8.64 -6.09 -32.42
C GLY C 211 -8.24 -5.60 -31.04
N ASN C 212 -8.80 -4.44 -30.68
CA ASN C 212 -8.75 -3.91 -29.33
C ASN C 212 -9.62 -2.67 -29.25
N SER C 213 -10.92 -2.83 -29.53
CA SER C 213 -11.83 -1.71 -29.66
C SER C 213 -11.86 -0.84 -28.41
N GLN C 214 -11.32 0.37 -28.51
CA GLN C 214 -11.45 1.36 -27.45
C GLN C 214 -12.78 2.10 -27.59
N VAL C 215 -13.42 2.38 -26.46
CA VAL C 215 -14.74 3.00 -26.45
C VAL C 215 -14.70 4.25 -25.58
N ILE C 216 -15.08 5.38 -26.15
CA ILE C 216 -15.18 6.64 -25.42
C ILE C 216 -16.65 6.94 -25.21
N VAL C 217 -17.04 7.12 -23.95
CA VAL C 217 -18.37 7.60 -23.59
C VAL C 217 -18.25 9.11 -23.37
N ASP C 218 -18.92 9.89 -24.20
CA ASP C 218 -18.78 11.34 -24.15
C ASP C 218 -19.64 11.93 -23.04
N LYS C 219 -19.19 13.07 -22.50
CA LYS C 219 -19.91 13.76 -21.45
C LYS C 219 -21.32 14.14 -21.90
N GLY C 220 -22.31 13.79 -21.09
CA GLY C 220 -23.67 14.19 -21.34
C GLY C 220 -24.46 13.28 -22.25
N TYR C 221 -23.84 12.25 -22.82
CA TYR C 221 -24.58 11.28 -23.61
C TYR C 221 -25.50 10.46 -22.71
N ASP C 222 -26.51 9.85 -23.31
CA ASP C 222 -27.40 8.93 -22.61
C ASP C 222 -26.61 7.70 -22.18
N TYR C 223 -26.16 7.69 -20.91
CA TYR C 223 -25.30 6.62 -20.41
C TYR C 223 -26.02 5.28 -20.38
N ASN C 224 -27.34 5.29 -20.25
CA ASN C 224 -28.08 4.03 -20.25
C ASN C 224 -28.02 3.38 -21.62
N LYS C 225 -28.11 4.18 -22.68
CA LYS C 225 -28.01 3.63 -24.03
C LYS C 225 -26.58 3.20 -24.33
N ALA C 226 -25.60 4.01 -23.92
CA ALA C 226 -24.20 3.65 -24.13
C ALA C 226 -23.89 2.33 -23.44
N ALA C 227 -24.30 2.19 -22.18
CA ALA C 227 -24.04 0.96 -21.43
C ALA C 227 -24.70 -0.24 -22.09
N GLN C 228 -25.95 -0.10 -22.53
CA GLN C 228 -26.64 -1.20 -23.22
C GLN C 228 -25.90 -1.60 -24.49
N ASP C 229 -25.46 -0.62 -25.29
CA ASP C 229 -24.76 -0.95 -26.53
C ASP C 229 -23.40 -1.57 -26.26
N ILE C 230 -22.67 -1.03 -25.28
CA ILE C 230 -21.33 -1.54 -24.97
C ILE C 230 -21.41 -2.95 -24.39
N ILE C 231 -22.39 -3.20 -23.51
CA ILE C 231 -22.57 -4.55 -22.97
C ILE C 231 -22.97 -5.52 -24.06
N THR C 232 -23.87 -5.11 -24.95
CA THR C 232 -24.30 -5.97 -26.05
C THR C 232 -23.11 -6.47 -26.87
N GLY C 233 -22.19 -5.56 -27.20
CA GLY C 233 -21.06 -5.94 -28.04
C GLY C 233 -19.95 -6.64 -27.29
N ARG C 234 -19.79 -6.31 -26.00
CA ARG C 234 -18.74 -6.96 -25.21
C ARG C 234 -19.08 -8.43 -24.94
N LYS C 235 -20.35 -8.74 -24.74
CA LYS C 235 -20.77 -10.07 -24.32
C LYS C 235 -21.08 -11.00 -25.49
N TYR C 236 -21.22 -10.45 -26.69
CA TYR C 236 -21.59 -11.21 -27.87
C TYR C 236 -20.60 -12.34 -28.15
N ASP C 237 -21.12 -13.56 -28.28
CA ASP C 237 -20.30 -14.76 -28.51
C ASP C 237 -19.23 -14.91 -27.43
N ASN C 238 -19.56 -14.47 -26.20
CA ASN C 238 -18.61 -14.45 -25.09
C ASN C 238 -17.34 -13.67 -25.41
N GLY C 239 -17.48 -12.62 -26.23
CA GLY C 239 -16.41 -11.65 -26.42
C GLY C 239 -15.33 -12.00 -27.42
N ILE C 240 -15.57 -12.99 -28.29
CA ILE C 240 -14.50 -13.47 -29.21
C ILE C 240 -14.49 -12.73 -30.54
N ILE C 241 -15.37 -11.73 -30.73
CA ILE C 241 -15.39 -10.93 -31.99
C ILE C 241 -14.28 -9.88 -31.92
N CYS C 242 -13.49 -9.77 -33.00
CA CYS C 242 -12.35 -8.82 -33.06
C CYS C 242 -12.79 -7.37 -32.90
N SER C 243 -14.04 -7.07 -33.21
CA SER C 243 -14.60 -5.70 -33.08
C SER C 243 -15.16 -5.46 -31.66
N SER C 244 -15.26 -6.50 -30.84
CA SER C 244 -15.90 -6.39 -29.50
C SER C 244 -15.30 -5.28 -28.64
N GLU C 245 -16.16 -4.56 -27.93
CA GLU C 245 -15.72 -3.54 -27.01
C GLU C 245 -14.76 -4.12 -25.99
N GLN C 246 -13.71 -3.35 -25.66
CA GLN C 246 -12.65 -3.79 -24.77
C GLN C 246 -12.44 -2.88 -23.59
N SER C 247 -12.86 -1.62 -23.66
CA SER C 247 -12.64 -0.67 -22.58
C SER C 247 -13.84 0.27 -22.50
N VAL C 248 -13.98 0.90 -21.34
CA VAL C 248 -14.94 1.98 -21.15
C VAL C 248 -14.15 3.19 -20.70
N ILE C 249 -13.97 4.15 -21.61
CA ILE C 249 -13.26 5.39 -21.31
C ILE C 249 -14.33 6.41 -20.97
N ALA C 250 -14.46 6.71 -19.67
CA ALA C 250 -15.60 7.41 -19.11
C ALA C 250 -15.19 8.75 -18.51
N PRO C 251 -16.07 9.74 -18.54
CA PRO C 251 -15.73 11.06 -17.99
C PRO C 251 -15.65 10.99 -16.47
N ALA C 252 -14.59 11.58 -15.93
CA ALA C 252 -14.36 11.54 -14.49
C ALA C 252 -15.53 12.17 -13.71
N GLU C 253 -16.08 13.26 -14.23
CA GLU C 253 -17.14 13.97 -13.51
C GLU C 253 -18.45 13.20 -13.47
N ASP C 254 -18.68 12.29 -14.42
CA ASP C 254 -19.88 11.47 -14.43
C ASP C 254 -19.56 9.99 -14.25
N TYR C 255 -18.41 9.67 -13.67
CA TYR C 255 -17.92 8.30 -13.67
C TYR C 255 -18.88 7.37 -12.93
N ASP C 256 -19.32 7.76 -11.73
CA ASP C 256 -20.21 6.90 -10.97
C ASP C 256 -21.57 6.76 -11.65
N LYS C 257 -22.01 7.79 -12.37
CA LYS C 257 -23.24 7.66 -13.16
C LYS C 257 -23.07 6.65 -14.27
N VAL C 258 -21.93 6.68 -14.96
CA VAL C 258 -21.69 5.76 -16.07
C VAL C 258 -21.66 4.32 -15.55
N ILE C 259 -20.90 4.08 -14.48
CA ILE C 259 -20.82 2.74 -13.91
C ILE C 259 -22.21 2.27 -13.46
N ALA C 260 -22.99 3.18 -12.87
CA ALA C 260 -24.33 2.81 -12.41
C ALA C 260 -25.22 2.39 -13.58
N ALA C 261 -25.10 3.09 -14.72
CA ALA C 261 -25.82 2.68 -15.91
C ALA C 261 -25.38 1.30 -16.36
N PHE C 262 -24.08 1.00 -16.28
CA PHE C 262 -23.61 -0.33 -16.60
C PHE C 262 -24.21 -1.37 -15.66
N VAL C 263 -24.13 -1.11 -14.34
CA VAL C 263 -24.68 -2.05 -13.36
C VAL C 263 -26.17 -2.24 -13.58
N GLU C 264 -26.89 -1.15 -13.86
CA GLU C 264 -28.32 -1.25 -14.15
C GLU C 264 -28.60 -2.22 -15.29
N ASN C 265 -27.68 -2.34 -16.24
CA ASN C 265 -27.87 -3.18 -17.41
C ASN C 265 -27.07 -4.47 -17.35
N GLY C 266 -26.67 -4.91 -16.16
CA GLY C 266 -26.15 -6.25 -15.98
C GLY C 266 -24.66 -6.39 -15.80
N ALA C 267 -23.91 -5.29 -15.68
CA ALA C 267 -22.49 -5.39 -15.42
C ALA C 267 -22.22 -5.57 -13.94
N PHE C 268 -21.13 -6.25 -13.64
CA PHE C 268 -20.57 -6.36 -12.30
C PHE C 268 -19.28 -5.55 -12.30
N TYR C 269 -19.23 -4.50 -11.49
CA TYR C 269 -18.13 -3.54 -11.51
C TYR C 269 -17.25 -3.76 -10.29
N VAL C 270 -15.94 -3.83 -10.52
CA VAL C 270 -14.96 -4.11 -9.47
C VAL C 270 -14.02 -2.91 -9.33
N GLU C 271 -14.08 -2.26 -8.18
CA GLU C 271 -13.25 -1.09 -7.87
C GLU C 271 -12.05 -1.45 -7.01
N ASP C 272 -12.18 -2.45 -6.15
CA ASP C 272 -11.14 -2.84 -5.21
C ASP C 272 -9.94 -3.43 -5.96
N GLU C 273 -8.75 -2.85 -5.73
CA GLU C 273 -7.58 -3.26 -6.50
C GLU C 273 -7.21 -4.71 -6.24
N GLU C 274 -7.35 -5.18 -5.01
CA GLU C 274 -7.02 -6.57 -4.72
C GLU C 274 -7.96 -7.52 -5.45
N THR C 275 -9.26 -7.19 -5.50
CA THR C 275 -10.20 -8.03 -6.22
C THR C 275 -9.97 -7.96 -7.73
N VAL C 276 -9.63 -6.77 -8.25
CA VAL C 276 -9.27 -6.64 -9.67
C VAL C 276 -8.11 -7.56 -10.00
N GLU C 277 -7.09 -7.61 -9.14
CA GLU C 277 -5.92 -8.44 -9.41
C GLU C 277 -6.28 -9.92 -9.45
N LYS C 278 -7.27 -10.35 -8.68
CA LYS C 278 -7.70 -11.73 -8.77
C LYS C 278 -8.21 -12.05 -10.17
N PHE C 279 -8.89 -11.09 -10.81
CA PHE C 279 -9.29 -11.28 -12.21
C PHE C 279 -8.09 -11.15 -13.14
N ARG C 280 -7.27 -10.12 -12.94
CA ARG C 280 -6.16 -9.84 -13.85
C ARG C 280 -5.22 -11.04 -13.97
N SER C 281 -4.88 -11.67 -12.84
CA SER C 281 -3.98 -12.81 -12.87
C SER C 281 -4.66 -14.07 -13.40
N THR C 282 -5.99 -14.08 -13.47
CA THR C 282 -6.69 -15.16 -14.17
C THR C 282 -6.71 -14.93 -15.68
N LEU C 283 -6.96 -13.69 -16.10
CA LEU C 283 -7.13 -13.41 -17.53
C LEU C 283 -5.81 -13.41 -18.28
N PHE C 284 -4.74 -12.95 -17.65
CA PHE C 284 -3.44 -12.85 -18.30
C PHE C 284 -2.40 -13.63 -17.51
N LYS C 285 -1.66 -14.47 -18.21
CA LYS C 285 -0.53 -15.21 -17.64
C LYS C 285 0.73 -14.67 -18.30
N ASP C 286 1.54 -13.95 -17.53
CA ASP C 286 2.80 -13.38 -17.99
C ASP C 286 2.61 -12.58 -19.28
N GLY C 287 1.62 -11.69 -19.28
CA GLY C 287 1.38 -10.77 -20.38
C GLY C 287 0.57 -11.34 -21.53
N LYS C 288 0.26 -12.63 -21.52
CA LYS C 288 -0.49 -13.27 -22.58
C LYS C 288 -1.85 -13.71 -22.06
N ILE C 289 -2.87 -13.65 -22.92
CA ILE C 289 -4.21 -14.02 -22.51
C ILE C 289 -4.25 -15.49 -22.14
N ASN C 290 -5.01 -15.82 -21.10
CA ASN C 290 -5.19 -17.20 -20.66
C ASN C 290 -6.18 -17.88 -21.62
N SER C 291 -5.67 -18.83 -22.41
CA SER C 291 -6.52 -19.48 -23.41
C SER C 291 -7.65 -20.28 -22.78
N LYS C 292 -7.56 -20.59 -21.49
CA LYS C 292 -8.63 -21.34 -20.82
C LYS C 292 -9.89 -20.52 -20.62
N ILE C 293 -9.81 -19.20 -20.67
CA ILE C 293 -10.99 -18.35 -20.48
C ILE C 293 -11.38 -17.62 -21.76
N ILE C 294 -10.81 -17.99 -22.90
CA ILE C 294 -11.18 -17.36 -24.17
C ILE C 294 -12.59 -17.81 -24.55
N GLY C 295 -13.46 -16.84 -24.82
CA GLY C 295 -14.83 -17.14 -25.18
C GLY C 295 -15.59 -17.92 -24.12
N LYS C 296 -15.20 -17.80 -22.86
CA LYS C 296 -15.89 -18.48 -21.76
C LYS C 296 -16.86 -17.52 -21.08
N SER C 297 -17.74 -18.10 -20.28
CA SER C 297 -18.79 -17.34 -19.60
C SER C 297 -18.21 -16.47 -18.50
N VAL C 298 -19.03 -15.52 -18.05
CA VAL C 298 -18.69 -14.70 -16.89
C VAL C 298 -18.44 -15.59 -15.67
N GLN C 299 -19.30 -16.58 -15.46
CA GLN C 299 -19.19 -17.41 -14.26
C GLN C 299 -17.95 -18.30 -14.29
N ILE C 300 -17.59 -18.81 -15.48
CA ILE C 300 -16.35 -19.58 -15.59
C ILE C 300 -15.16 -18.72 -15.18
N ILE C 301 -15.14 -17.46 -15.63
CA ILE C 301 -14.05 -16.55 -15.29
C ILE C 301 -14.10 -16.20 -13.80
N ALA C 302 -15.31 -15.98 -13.27
CA ALA C 302 -15.43 -15.62 -11.86
C ALA C 302 -14.99 -16.77 -10.96
N ASP C 303 -15.38 -18.00 -11.30
CA ASP C 303 -14.98 -19.16 -10.51
C ASP C 303 -13.47 -19.35 -10.53
N LEU C 304 -12.85 -19.23 -11.70
CA LEU C 304 -11.40 -19.37 -11.79
C LEU C 304 -10.69 -18.24 -11.04
N ALA C 305 -11.26 -17.03 -11.08
CA ALA C 305 -10.68 -15.94 -10.30
C ALA C 305 -10.94 -16.09 -8.81
N GLY C 306 -11.89 -16.92 -8.42
CA GLY C 306 -12.26 -17.00 -7.02
C GLY C 306 -12.95 -15.76 -6.50
N VAL C 307 -13.83 -15.17 -7.30
CA VAL C 307 -14.60 -13.99 -6.91
C VAL C 307 -16.08 -14.30 -7.13
N LYS C 308 -16.91 -13.97 -6.15
CA LYS C 308 -18.34 -14.18 -6.30
C LYS C 308 -18.93 -13.09 -7.18
N VAL C 309 -19.66 -13.50 -8.22
CA VAL C 309 -20.26 -12.57 -9.17
C VAL C 309 -21.75 -12.93 -9.26
N PRO C 310 -22.65 -11.97 -9.08
CA PRO C 310 -24.08 -12.30 -8.99
C PRO C 310 -24.57 -13.06 -10.21
N GLU C 311 -25.58 -13.89 -9.98
CA GLU C 311 -26.26 -14.58 -11.07
C GLU C 311 -26.84 -13.57 -12.05
N GLY C 312 -26.82 -13.94 -13.33
CA GLY C 312 -27.31 -13.06 -14.37
C GLY C 312 -26.35 -11.97 -14.81
N THR C 313 -25.13 -11.95 -14.28
CA THR C 313 -24.18 -10.91 -14.68
C THR C 313 -23.81 -11.11 -16.14
N LYS C 314 -23.90 -10.02 -16.92
CA LYS C 314 -23.63 -10.07 -18.35
C LYS C 314 -22.15 -9.81 -18.67
N VAL C 315 -21.52 -8.85 -18.01
CA VAL C 315 -20.10 -8.55 -18.22
C VAL C 315 -19.47 -8.16 -16.89
N ILE C 316 -18.14 -8.26 -16.86
CA ILE C 316 -17.32 -7.79 -15.74
C ILE C 316 -16.60 -6.53 -16.19
N VAL C 317 -16.61 -5.51 -15.33
CA VAL C 317 -15.92 -4.26 -15.58
C VAL C 317 -14.91 -4.07 -14.46
N LEU C 318 -13.64 -3.91 -14.83
CA LEU C 318 -12.56 -3.80 -13.86
C LEU C 318 -11.93 -2.42 -13.96
N LYS C 319 -11.77 -1.75 -12.82
CA LYS C 319 -11.05 -0.49 -12.81
C LYS C 319 -9.59 -0.74 -13.18
N GLY C 320 -9.14 -0.06 -14.24
CA GLY C 320 -7.77 -0.22 -14.67
C GLY C 320 -6.82 0.64 -13.87
N LYS C 321 -5.56 0.18 -13.78
CA LYS C 321 -4.54 0.95 -13.11
C LYS C 321 -4.17 2.21 -13.88
N GLY C 322 -4.31 2.17 -15.20
CA GLY C 322 -3.95 3.28 -16.04
C GLY C 322 -4.03 2.89 -17.50
N ALA C 323 -3.73 3.86 -18.36
CA ALA C 323 -3.80 3.64 -19.79
C ALA C 323 -2.59 2.86 -20.29
N GLY C 324 -2.76 2.22 -21.45
CA GLY C 324 -1.64 1.58 -22.12
C GLY C 324 -1.01 0.49 -21.28
N GLU C 325 0.31 0.52 -21.20
CA GLU C 325 1.08 -0.53 -20.53
C GLU C 325 1.06 -0.41 -19.01
N LYS C 326 0.39 0.60 -18.45
CA LYS C 326 0.20 0.66 -17.02
C LYS C 326 -0.71 -0.46 -16.52
N ASP C 327 -1.42 -1.15 -17.41
CA ASP C 327 -2.28 -2.26 -17.02
C ASP C 327 -2.40 -3.22 -18.19
N VAL C 328 -2.08 -4.50 -17.95
CA VAL C 328 -2.24 -5.52 -18.97
C VAL C 328 -3.70 -5.70 -19.37
N LEU C 329 -4.64 -5.28 -18.50
CA LEU C 329 -6.06 -5.31 -18.83
C LEU C 329 -6.40 -4.39 -19.99
N CYS C 330 -5.47 -3.54 -20.44
CA CYS C 330 -5.70 -2.67 -21.57
C CYS C 330 -5.40 -3.35 -22.91
N LYS C 331 -4.86 -4.57 -22.89
CA LYS C 331 -4.69 -5.37 -24.09
C LYS C 331 -6.04 -5.98 -24.49
N GLU C 332 -6.04 -6.68 -25.63
CA GLU C 332 -7.27 -7.32 -26.09
C GLU C 332 -7.68 -8.46 -25.17
N LYS C 333 -8.98 -8.54 -24.90
CA LYS C 333 -9.55 -9.55 -24.02
C LYS C 333 -10.67 -10.25 -24.77
N MET C 334 -10.43 -11.50 -25.15
CA MET C 334 -11.42 -12.30 -25.89
C MET C 334 -12.34 -13.02 -24.90
N CYS C 335 -13.03 -12.22 -24.09
CA CYS C 335 -13.89 -12.70 -23.03
C CYS C 335 -14.73 -11.52 -22.53
N PRO C 336 -15.86 -11.79 -21.86
CA PRO C 336 -16.78 -10.69 -21.52
C PRO C 336 -16.29 -9.83 -20.35
N VAL C 337 -15.14 -9.20 -20.54
CA VAL C 337 -14.50 -8.38 -19.50
C VAL C 337 -14.06 -7.06 -20.11
N LEU C 338 -14.41 -5.96 -19.44
CA LEU C 338 -14.03 -4.62 -19.85
C LEU C 338 -13.11 -3.98 -18.81
N VAL C 339 -12.19 -3.14 -19.26
CA VAL C 339 -11.39 -2.30 -18.37
C VAL C 339 -11.96 -0.88 -18.39
N ALA C 340 -12.11 -0.28 -17.22
CA ALA C 340 -12.66 1.06 -17.11
C ALA C 340 -11.56 2.07 -16.83
N LEU C 341 -11.62 3.21 -17.51
CA LEU C 341 -10.63 4.26 -17.34
C LEU C 341 -11.34 5.61 -17.31
N LYS C 342 -10.72 6.59 -16.66
CA LYS C 342 -11.28 7.92 -16.50
C LYS C 342 -10.54 8.94 -17.36
N TYR C 343 -11.27 9.99 -17.77
CA TYR C 343 -10.65 11.11 -18.46
C TYR C 343 -11.25 12.41 -17.95
N ASP C 344 -10.43 13.46 -17.99
CA ASP C 344 -10.89 14.80 -17.61
C ASP C 344 -11.34 15.62 -18.82
N THR C 345 -10.63 15.50 -19.96
CA THR C 345 -11.02 16.16 -21.20
C THR C 345 -11.18 15.13 -22.30
N PHE C 346 -12.04 15.45 -23.28
CA PHE C 346 -12.22 14.54 -24.41
C PHE C 346 -10.91 14.32 -25.14
N GLU C 347 -10.06 15.35 -25.21
CA GLU C 347 -8.73 15.15 -25.78
C GLU C 347 -7.98 14.07 -25.03
N GLU C 348 -8.02 14.10 -23.70
CA GLU C 348 -7.38 13.06 -22.90
C GLU C 348 -7.99 11.70 -23.20
N ALA C 349 -9.32 11.66 -23.39
CA ALA C 349 -9.98 10.41 -23.75
C ALA C 349 -9.37 9.83 -25.02
N VAL C 350 -9.15 10.67 -26.03
CA VAL C 350 -8.55 10.21 -27.28
C VAL C 350 -7.12 9.75 -27.06
N GLU C 351 -6.36 10.50 -26.25
CA GLU C 351 -5.01 10.06 -25.90
C GLU C 351 -5.01 8.68 -25.26
N ILE C 352 -5.95 8.44 -24.34
CA ILE C 352 -6.00 7.16 -23.63
C ILE C 352 -6.27 6.02 -24.60
N ALA C 353 -7.26 6.20 -25.48
CA ALA C 353 -7.51 5.19 -26.51
C ALA C 353 -6.28 5.00 -27.39
N MET C 354 -5.63 6.10 -27.79
CA MET C 354 -4.40 6.03 -28.57
C MET C 354 -3.36 5.17 -27.88
N ALA C 355 -3.10 5.44 -26.60
CA ALA C 355 -2.13 4.66 -25.85
C ALA C 355 -2.48 3.17 -25.86
N ASN C 356 -3.78 2.85 -25.79
CA ASN C 356 -4.18 1.45 -25.81
C ASN C 356 -4.03 0.83 -27.18
N TYR C 357 -4.25 1.60 -28.25
CA TYR C 357 -4.01 1.08 -29.59
C TYR C 357 -2.52 0.84 -29.84
N MET C 358 -1.67 1.72 -29.32
CA MET C 358 -0.23 1.50 -29.43
C MET C 358 0.20 0.27 -28.65
N TYR C 359 -0.52 -0.06 -27.57
CA TYR C 359 -0.26 -1.29 -26.83
C TYR C 359 -0.66 -2.51 -27.65
N GLU C 360 -1.87 -2.52 -28.20
CA GLU C 360 -2.33 -3.64 -29.02
C GLU C 360 -3.54 -3.21 -29.84
N GLY C 361 -3.60 -3.68 -31.08
CA GLY C 361 -4.79 -3.58 -31.90
C GLY C 361 -4.88 -2.37 -32.80
N ALA C 362 -3.79 -1.64 -33.01
CA ALA C 362 -3.81 -0.45 -33.85
C ALA C 362 -4.31 -0.79 -35.25
N GLY C 363 -5.17 0.06 -35.78
CA GLY C 363 -5.69 -0.11 -37.12
C GLY C 363 -7.04 -0.79 -37.23
N HIS C 364 -7.63 -1.22 -36.11
CA HIS C 364 -8.89 -1.95 -36.19
C HIS C 364 -10.08 -1.02 -35.97
N THR C 365 -10.80 -1.20 -34.87
CA THR C 365 -12.09 -0.53 -34.65
C THR C 365 -12.07 0.24 -33.33
N ALA C 366 -12.82 1.33 -33.29
CA ALA C 366 -13.10 2.07 -32.07
C ALA C 366 -14.60 2.33 -31.97
N GLY C 367 -15.05 2.59 -30.75
CA GLY C 367 -16.43 2.96 -30.51
C GLY C 367 -16.51 4.30 -29.81
N ILE C 368 -17.59 5.04 -30.07
CA ILE C 368 -17.83 6.29 -29.39
C ILE C 368 -19.33 6.45 -29.21
N HIS C 369 -19.71 7.07 -28.10
CA HIS C 369 -21.10 7.32 -27.78
C HIS C 369 -21.22 8.80 -27.41
N SER C 370 -21.80 9.57 -28.33
CA SER C 370 -21.70 11.03 -28.25
C SER C 370 -22.79 11.64 -29.13
N ASP C 371 -23.28 12.80 -28.69
CA ASP C 371 -24.13 13.66 -29.50
C ASP C 371 -23.37 14.84 -30.07
N ASN C 372 -22.05 14.88 -29.88
CA ASN C 372 -21.20 16.01 -30.25
C ASN C 372 -20.39 15.60 -31.47
N ASP C 373 -20.84 16.02 -32.65
CA ASP C 373 -20.21 15.58 -33.89
C ASP C 373 -18.80 16.12 -34.05
N GLU C 374 -18.51 17.28 -33.45
CA GLU C 374 -17.14 17.78 -33.46
C GLU C 374 -16.19 16.83 -32.74
N ASN C 375 -16.64 16.28 -31.60
CA ASN C 375 -15.82 15.30 -30.88
C ASN C 375 -15.72 13.99 -31.65
N ILE C 376 -16.82 13.56 -32.27
CA ILE C 376 -16.81 12.34 -33.06
C ILE C 376 -15.83 12.45 -34.21
N ARG C 377 -15.89 13.56 -34.95
CA ARG C 377 -14.99 13.77 -36.07
C ARG C 377 -13.55 13.93 -35.61
N TYR C 378 -13.33 14.56 -34.46
CA TYR C 378 -11.97 14.65 -33.94
C TYR C 378 -11.40 13.28 -33.62
N ALA C 379 -12.22 12.39 -33.06
CA ALA C 379 -11.74 11.05 -32.71
C ALA C 379 -11.44 10.24 -33.96
N GLY C 380 -12.34 10.29 -34.95
CA GLY C 380 -12.11 9.56 -36.19
C GLY C 380 -10.93 10.06 -37.00
N THR C 381 -10.51 11.31 -36.78
CA THR C 381 -9.37 11.88 -37.49
C THR C 381 -8.05 11.56 -36.81
N VAL C 382 -8.03 11.46 -35.49
CA VAL C 382 -6.78 11.28 -34.75
C VAL C 382 -6.42 9.81 -34.56
N LEU C 383 -7.41 8.95 -34.38
CA LEU C 383 -7.14 7.61 -33.90
C LEU C 383 -6.65 6.70 -35.03
N PRO C 384 -5.72 5.80 -34.74
CA PRO C 384 -5.24 4.82 -35.74
C PRO C 384 -6.22 3.66 -35.89
N ILE C 385 -7.35 3.93 -36.54
CA ILE C 385 -8.42 2.95 -36.70
C ILE C 385 -8.92 2.97 -38.13
N SER C 386 -9.42 1.83 -38.59
CA SER C 386 -10.08 1.72 -39.88
C SER C 386 -11.58 1.97 -39.79
N ARG C 387 -12.17 1.82 -38.60
CA ARG C 387 -13.60 2.00 -38.41
C ARG C 387 -13.86 2.68 -37.08
N LEU C 388 -14.70 3.72 -37.11
CA LEU C 388 -15.21 4.35 -35.90
C LEU C 388 -16.71 4.14 -35.89
N VAL C 389 -17.19 3.44 -34.86
CA VAL C 389 -18.59 3.04 -34.76
C VAL C 389 -19.26 3.94 -33.74
N VAL C 390 -20.33 4.62 -34.16
CA VAL C 390 -20.95 5.69 -33.39
C VAL C 390 -22.31 5.24 -32.89
N ASN C 391 -22.52 5.30 -31.58
CA ASN C 391 -23.84 5.14 -30.95
C ASN C 391 -24.49 3.80 -31.31
N GLN C 392 -23.68 2.75 -31.37
CA GLN C 392 -24.17 1.40 -31.61
C GLN C 392 -23.12 0.42 -31.10
N PRO C 393 -23.47 -0.85 -30.93
CA PRO C 393 -22.46 -1.81 -30.49
C PRO C 393 -21.31 -1.88 -31.49
N ALA C 394 -20.09 -1.95 -30.97
CA ALA C 394 -18.92 -1.97 -31.84
C ALA C 394 -18.88 -3.22 -32.70
N THR C 395 -19.59 -4.28 -32.31
CA THR C 395 -19.68 -5.49 -33.11
C THR C 395 -20.50 -5.29 -34.39
N THR C 396 -21.08 -4.11 -34.61
CA THR C 396 -21.68 -3.80 -35.89
C THR C 396 -20.66 -3.36 -36.94
N ALA C 397 -19.39 -3.22 -36.55
CA ALA C 397 -18.36 -2.79 -37.49
C ALA C 397 -18.24 -3.73 -38.68
N GLY C 398 -18.64 -4.99 -38.51
CA GLY C 398 -18.70 -5.93 -39.60
C GLY C 398 -19.95 -5.85 -40.45
N GLY C 399 -20.76 -4.80 -40.25
CA GLY C 399 -21.94 -4.61 -41.06
C GLY C 399 -23.25 -4.88 -40.33
N SER C 400 -24.20 -3.96 -40.49
CA SER C 400 -25.54 -4.16 -39.98
C SER C 400 -26.51 -3.46 -40.93
N PHE C 401 -27.79 -3.80 -40.80
CA PHE C 401 -28.78 -3.17 -41.66
C PHE C 401 -29.06 -1.73 -41.25
N ASN C 402 -28.34 -1.19 -40.26
CA ASN C 402 -28.52 0.17 -39.79
C ASN C 402 -27.25 1.01 -39.87
N ASN C 403 -26.21 0.53 -40.53
CA ASN C 403 -25.02 1.35 -40.77
C ASN C 403 -24.48 1.04 -42.16
N GLY C 404 -23.40 1.75 -42.53
CA GLY C 404 -22.86 1.66 -43.86
C GLY C 404 -21.57 0.89 -44.03
N PHE C 405 -21.09 0.19 -43.01
CA PHE C 405 -19.94 -0.69 -43.20
C PHE C 405 -20.32 -1.86 -44.09
N ASN C 406 -19.42 -2.23 -44.99
CA ASN C 406 -19.68 -3.35 -45.87
C ASN C 406 -19.67 -4.65 -45.08
N PRO C 407 -20.69 -5.48 -45.19
CA PRO C 407 -20.72 -6.72 -44.41
C PRO C 407 -19.59 -7.65 -44.83
N THR C 408 -18.89 -8.18 -43.82
CA THR C 408 -17.77 -9.07 -44.05
C THR C 408 -17.52 -9.86 -42.77
N THR C 409 -16.66 -10.86 -42.89
CA THR C 409 -16.07 -11.53 -41.74
C THR C 409 -14.59 -11.26 -41.65
N THR C 410 -14.05 -10.46 -42.58
CA THR C 410 -12.61 -10.23 -42.70
C THR C 410 -12.40 -8.72 -42.71
N LEU C 411 -12.02 -8.17 -41.56
CA LEU C 411 -11.92 -6.72 -41.37
C LEU C 411 -10.44 -6.33 -41.44
N GLY C 412 -10.04 -5.74 -42.56
CA GLY C 412 -8.67 -5.31 -42.71
C GLY C 412 -8.34 -4.15 -41.80
N CYS C 413 -7.09 -4.10 -41.34
CA CYS C 413 -6.66 -3.12 -40.36
C CYS C 413 -5.61 -2.16 -40.90
N GLY C 414 -5.48 -2.07 -42.23
CA GLY C 414 -4.56 -1.11 -42.81
C GLY C 414 -3.10 -1.37 -42.47
N SER C 415 -2.29 -0.35 -42.75
CA SER C 415 -0.86 -0.45 -42.52
C SER C 415 -0.51 -0.59 -41.04
N TRP C 416 -1.39 -0.13 -40.14
CA TRP C 416 -1.13 -0.27 -38.71
C TRP C 416 -1.00 -1.74 -38.31
N GLY C 417 -1.93 -2.58 -38.79
CA GLY C 417 -1.90 -3.99 -38.48
C GLY C 417 -1.31 -4.86 -39.56
N ARG C 418 -0.41 -4.28 -40.37
CA ARG C 418 0.32 -5.01 -41.42
C ARG C 418 -0.64 -5.63 -42.44
N ASN C 419 -1.65 -4.86 -42.84
CA ASN C 419 -2.62 -5.30 -43.84
C ASN C 419 -2.53 -4.42 -45.09
N SER C 420 -3.02 -4.96 -46.20
CA SER C 420 -3.04 -4.22 -47.45
C SER C 420 -4.20 -3.24 -47.54
N ILE C 421 -5.28 -3.47 -46.80
CA ILE C 421 -6.45 -2.60 -46.87
C ILE C 421 -6.87 -2.20 -45.45
N SER C 422 -7.37 -0.98 -45.34
CA SER C 422 -7.92 -0.44 -44.10
C SER C 422 -9.44 -0.44 -44.13
N GLU C 423 -10.05 -1.51 -44.63
CA GLU C 423 -11.49 -1.56 -44.81
C GLU C 423 -11.93 -3.02 -44.78
N ASN C 424 -13.24 -3.21 -44.80
CA ASN C 424 -13.82 -4.55 -44.74
C ASN C 424 -13.67 -5.26 -46.10
N LEU C 425 -13.25 -6.52 -46.05
CA LEU C 425 -13.00 -7.29 -47.26
C LEU C 425 -14.31 -7.64 -47.96
N THR C 426 -14.39 -7.35 -49.26
CA THR C 426 -15.55 -7.70 -50.07
C THR C 426 -15.13 -8.42 -51.34
N TYR C 427 -16.14 -8.73 -52.16
CA TYR C 427 -15.93 -9.27 -53.50
C TYR C 427 -14.92 -8.43 -54.29
N GLU C 428 -14.95 -7.11 -54.09
CA GLU C 428 -14.18 -6.20 -54.93
C GLU C 428 -12.69 -6.49 -54.84
N HIS C 429 -12.23 -6.99 -53.68
CA HIS C 429 -10.82 -7.26 -53.48
C HIS C 429 -10.35 -8.54 -54.15
N LEU C 430 -11.25 -9.33 -54.72
CA LEU C 430 -10.89 -10.61 -55.33
C LEU C 430 -11.05 -10.62 -56.85
N ILE C 431 -11.17 -9.45 -57.48
CA ILE C 431 -11.21 -9.35 -58.94
C ILE C 431 -10.17 -8.35 -59.40
N ASN C 432 -9.48 -8.68 -60.49
CA ASN C 432 -8.74 -7.69 -61.25
C ASN C 432 -9.72 -6.87 -62.06
N VAL C 433 -9.63 -5.54 -61.95
CA VAL C 433 -10.41 -4.63 -62.78
C VAL C 433 -9.47 -4.03 -63.80
N SER C 434 -9.69 -4.37 -65.08
CA SER C 434 -8.86 -3.90 -66.18
C SER C 434 -9.47 -2.67 -66.82
N ARG C 435 -8.69 -2.02 -67.67
CA ARG C 435 -9.11 -0.79 -68.33
C ARG C 435 -8.83 -0.86 -69.82
N ILE C 436 -9.87 -0.64 -70.62
CA ILE C 436 -9.72 -0.36 -72.04
C ILE C 436 -9.61 1.14 -72.20
N GLY C 437 -8.47 1.62 -72.70
CA GLY C 437 -8.24 3.04 -72.83
C GLY C 437 -8.27 3.52 -74.26
N TYR C 438 -9.27 4.32 -74.61
CA TYR C 438 -9.40 4.86 -75.95
C TYR C 438 -8.67 6.19 -76.06
N PHE C 439 -8.41 6.59 -77.30
CA PHE C 439 -7.74 7.86 -77.57
C PHE C 439 -8.78 8.98 -77.63
N ASN C 440 -8.54 10.03 -76.85
CA ASN C 440 -9.44 11.18 -76.79
C ASN C 440 -8.84 12.29 -77.67
N LYS C 441 -9.30 12.35 -78.93
CA LYS C 441 -8.79 13.33 -79.89
C LYS C 441 -9.17 14.76 -79.51
N GLU C 442 -10.11 14.94 -78.57
CA GLU C 442 -10.52 16.29 -78.19
C GLU C 442 -9.37 17.05 -77.53
N ALA C 443 -8.87 16.53 -76.41
CA ALA C 443 -7.85 17.22 -75.64
C ALA C 443 -6.61 17.49 -76.50
N LYS C 444 -5.93 18.60 -76.17
CA LYS C 444 -4.81 19.09 -76.96
C LYS C 444 -3.59 19.25 -76.06
N VAL C 445 -2.48 19.64 -76.66
CA VAL C 445 -1.19 19.73 -75.97
C VAL C 445 -1.21 20.88 -74.98
N PRO C 446 -1.10 20.61 -73.68
CA PRO C 446 -1.05 21.70 -72.69
C PRO C 446 0.32 22.39 -72.69
N SER C 447 0.31 23.61 -72.18
CA SER C 447 1.51 24.44 -72.12
C SER C 447 2.12 24.43 -70.73
N TYR C 448 3.33 24.99 -70.63
CA TYR C 448 4.02 25.08 -69.36
C TYR C 448 3.17 25.80 -68.31
N GLU C 449 2.54 26.91 -68.69
CA GLU C 449 1.76 27.68 -67.74
C GLU C 449 0.47 26.96 -67.36
N GLU C 450 -0.13 26.25 -68.33
CA GLU C 450 -1.33 25.48 -68.02
C GLU C 450 -1.02 24.34 -67.05
N ILE C 451 0.20 23.84 -67.06
CA ILE C 451 0.56 22.69 -66.23
C ILE C 451 1.05 23.13 -64.84
N TRP C 452 1.97 24.09 -64.79
CA TRP C 452 2.59 24.51 -63.54
C TRP C 452 2.10 25.85 -63.04
N GLY C 453 1.13 26.48 -63.70
CA GLY C 453 0.60 27.76 -63.26
C GLY C 453 -0.58 27.61 -62.32
N VAL D 5 -64.60 -9.10 29.16
CA VAL D 5 -64.81 -8.19 28.05
C VAL D 5 -64.31 -6.79 28.40
N SER D 6 -64.14 -6.53 29.69
CA SER D 6 -63.66 -5.25 30.18
C SER D 6 -62.30 -5.40 30.83
N ILE D 7 -61.52 -4.31 30.80
CA ILE D 7 -60.21 -4.30 31.44
C ILE D 7 -60.33 -4.55 32.94
N LYS D 8 -61.34 -3.94 33.57
CA LYS D 8 -61.55 -4.14 34.99
C LYS D 8 -61.85 -5.59 35.32
N GLU D 9 -62.56 -6.28 34.43
CA GLU D 9 -62.79 -7.72 34.63
C GLU D 9 -61.49 -8.50 34.48
N LEU D 10 -60.65 -8.11 33.52
CA LEU D 10 -59.37 -8.81 33.32
C LEU D 10 -58.44 -8.58 34.50
N ILE D 11 -58.34 -7.33 34.97
CA ILE D 11 -57.53 -7.05 36.16
C ILE D 11 -57.99 -7.88 37.34
N GLU D 12 -59.31 -7.99 37.53
CA GLU D 12 -59.84 -8.72 38.68
C GLU D 12 -59.51 -10.20 38.58
N LYS D 13 -59.76 -10.81 37.41
CA LYS D 13 -59.40 -12.22 37.23
C LYS D 13 -57.90 -12.42 37.33
N ALA D 14 -57.10 -11.41 37.00
CA ALA D 14 -55.66 -11.52 37.14
C ALA D 14 -55.24 -11.47 38.61
N LYS D 15 -55.80 -10.53 39.37
CA LYS D 15 -55.49 -10.45 40.79
C LYS D 15 -55.96 -11.69 41.53
N VAL D 16 -57.15 -12.19 41.17
CA VAL D 16 -57.60 -13.48 41.71
C VAL D 16 -56.57 -14.55 41.40
N ALA D 17 -56.23 -14.72 40.12
CA ALA D 17 -55.32 -15.78 39.70
C ALA D 17 -53.95 -15.64 40.35
N GLN D 18 -53.48 -14.41 40.55
CA GLN D 18 -52.16 -14.19 41.14
C GLN D 18 -52.09 -14.70 42.57
N LYS D 19 -53.22 -14.67 43.30
CA LYS D 19 -53.22 -15.12 44.68
C LYS D 19 -52.96 -16.61 44.78
N LYS D 20 -53.59 -17.42 43.92
CA LYS D 20 -53.28 -18.85 43.91
C LYS D 20 -51.86 -19.12 43.45
N LEU D 21 -51.35 -18.28 42.53
CA LEU D 21 -49.99 -18.49 42.04
C LEU D 21 -48.96 -18.11 43.09
N GLU D 22 -49.25 -17.09 43.90
CA GLU D 22 -48.30 -16.69 44.93
C GLU D 22 -48.03 -17.81 45.92
N ALA D 23 -48.97 -18.74 46.07
CA ALA D 23 -48.79 -19.89 46.95
C ALA D 23 -47.86 -20.95 46.37
N TYR D 24 -47.48 -20.82 45.09
CA TYR D 24 -46.67 -21.84 44.44
C TYR D 24 -45.23 -21.82 44.96
N SER D 25 -44.61 -22.99 44.96
CA SER D 25 -43.20 -23.11 45.32
C SER D 25 -42.33 -22.76 44.12
N GLN D 26 -41.02 -22.73 44.35
CA GLN D 26 -40.08 -22.46 43.27
C GLN D 26 -40.16 -23.53 42.19
N GLU D 27 -40.18 -24.80 42.61
CA GLU D 27 -40.23 -25.89 41.64
C GLU D 27 -41.54 -25.91 40.87
N GLN D 28 -42.61 -25.42 41.47
CA GLN D 28 -43.92 -25.48 40.81
C GLN D 28 -44.06 -24.40 39.74
N VAL D 29 -43.57 -23.18 40.00
CA VAL D 29 -43.56 -22.17 38.94
C VAL D 29 -42.56 -22.56 37.85
N ASP D 30 -41.45 -23.22 38.23
CA ASP D 30 -40.46 -23.61 37.24
C ASP D 30 -41.04 -24.60 36.23
N VAL D 31 -41.97 -25.46 36.67
CA VAL D 31 -42.62 -26.39 35.75
C VAL D 31 -43.42 -25.61 34.71
N LEU D 32 -44.23 -24.65 35.16
CA LEU D 32 -45.06 -23.88 34.25
C LEU D 32 -44.21 -23.05 33.29
N VAL D 33 -43.13 -22.46 33.79
CA VAL D 33 -42.31 -21.57 32.98
C VAL D 33 -41.62 -22.35 31.86
N LYS D 34 -41.06 -23.51 32.20
CA LYS D 34 -40.44 -24.35 31.17
C LYS D 34 -41.44 -24.73 30.08
N ALA D 35 -42.66 -25.07 30.48
CA ALA D 35 -43.66 -25.48 29.51
C ALA D 35 -44.02 -24.34 28.57
N LEU D 36 -44.05 -23.10 29.08
CA LEU D 36 -44.37 -21.97 28.21
C LEU D 36 -43.35 -21.81 27.10
N GLY D 37 -42.06 -21.93 27.43
CA GLY D 37 -41.04 -21.87 26.40
C GLY D 37 -41.14 -23.01 25.41
N LYS D 38 -41.39 -24.23 25.88
CA LYS D 38 -41.38 -25.42 24.97
C LYS D 38 -42.54 -25.39 23.97
N VAL D 39 -43.68 -24.83 24.35
CA VAL D 39 -44.84 -24.73 23.42
C VAL D 39 -44.43 -23.91 22.19
N VAL D 40 -43.72 -22.80 22.39
CA VAL D 40 -43.30 -21.93 21.26
C VAL D 40 -42.21 -22.66 20.48
N TYR D 41 -41.31 -23.36 21.17
CA TYR D 41 -40.30 -24.14 20.47
C TYR D 41 -40.95 -25.21 19.60
N ASP D 42 -41.90 -25.96 20.16
CA ASP D 42 -42.48 -27.09 19.44
C ASP D 42 -43.43 -26.65 18.34
N ASN D 43 -44.07 -25.49 18.49
CA ASN D 43 -44.97 -24.96 17.48
C ASN D 43 -44.36 -23.81 16.67
N ALA D 44 -43.03 -23.78 16.56
CA ALA D 44 -42.36 -22.65 15.92
C ALA D 44 -42.79 -22.49 14.47
N GLU D 45 -42.89 -23.60 13.73
CA GLU D 45 -43.19 -23.52 12.30
C GLU D 45 -44.58 -22.92 12.07
N MET D 46 -45.57 -23.36 12.83
CA MET D 46 -46.92 -22.81 12.66
C MET D 46 -46.97 -21.34 13.01
N PHE D 47 -46.32 -20.95 14.12
CA PHE D 47 -46.36 -19.56 14.54
C PHE D 47 -45.63 -18.66 13.55
N ALA D 48 -44.49 -19.11 13.03
CA ALA D 48 -43.74 -18.30 12.07
C ALA D 48 -44.55 -18.03 10.81
N LYS D 49 -45.25 -19.04 10.31
CA LYS D 49 -46.07 -18.86 9.11
C LYS D 49 -47.19 -17.84 9.36
N GLU D 50 -47.88 -17.97 10.51
CA GLU D 50 -48.98 -17.06 10.79
C GLU D 50 -48.48 -15.63 10.98
N ALA D 51 -47.33 -15.47 11.61
CA ALA D 51 -46.81 -14.12 11.86
C ALA D 51 -46.41 -13.42 10.56
N VAL D 52 -45.74 -14.14 9.66
CA VAL D 52 -45.34 -13.55 8.38
C VAL D 52 -46.57 -13.12 7.59
N GLU D 53 -47.60 -13.96 7.57
CA GLU D 53 -48.80 -13.67 6.78
C GLU D 53 -49.61 -12.53 7.40
N GLU D 54 -49.83 -12.58 8.72
CA GLU D 54 -50.69 -11.59 9.36
C GLU D 54 -50.03 -10.22 9.41
N THR D 55 -48.80 -10.15 9.90
CA THR D 55 -48.10 -8.87 10.02
C THR D 55 -47.57 -8.35 8.69
N GLU D 56 -47.55 -9.19 7.64
CA GLU D 56 -47.07 -8.79 6.32
C GLU D 56 -45.64 -8.28 6.37
N MET D 57 -44.81 -8.91 7.19
CA MET D 57 -43.41 -8.52 7.30
C MET D 57 -42.62 -9.70 7.87
N GLY D 58 -41.32 -9.68 7.60
CA GLY D 58 -40.45 -10.72 8.12
C GLY D 58 -40.24 -11.89 7.17
N VAL D 59 -39.50 -12.87 7.69
CA VAL D 59 -39.05 -14.03 6.93
C VAL D 59 -39.38 -15.29 7.71
N TYR D 60 -40.05 -16.24 7.05
CA TYR D 60 -40.52 -17.45 7.72
C TYR D 60 -39.40 -18.17 8.45
N GLU D 61 -38.31 -18.48 7.74
CA GLU D 61 -37.23 -19.27 8.32
C GLU D 61 -36.57 -18.53 9.49
N ASP D 62 -36.48 -17.21 9.42
CA ASP D 62 -35.88 -16.44 10.51
C ASP D 62 -36.77 -16.46 11.75
N LYS D 63 -38.09 -16.40 11.56
CA LYS D 63 -38.99 -16.45 12.71
C LYS D 63 -39.00 -17.83 13.36
N VAL D 64 -38.79 -18.89 12.56
CA VAL D 64 -38.63 -20.23 13.14
C VAL D 64 -37.40 -20.26 14.03
N ALA D 65 -36.27 -19.79 13.51
CA ALA D 65 -35.04 -19.75 14.30
C ALA D 65 -35.20 -18.86 15.52
N LYS D 66 -35.93 -17.75 15.36
CA LYS D 66 -36.20 -16.86 16.50
C LYS D 66 -36.95 -17.59 17.60
N CYS D 67 -38.02 -18.32 17.23
CA CYS D 67 -38.79 -19.07 18.22
C CYS D 67 -37.96 -20.16 18.88
N HIS D 68 -37.17 -20.89 18.09
CA HIS D 68 -36.26 -21.88 18.67
C HIS D 68 -35.28 -21.24 19.64
N LEU D 69 -34.62 -20.17 19.22
CA LEU D 69 -33.56 -19.58 20.02
C LEU D 69 -34.10 -18.94 21.30
N LYS D 70 -35.09 -18.04 21.16
CA LYS D 70 -35.57 -17.30 22.32
C LYS D 70 -36.12 -18.24 23.40
N SER D 71 -36.99 -19.18 23.00
CA SER D 71 -37.57 -20.10 23.96
C SER D 71 -36.50 -20.89 24.71
N GLY D 72 -35.57 -21.50 23.97
CA GLY D 72 -34.55 -22.33 24.61
C GLY D 72 -33.54 -21.51 25.39
N ALA D 73 -33.15 -20.34 24.86
CA ALA D 73 -32.16 -19.52 25.56
C ALA D 73 -32.73 -18.93 26.84
N ILE D 74 -34.01 -18.54 26.83
CA ILE D 74 -34.61 -17.95 28.02
C ILE D 74 -34.79 -19.01 29.10
N TRP D 75 -35.33 -20.18 28.74
CA TRP D 75 -35.48 -21.24 29.73
C TRP D 75 -34.13 -21.65 30.31
N ASN D 76 -33.12 -21.80 29.45
CA ASN D 76 -31.81 -22.21 29.92
C ASN D 76 -31.20 -21.18 30.86
N HIS D 77 -31.58 -19.91 30.72
CA HIS D 77 -31.02 -18.86 31.56
C HIS D 77 -31.70 -18.81 32.93
N ILE D 78 -33.02 -18.98 32.98
CA ILE D 78 -33.76 -18.75 34.22
C ILE D 78 -34.07 -20.04 34.97
N LYS D 79 -33.66 -21.19 34.44
CA LYS D 79 -34.10 -22.47 35.01
C LYS D 79 -33.65 -22.62 36.47
N ASP D 80 -32.43 -22.17 36.80
CA ASP D 80 -31.88 -22.36 38.13
C ASP D 80 -31.94 -21.09 38.99
N LYS D 81 -32.60 -20.04 38.52
CA LYS D 81 -32.64 -18.78 39.25
C LYS D 81 -33.67 -18.83 40.37
N LYS D 82 -33.28 -18.36 41.55
CA LYS D 82 -34.13 -18.40 42.74
C LYS D 82 -34.97 -17.12 42.79
N THR D 83 -36.28 -17.28 42.71
CA THR D 83 -37.19 -16.15 42.55
C THR D 83 -38.39 -16.22 43.48
N VAL D 84 -38.34 -17.06 44.52
CA VAL D 84 -39.48 -17.31 45.39
C VAL D 84 -38.99 -17.36 46.83
N GLY D 85 -39.56 -16.51 47.68
CA GLY D 85 -39.20 -16.53 49.09
C GLY D 85 -37.77 -16.06 49.33
N ILE D 86 -37.14 -16.66 50.34
CA ILE D 86 -35.76 -16.30 50.68
C ILE D 86 -34.82 -16.84 49.61
N ILE D 87 -34.06 -15.95 48.99
CA ILE D 87 -33.22 -16.31 47.85
C ILE D 87 -31.74 -16.10 48.11
N LYS D 88 -31.35 -15.41 49.17
CA LYS D 88 -29.95 -15.14 49.39
C LYS D 88 -29.69 -14.83 50.86
N GLU D 89 -28.56 -15.33 51.37
CA GLU D 89 -28.06 -14.99 52.69
C GLU D 89 -26.77 -14.19 52.54
N GLU D 90 -26.64 -13.14 53.34
CA GLU D 90 -25.44 -12.28 53.32
C GLU D 90 -25.07 -11.93 54.75
N PRO D 91 -24.54 -12.90 55.50
CA PRO D 91 -24.23 -12.65 56.92
C PRO D 91 -23.16 -11.58 57.13
N GLU D 92 -22.33 -11.29 56.12
CA GLU D 92 -21.32 -10.24 56.30
C GLU D 92 -21.95 -8.85 56.38
N ARG D 93 -23.14 -8.67 55.83
CA ARG D 93 -23.92 -7.45 56.02
C ARG D 93 -25.13 -7.67 56.91
N ALA D 94 -25.27 -8.86 57.49
CA ALA D 94 -26.42 -9.22 58.33
C ALA D 94 -27.74 -9.01 57.59
N LEU D 95 -27.79 -9.44 56.33
CA LEU D 95 -28.95 -9.27 55.47
C LEU D 95 -29.45 -10.64 55.00
N VAL D 96 -30.77 -10.72 54.81
CA VAL D 96 -31.41 -11.85 54.15
C VAL D 96 -32.34 -11.29 53.09
N TYR D 97 -32.28 -11.84 51.88
CA TYR D 97 -33.02 -11.33 50.74
C TYR D 97 -34.24 -12.20 50.45
N VAL D 98 -35.36 -11.56 50.15
CA VAL D 98 -36.63 -12.24 49.93
C VAL D 98 -37.22 -11.77 48.61
N ALA D 99 -37.60 -12.72 47.76
CA ALA D 99 -38.18 -12.42 46.45
C ALA D 99 -39.70 -12.45 46.55
N LYS D 100 -40.34 -11.35 46.17
CA LYS D 100 -41.79 -11.25 46.23
C LYS D 100 -42.34 -10.82 44.90
N PRO D 101 -43.51 -11.34 44.52
CA PRO D 101 -44.12 -10.94 43.25
C PRO D 101 -44.54 -9.47 43.27
N LYS D 102 -44.53 -8.86 42.09
CA LYS D 102 -45.06 -7.52 41.94
C LYS D 102 -46.57 -7.54 41.70
N GLY D 103 -47.12 -8.68 41.31
CA GLY D 103 -48.55 -8.79 41.11
C GLY D 103 -48.97 -9.02 39.68
N VAL D 104 -49.69 -8.06 39.10
CA VAL D 104 -50.28 -8.19 37.77
C VAL D 104 -49.48 -7.37 36.79
N VAL D 105 -48.94 -8.02 35.77
CA VAL D 105 -48.14 -7.37 34.73
C VAL D 105 -49.03 -7.02 33.56
N ALA D 106 -48.95 -5.78 33.10
CA ALA D 106 -49.54 -5.37 31.83
C ALA D 106 -48.43 -5.29 30.78
N ALA D 107 -48.54 -6.09 29.73
CA ALA D 107 -47.51 -6.20 28.70
C ALA D 107 -48.10 -5.87 27.33
N THR D 108 -47.64 -4.79 26.73
CA THR D 108 -47.98 -4.44 25.36
C THR D 108 -46.87 -4.95 24.45
N THR D 109 -47.24 -5.74 23.45
CA THR D 109 -46.32 -6.51 22.61
C THR D 109 -46.33 -6.02 21.16
N PRO D 110 -45.22 -6.17 20.45
CA PRO D 110 -45.06 -5.49 19.15
C PRO D 110 -45.50 -6.34 17.96
N ILE D 111 -45.58 -5.69 16.81
CA ILE D 111 -45.87 -6.39 15.56
C ILE D 111 -44.66 -7.15 15.05
N THR D 112 -43.45 -6.76 15.46
CA THR D 112 -42.23 -7.35 14.90
C THR D 112 -41.88 -8.69 15.54
N ASN D 113 -42.17 -8.85 16.83
CA ASN D 113 -41.93 -10.12 17.53
C ASN D 113 -43.19 -10.54 18.27
N PRO D 114 -44.26 -10.85 17.53
CA PRO D 114 -45.57 -11.05 18.17
C PRO D 114 -45.74 -12.38 18.86
N VAL D 115 -44.82 -13.33 18.67
CA VAL D 115 -44.90 -14.64 19.30
C VAL D 115 -43.95 -14.74 20.48
N VAL D 116 -42.69 -14.36 20.28
CA VAL D 116 -41.68 -14.56 21.34
C VAL D 116 -41.84 -13.54 22.46
N THR D 117 -42.40 -12.37 22.18
CA THR D 117 -42.53 -11.37 23.24
C THR D 117 -43.62 -11.74 24.24
N PRO D 118 -44.84 -12.13 23.85
CA PRO D 118 -45.76 -12.67 24.85
C PRO D 118 -45.19 -13.85 25.61
N MET D 119 -44.45 -14.73 24.92
CA MET D 119 -43.81 -15.86 25.59
C MET D 119 -42.79 -15.37 26.62
N CYS D 120 -41.87 -14.50 26.19
CA CYS D 120 -40.81 -14.03 27.09
C CYS D 120 -41.39 -13.30 28.29
N ASN D 121 -42.33 -12.37 28.07
CA ASN D 121 -42.93 -11.64 29.17
C ASN D 121 -43.66 -12.57 30.13
N ALA D 122 -44.34 -13.60 29.59
CA ALA D 122 -45.08 -14.52 30.45
C ALA D 122 -44.15 -15.41 31.26
N MET D 123 -43.08 -15.92 30.65
CA MET D 123 -42.12 -16.72 31.40
C MET D 123 -41.48 -15.90 32.52
N ALA D 124 -41.07 -14.67 32.21
CA ALA D 124 -40.48 -13.81 33.23
C ALA D 124 -41.47 -13.51 34.36
N ALA D 125 -42.73 -13.23 34.00
CA ALA D 125 -43.72 -12.88 35.02
C ALA D 125 -44.03 -14.06 35.92
N ILE D 126 -44.36 -15.22 35.34
CA ILE D 126 -44.78 -16.36 36.13
C ILE D 126 -43.62 -16.95 36.92
N LYS D 127 -42.39 -16.78 36.44
CA LYS D 127 -41.21 -17.22 37.18
C LYS D 127 -41.17 -16.63 38.59
N GLY D 128 -41.72 -15.43 38.78
CA GLY D 128 -41.72 -14.79 40.08
C GLY D 128 -43.12 -14.67 40.67
N ARG D 129 -44.03 -15.54 40.21
CA ARG D 129 -45.39 -15.67 40.74
C ARG D 129 -46.27 -14.46 40.40
N ASN D 130 -45.95 -13.77 39.31
CA ASN D 130 -46.82 -12.73 38.78
C ASN D 130 -47.79 -13.32 37.77
N THR D 131 -48.87 -12.58 37.50
CA THR D 131 -49.75 -12.86 36.38
C THR D 131 -49.63 -11.74 35.37
N ILE D 132 -50.16 -11.97 34.16
CA ILE D 132 -49.88 -11.10 33.03
C ILE D 132 -51.12 -10.98 32.14
N ILE D 133 -51.38 -9.77 31.67
CA ILE D 133 -52.37 -9.49 30.64
C ILE D 133 -51.64 -8.97 29.42
N VAL D 134 -51.80 -9.65 28.29
CA VAL D 134 -51.12 -9.25 27.06
C VAL D 134 -52.05 -8.38 26.24
N ALA D 135 -51.54 -7.22 25.80
CA ALA D 135 -52.23 -6.37 24.83
C ALA D 135 -51.43 -6.32 23.55
N PRO D 136 -51.78 -7.09 22.52
CA PRO D 136 -50.94 -7.18 21.33
C PRO D 136 -51.16 -6.02 20.38
N HIS D 137 -50.23 -5.89 19.45
CA HIS D 137 -50.41 -4.93 18.36
C HIS D 137 -51.58 -5.37 17.49
N PRO D 138 -52.45 -4.43 17.07
CA PRO D 138 -53.61 -4.81 16.26
C PRO D 138 -53.28 -5.62 15.03
N LYS D 139 -52.17 -5.31 14.36
CA LYS D 139 -51.79 -6.05 13.14
C LYS D 139 -51.20 -7.41 13.45
N ALA D 140 -51.06 -7.78 14.72
CA ALA D 140 -50.56 -9.10 15.09
C ALA D 140 -51.45 -9.77 16.14
N LYS D 141 -52.67 -9.26 16.33
CA LYS D 141 -53.50 -9.72 17.44
C LYS D 141 -53.86 -11.19 17.29
N LYS D 142 -53.95 -11.69 16.06
CA LYS D 142 -54.39 -13.07 15.87
C LYS D 142 -53.28 -14.05 16.22
N VAL D 143 -52.05 -13.80 15.77
CA VAL D 143 -50.97 -14.74 16.08
C VAL D 143 -50.54 -14.60 17.54
N SER D 144 -50.66 -13.41 18.12
CA SER D 144 -50.38 -13.28 19.55
C SER D 144 -51.43 -13.99 20.39
N ALA D 145 -52.71 -13.87 20.00
CA ALA D 145 -53.77 -14.61 20.68
C ALA D 145 -53.56 -16.11 20.57
N HIS D 146 -53.16 -16.57 19.38
CA HIS D 146 -52.89 -18.00 19.19
C HIS D 146 -51.75 -18.46 20.10
N THR D 147 -50.74 -17.61 20.29
CA THR D 147 -49.63 -17.95 21.17
C THR D 147 -50.10 -18.07 22.61
N VAL D 148 -50.88 -17.09 23.07
CA VAL D 148 -51.44 -17.13 24.42
C VAL D 148 -52.35 -18.33 24.60
N GLU D 149 -53.09 -18.69 23.53
CA GLU D 149 -54.01 -19.82 23.61
C GLU D 149 -53.27 -21.13 23.85
N LEU D 150 -52.22 -21.39 23.07
CA LEU D 150 -51.49 -22.64 23.23
C LEU D 150 -50.68 -22.67 24.52
N MET D 151 -50.25 -21.50 25.00
CA MET D 151 -49.60 -21.45 26.31
C MET D 151 -50.59 -21.83 27.41
N ASN D 152 -51.82 -21.32 27.33
CA ASN D 152 -52.82 -21.63 28.35
C ASN D 152 -53.27 -23.08 28.27
N ALA D 153 -53.18 -23.70 27.09
CA ALA D 153 -53.52 -25.11 26.98
C ALA D 153 -52.57 -25.96 27.80
N GLU D 154 -51.26 -25.68 27.71
CA GLU D 154 -50.29 -26.46 28.46
C GLU D 154 -50.34 -26.16 29.95
N LEU D 155 -50.74 -24.94 30.33
CA LEU D 155 -50.89 -24.62 31.74
C LEU D 155 -52.01 -25.44 32.37
N LYS D 156 -53.15 -25.55 31.69
CA LYS D 156 -54.26 -26.34 32.21
C LYS D 156 -53.88 -27.81 32.35
N LYS D 157 -53.08 -28.32 31.42
CA LYS D 157 -52.58 -29.70 31.54
C LYS D 157 -51.78 -29.89 32.82
N LEU D 158 -51.06 -28.87 33.26
CA LEU D 158 -50.24 -28.95 34.46
C LEU D 158 -50.95 -28.44 35.70
N GLY D 159 -52.25 -28.14 35.60
CA GLY D 159 -53.01 -27.75 36.77
C GLY D 159 -52.73 -26.36 37.27
N ALA D 160 -52.39 -25.42 36.38
CA ALA D 160 -52.11 -24.06 36.80
C ALA D 160 -53.40 -23.36 37.23
N PRO D 161 -53.29 -22.32 38.05
CA PRO D 161 -54.47 -21.48 38.30
C PRO D 161 -55.00 -20.91 36.99
N GLU D 162 -56.32 -20.87 36.87
CA GLU D 162 -56.93 -20.27 35.69
C GLU D 162 -56.59 -18.79 35.63
N ASN D 163 -56.32 -18.32 34.40
CA ASN D 163 -56.20 -16.89 34.09
C ASN D 163 -54.89 -16.27 34.60
N ILE D 164 -53.83 -17.07 34.75
CA ILE D 164 -52.55 -16.44 35.03
C ILE D 164 -51.99 -15.79 33.77
N ILE D 165 -52.48 -16.17 32.58
CA ILE D 165 -52.21 -15.48 31.34
C ILE D 165 -53.54 -15.14 30.68
N GLN D 166 -53.76 -13.86 30.40
CA GLN D 166 -54.92 -13.38 29.67
C GLN D 166 -54.46 -12.46 28.55
N ILE D 167 -55.38 -12.15 27.62
CA ILE D 167 -55.07 -11.29 26.49
C ILE D 167 -56.28 -10.43 26.15
N VAL D 168 -56.04 -9.17 25.82
CA VAL D 168 -57.08 -8.25 25.37
C VAL D 168 -57.19 -8.33 23.86
N GLU D 169 -58.42 -8.36 23.35
CA GLU D 169 -58.61 -8.31 21.89
C GLU D 169 -58.60 -6.88 21.39
N ALA D 170 -59.56 -6.07 21.82
CA ALA D 170 -59.71 -4.71 21.32
C ALA D 170 -58.56 -3.84 21.79
N PRO D 171 -57.73 -3.30 20.89
CA PRO D 171 -56.62 -2.43 21.31
C PRO D 171 -57.07 -1.01 21.58
N SER D 172 -58.28 -0.84 22.10
CA SER D 172 -58.77 0.48 22.46
C SER D 172 -57.82 1.14 23.43
N ARG D 173 -57.24 2.27 23.02
CA ARG D 173 -56.28 2.95 23.88
C ARG D 173 -56.93 3.53 25.13
N GLU D 174 -58.26 3.71 25.12
CA GLU D 174 -58.94 3.94 26.40
C GLU D 174 -58.86 2.72 27.29
N ALA D 175 -58.80 1.53 26.70
CA ALA D 175 -58.62 0.28 27.45
C ALA D 175 -57.15 -0.09 27.60
N ALA D 176 -56.29 0.33 26.66
CA ALA D 176 -54.87 0.08 26.80
C ALA D 176 -54.24 1.02 27.81
N LYS D 177 -54.68 2.28 27.85
CA LYS D 177 -54.23 3.19 28.89
C LYS D 177 -54.80 2.78 30.24
N GLU D 178 -56.04 2.26 30.25
CA GLU D 178 -56.63 1.81 31.51
C GLU D 178 -55.93 0.56 32.02
N LEU D 179 -55.49 -0.32 31.12
CA LEU D 179 -54.80 -1.53 31.55
C LEU D 179 -53.48 -1.20 32.23
N MET D 180 -52.67 -0.32 31.64
CA MET D 180 -51.40 0.03 32.23
C MET D 180 -51.58 0.77 33.55
N GLU D 181 -52.62 1.60 33.64
CA GLU D 181 -52.85 2.35 34.88
C GLU D 181 -53.33 1.45 36.01
N SER D 182 -53.98 0.33 35.69
CA SER D 182 -54.54 -0.55 36.70
C SER D 182 -53.62 -1.71 37.08
N ALA D 183 -52.61 -2.01 36.26
CA ALA D 183 -51.71 -3.11 36.60
C ALA D 183 -50.71 -2.66 37.65
N ASP D 184 -50.11 -3.64 38.31
CA ASP D 184 -49.07 -3.34 39.30
C ASP D 184 -47.79 -2.89 38.63
N VAL D 185 -47.49 -3.44 37.44
CA VAL D 185 -46.25 -3.15 36.73
C VAL D 185 -46.51 -3.29 35.24
N VAL D 186 -45.80 -2.50 34.44
CA VAL D 186 -46.07 -2.38 33.02
C VAL D 186 -44.82 -2.75 32.23
N ILE D 187 -45.01 -3.53 31.17
CA ILE D 187 -43.97 -3.79 30.17
C ILE D 187 -44.48 -3.29 28.83
N ALA D 188 -43.74 -2.38 28.20
CA ALA D 188 -44.06 -1.87 26.88
C ALA D 188 -42.91 -2.20 25.94
N THR D 189 -43.12 -3.16 25.05
CA THR D 189 -42.16 -3.51 24.00
C THR D 189 -42.78 -3.08 22.67
N GLY D 190 -42.23 -2.01 22.08
CA GLY D 190 -42.79 -1.50 20.84
C GLY D 190 -42.17 -0.16 20.47
N GLY D 191 -42.99 0.67 19.82
CA GLY D 191 -42.53 1.97 19.37
C GLY D 191 -42.54 3.03 20.45
N ALA D 192 -41.88 4.15 20.16
CA ALA D 192 -41.67 5.20 21.13
C ALA D 192 -42.98 5.73 21.72
N GLY D 193 -44.10 5.59 21.01
CA GLY D 193 -45.35 6.11 21.53
C GLY D 193 -45.93 5.24 22.63
N ARG D 194 -45.98 3.93 22.42
CA ARG D 194 -46.47 3.01 23.44
C ARG D 194 -45.57 2.98 24.67
N VAL D 195 -44.30 3.34 24.52
CA VAL D 195 -43.40 3.39 25.66
C VAL D 195 -43.65 4.63 26.49
N LYS D 196 -43.71 5.80 25.85
CA LYS D 196 -44.04 7.04 26.54
C LYS D 196 -45.36 6.93 27.30
N ALA D 197 -46.30 6.14 26.79
CA ALA D 197 -47.54 5.89 27.51
C ALA D 197 -47.32 5.03 28.75
N ALA D 198 -46.36 4.09 28.68
CA ALA D 198 -46.07 3.25 29.85
C ALA D 198 -45.47 4.08 30.98
N TYR D 199 -44.60 5.04 30.64
CA TYR D 199 -43.97 5.91 31.62
C TYR D 199 -44.80 7.12 31.98
N SER D 200 -46.04 7.20 31.47
CA SER D 200 -46.99 8.23 31.86
C SER D 200 -48.20 7.65 32.56
N SER D 201 -48.16 6.37 32.91
CA SER D 201 -49.31 5.65 33.43
C SER D 201 -49.48 5.78 34.93
N GLY D 202 -48.51 6.33 35.64
CA GLY D 202 -48.54 6.35 37.10
C GLY D 202 -48.11 5.06 37.75
N ARG D 203 -47.65 4.08 36.99
CA ARG D 203 -47.22 2.79 37.49
C ARG D 203 -45.77 2.51 37.08
N PRO D 204 -45.03 1.73 37.86
CA PRO D 204 -43.66 1.40 37.48
C PRO D 204 -43.64 0.64 36.16
N ALA D 205 -42.83 1.12 35.23
CA ALA D 205 -42.86 0.64 33.86
C ALA D 205 -41.49 0.18 33.41
N TYR D 206 -41.49 -0.77 32.48
CA TYR D 206 -40.28 -1.24 31.80
C TYR D 206 -40.52 -1.09 30.31
N GLY D 207 -39.82 -0.14 29.69
CA GLY D 207 -40.01 0.16 28.29
C GLY D 207 -38.83 -0.27 27.43
N VAL D 208 -38.97 0.02 26.15
CA VAL D 208 -37.89 -0.13 25.18
C VAL D 208 -37.76 1.18 24.43
N GLY D 209 -36.69 1.29 23.66
CA GLY D 209 -36.52 2.40 22.76
C GLY D 209 -36.33 1.90 21.36
N PRO D 210 -36.47 2.80 20.38
CA PRO D 210 -36.10 2.43 19.01
C PRO D 210 -34.62 2.12 18.94
N GLY D 211 -34.28 1.10 18.16
CA GLY D 211 -32.88 0.82 17.91
C GLY D 211 -32.34 1.68 16.80
N ASN D 212 -31.01 1.62 16.65
CA ASN D 212 -30.32 2.17 15.49
C ASN D 212 -28.86 1.74 15.57
N SER D 213 -28.63 0.43 15.53
CA SER D 213 -27.32 -0.14 15.82
C SER D 213 -26.26 0.39 14.86
N GLN D 214 -25.33 1.18 15.37
CA GLN D 214 -24.18 1.63 14.60
C GLN D 214 -23.07 0.58 14.70
N VAL D 215 -22.40 0.33 13.58
CA VAL D 215 -21.39 -0.71 13.49
C VAL D 215 -20.08 -0.11 13.00
N ILE D 216 -19.03 -0.27 13.80
CA ILE D 216 -17.69 0.16 13.43
C ILE D 216 -16.91 -1.08 13.03
N VAL D 217 -16.37 -1.08 11.81
CA VAL D 217 -15.42 -2.08 11.35
C VAL D 217 -14.03 -1.48 11.54
N ASP D 218 -13.23 -2.10 12.41
CA ASP D 218 -11.92 -1.55 12.74
C ASP D 218 -10.90 -1.92 11.70
N LYS D 219 -9.89 -1.07 11.56
CA LYS D 219 -8.81 -1.31 10.59
C LYS D 219 -8.08 -2.61 10.90
N GLY D 220 -7.83 -3.41 9.86
CA GLY D 220 -7.06 -4.62 9.99
C GLY D 220 -7.83 -5.84 10.43
N TYR D 221 -9.09 -5.70 10.81
CA TYR D 221 -9.92 -6.86 11.14
C TYR D 221 -10.21 -7.66 9.87
N ASP D 222 -10.51 -8.95 10.07
CA ASP D 222 -10.97 -9.79 8.98
C ASP D 222 -12.28 -9.22 8.42
N TYR D 223 -12.20 -8.48 7.31
CA TYR D 223 -13.38 -7.83 6.73
C TYR D 223 -14.37 -8.85 6.19
N ASN D 224 -13.91 -10.03 5.79
CA ASN D 224 -14.83 -11.04 5.29
C ASN D 224 -15.72 -11.55 6.41
N LYS D 225 -15.16 -11.73 7.61
CA LYS D 225 -15.97 -12.18 8.74
C LYS D 225 -16.91 -11.07 9.21
N ALA D 226 -16.42 -9.83 9.28
CA ALA D 226 -17.28 -8.71 9.65
C ALA D 226 -18.45 -8.59 8.68
N ALA D 227 -18.17 -8.68 7.37
CA ALA D 227 -19.24 -8.55 6.38
C ALA D 227 -20.29 -9.64 6.54
N GLN D 228 -19.85 -10.87 6.81
CA GLN D 228 -20.80 -11.96 7.01
C GLN D 228 -21.67 -11.73 8.25
N ASP D 229 -21.05 -11.31 9.35
CA ASP D 229 -21.81 -11.07 10.58
C ASP D 229 -22.77 -9.90 10.43
N ILE D 230 -22.32 -8.81 9.80
CA ILE D 230 -23.17 -7.63 9.65
C ILE D 230 -24.33 -7.92 8.71
N ILE D 231 -24.07 -8.66 7.63
CA ILE D 231 -25.14 -9.02 6.70
C ILE D 231 -26.14 -9.95 7.37
N THR D 232 -25.64 -10.94 8.11
CA THR D 232 -26.52 -11.85 8.84
C THR D 232 -27.50 -11.09 9.73
N GLY D 233 -27.00 -10.10 10.46
CA GLY D 233 -27.86 -9.35 11.37
C GLY D 233 -28.77 -8.39 10.66
N ARG D 234 -28.27 -7.76 9.59
CA ARG D 234 -29.08 -6.78 8.86
C ARG D 234 -30.27 -7.44 8.16
N LYS D 235 -30.08 -8.62 7.57
CA LYS D 235 -31.12 -9.26 6.78
C LYS D 235 -32.08 -10.11 7.61
N TYR D 236 -31.76 -10.37 8.87
CA TYR D 236 -32.55 -11.25 9.72
C TYR D 236 -33.97 -10.74 9.88
N ASP D 237 -34.95 -11.59 9.55
CA ASP D 237 -36.38 -11.22 9.61
C ASP D 237 -36.65 -9.96 8.81
N ASN D 238 -35.92 -9.80 7.70
CA ASN D 238 -36.01 -8.63 6.82
C ASN D 238 -35.75 -7.32 7.57
N GLY D 239 -34.87 -7.37 8.58
CA GLY D 239 -34.35 -6.16 9.20
C GLY D 239 -35.21 -5.51 10.27
N ILE D 240 -36.21 -6.23 10.79
CA ILE D 240 -37.19 -5.63 11.73
C ILE D 240 -36.74 -5.74 13.21
N ILE D 241 -35.62 -6.41 13.46
CA ILE D 241 -35.11 -6.54 14.85
C ILE D 241 -34.49 -5.21 15.29
N CYS D 242 -34.81 -4.74 16.49
CA CYS D 242 -34.34 -3.44 17.03
C CYS D 242 -32.83 -3.40 17.18
N SER D 243 -32.18 -4.55 17.36
CA SER D 243 -30.72 -4.64 17.50
C SER D 243 -30.06 -4.75 16.12
N SER D 244 -30.84 -4.87 15.06
CA SER D 244 -30.30 -5.10 13.70
C SER D 244 -29.29 -4.03 13.29
N GLU D 245 -28.22 -4.47 12.64
CA GLU D 245 -27.22 -3.55 12.10
C GLU D 245 -27.86 -2.55 11.15
N GLN D 246 -27.44 -1.29 11.28
CA GLN D 246 -28.03 -0.17 10.55
C GLN D 246 -27.03 0.57 9.68
N SER D 247 -25.75 0.54 10.03
CA SER D 247 -24.74 1.29 9.30
C SER D 247 -23.47 0.46 9.23
N VAL D 248 -22.62 0.82 8.27
CA VAL D 248 -21.27 0.30 8.19
C VAL D 248 -20.35 1.51 8.23
N ILE D 249 -19.70 1.71 9.38
CA ILE D 249 -18.76 2.80 9.58
C ILE D 249 -17.38 2.21 9.34
N ALA D 250 -16.83 2.47 8.13
CA ALA D 250 -15.68 1.75 7.60
C ALA D 250 -14.45 2.65 7.48
N PRO D 251 -13.26 2.11 7.67
CA PRO D 251 -12.05 2.94 7.59
C PRO D 251 -11.79 3.40 6.16
N ALA D 252 -11.54 4.70 6.01
CA ALA D 252 -11.38 5.27 4.67
C ALA D 252 -10.22 4.63 3.92
N GLU D 253 -9.14 4.28 4.61
CA GLU D 253 -7.99 3.73 3.91
C GLU D 253 -8.22 2.32 3.40
N ASP D 254 -9.20 1.60 3.96
CA ASP D 254 -9.54 0.26 3.47
C ASP D 254 -10.97 0.18 2.94
N TYR D 255 -11.56 1.33 2.60
CA TYR D 255 -12.99 1.37 2.28
C TYR D 255 -13.34 0.41 1.14
N ASP D 256 -12.58 0.47 0.03
CA ASP D 256 -12.87 -0.39 -1.11
C ASP D 256 -12.75 -1.86 -0.74
N LYS D 257 -11.78 -2.20 0.12
CA LYS D 257 -11.65 -3.57 0.61
C LYS D 257 -12.89 -4.00 1.38
N VAL D 258 -13.36 -3.15 2.29
CA VAL D 258 -14.50 -3.51 3.12
C VAL D 258 -15.74 -3.70 2.27
N ILE D 259 -16.02 -2.75 1.37
CA ILE D 259 -17.15 -2.89 0.47
C ILE D 259 -17.04 -4.16 -0.36
N ALA D 260 -15.82 -4.47 -0.83
CA ALA D 260 -15.61 -5.68 -1.61
C ALA D 260 -16.00 -6.93 -0.82
N ALA D 261 -15.72 -6.92 0.49
CA ALA D 261 -16.10 -8.05 1.34
C ALA D 261 -17.61 -8.16 1.48
N PHE D 262 -18.30 -7.03 1.58
CA PHE D 262 -19.76 -7.07 1.59
C PHE D 262 -20.30 -7.62 0.28
N VAL D 263 -19.77 -7.13 -0.84
CA VAL D 263 -20.21 -7.60 -2.16
C VAL D 263 -19.95 -9.10 -2.31
N GLU D 264 -18.77 -9.55 -1.85
CA GLU D 264 -18.44 -10.97 -1.93
C GLU D 264 -19.44 -11.82 -1.17
N ASN D 265 -20.06 -11.26 -0.13
CA ASN D 265 -21.00 -12.01 0.70
C ASN D 265 -22.46 -11.62 0.46
N GLY D 266 -22.77 -11.08 -0.72
CA GLY D 266 -24.14 -10.91 -1.15
C GLY D 266 -24.74 -9.53 -1.04
N ALA D 267 -23.94 -8.50 -0.77
CA ALA D 267 -24.45 -7.14 -0.73
C ALA D 267 -24.45 -6.52 -2.12
N PHE D 268 -25.42 -5.65 -2.35
CA PHE D 268 -25.44 -4.78 -3.52
C PHE D 268 -25.08 -3.38 -3.04
N TYR D 269 -23.94 -2.86 -3.50
CA TYR D 269 -23.42 -1.57 -3.04
C TYR D 269 -23.70 -0.48 -4.06
N VAL D 270 -24.21 0.65 -3.59
CA VAL D 270 -24.63 1.75 -4.47
C VAL D 270 -23.78 2.97 -4.13
N GLU D 271 -22.90 3.35 -5.05
CA GLU D 271 -22.04 4.52 -4.90
C GLU D 271 -22.65 5.78 -5.52
N ASP D 272 -23.41 5.64 -6.60
CA ASP D 272 -23.92 6.78 -7.35
C ASP D 272 -25.00 7.51 -6.55
N GLU D 273 -24.79 8.81 -6.33
CA GLU D 273 -25.69 9.55 -5.45
C GLU D 273 -27.09 9.70 -6.06
N GLU D 274 -27.18 9.76 -7.38
CA GLU D 274 -28.50 9.77 -8.01
C GLU D 274 -29.24 8.46 -7.77
N THR D 275 -28.53 7.33 -7.89
CA THR D 275 -29.17 6.05 -7.62
C THR D 275 -29.46 5.87 -6.14
N VAL D 276 -28.59 6.37 -5.27
CA VAL D 276 -28.86 6.31 -3.83
C VAL D 276 -30.14 7.08 -3.51
N GLU D 277 -30.33 8.22 -4.15
CA GLU D 277 -31.53 9.03 -3.90
C GLU D 277 -32.80 8.29 -4.30
N LYS D 278 -32.73 7.46 -5.34
CA LYS D 278 -33.89 6.64 -5.69
C LYS D 278 -34.27 5.71 -4.55
N PHE D 279 -33.29 5.11 -3.88
CA PHE D 279 -33.60 4.32 -2.70
C PHE D 279 -34.07 5.21 -1.56
N ARG D 280 -33.35 6.32 -1.32
CA ARG D 280 -33.66 7.17 -0.17
C ARG D 280 -35.09 7.70 -0.23
N SER D 281 -35.54 8.12 -1.42
CA SER D 281 -36.89 8.64 -1.55
C SER D 281 -37.94 7.53 -1.43
N THR D 282 -37.53 6.27 -1.57
CA THR D 282 -38.44 5.15 -1.35
C THR D 282 -38.49 4.77 0.13
N LEU D 283 -37.35 4.77 0.81
CA LEU D 283 -37.29 4.30 2.19
C LEU D 283 -37.90 5.31 3.16
N PHE D 284 -37.70 6.60 2.91
CA PHE D 284 -38.18 7.67 3.78
C PHE D 284 -39.02 8.64 2.96
N LYS D 285 -40.18 9.02 3.49
CA LYS D 285 -41.10 9.89 2.76
C LYS D 285 -40.96 11.35 3.19
N ASP D 286 -41.33 11.68 4.44
CA ASP D 286 -41.10 13.02 4.93
C ASP D 286 -40.22 12.98 6.16
N GLY D 287 -39.00 12.46 6.01
CA GLY D 287 -38.14 12.19 7.14
C GLY D 287 -38.56 10.99 7.98
N LYS D 288 -39.63 10.30 7.58
CA LYS D 288 -40.18 9.18 8.33
C LYS D 288 -40.13 7.93 7.47
N ILE D 289 -39.84 6.79 8.10
CA ILE D 289 -39.69 5.54 7.38
C ILE D 289 -40.99 5.17 6.66
N ASN D 290 -40.85 4.68 5.42
CA ASN D 290 -42.00 4.29 4.61
C ASN D 290 -42.51 2.94 5.10
N SER D 291 -43.69 2.94 5.73
CA SER D 291 -44.20 1.72 6.34
C SER D 291 -44.48 0.62 5.31
N LYS D 292 -44.57 0.98 4.02
CA LYS D 292 -44.81 -0.02 3.00
C LYS D 292 -43.61 -0.93 2.74
N ILE D 293 -42.41 -0.54 3.18
CA ILE D 293 -41.22 -1.35 2.96
C ILE D 293 -40.66 -1.89 4.27
N ILE D 294 -41.37 -1.71 5.38
CA ILE D 294 -40.90 -2.22 6.67
C ILE D 294 -40.96 -3.74 6.66
N GLY D 295 -39.81 -4.37 6.92
CA GLY D 295 -39.78 -5.82 6.93
C GLY D 295 -40.01 -6.49 5.59
N LYS D 296 -39.78 -5.79 4.49
CA LYS D 296 -39.95 -6.33 3.15
C LYS D 296 -38.61 -6.76 2.59
N SER D 297 -38.67 -7.52 1.49
CA SER D 297 -37.48 -8.08 0.87
C SER D 297 -36.65 -7.01 0.16
N VAL D 298 -35.44 -7.40 -0.23
CA VAL D 298 -34.57 -6.55 -1.03
C VAL D 298 -35.23 -6.19 -2.36
N GLN D 299 -35.89 -7.17 -2.99
CA GLN D 299 -36.45 -6.93 -4.33
C GLN D 299 -37.69 -6.05 -4.30
N ILE D 300 -38.50 -6.14 -3.23
CA ILE D 300 -39.62 -5.20 -3.09
C ILE D 300 -39.10 -3.77 -3.04
N ILE D 301 -38.08 -3.53 -2.21
CA ILE D 301 -37.47 -2.20 -2.12
C ILE D 301 -36.85 -1.80 -3.45
N ALA D 302 -36.14 -2.72 -4.10
CA ALA D 302 -35.53 -2.41 -5.38
C ALA D 302 -36.57 -2.06 -6.43
N ASP D 303 -37.69 -2.81 -6.47
CA ASP D 303 -38.71 -2.54 -7.47
C ASP D 303 -39.38 -1.20 -7.23
N LEU D 304 -39.69 -0.87 -5.96
CA LEU D 304 -40.31 0.41 -5.67
C LEU D 304 -39.34 1.56 -5.95
N ALA D 305 -38.05 1.34 -5.72
CA ALA D 305 -37.06 2.37 -6.02
C ALA D 305 -36.83 2.52 -7.53
N GLY D 306 -37.21 1.53 -8.33
CA GLY D 306 -36.92 1.57 -9.75
C GLY D 306 -35.47 1.29 -10.09
N VAL D 307 -34.80 0.43 -9.31
CA VAL D 307 -33.39 0.10 -9.51
C VAL D 307 -33.28 -1.41 -9.67
N LYS D 308 -32.51 -1.85 -10.67
CA LYS D 308 -32.25 -3.28 -10.84
C LYS D 308 -31.23 -3.74 -9.82
N VAL D 309 -31.61 -4.72 -9.01
CA VAL D 309 -30.73 -5.29 -8.00
C VAL D 309 -30.63 -6.78 -8.31
N PRO D 310 -29.42 -7.33 -8.48
CA PRO D 310 -29.29 -8.72 -8.90
C PRO D 310 -30.01 -9.65 -7.93
N GLU D 311 -30.65 -10.67 -8.49
CA GLU D 311 -31.39 -11.61 -7.66
C GLU D 311 -30.43 -12.42 -6.79
N GLY D 312 -30.90 -12.76 -5.60
CA GLY D 312 -30.05 -13.35 -4.61
C GLY D 312 -29.33 -12.35 -3.73
N THR D 313 -29.46 -11.05 -4.02
CA THR D 313 -28.87 -10.05 -3.15
C THR D 313 -29.46 -10.15 -1.76
N LYS D 314 -28.59 -10.12 -0.74
CA LYS D 314 -29.03 -10.28 0.64
C LYS D 314 -29.34 -8.95 1.33
N VAL D 315 -28.57 -7.91 1.05
CA VAL D 315 -28.78 -6.59 1.64
C VAL D 315 -28.40 -5.54 0.62
N ILE D 316 -28.90 -4.32 0.83
CA ILE D 316 -28.52 -3.15 0.04
C ILE D 316 -27.67 -2.24 0.91
N VAL D 317 -26.54 -1.78 0.37
CA VAL D 317 -25.65 -0.86 1.07
C VAL D 317 -25.59 0.42 0.28
N LEU D 318 -25.94 1.53 0.91
CA LEU D 318 -26.04 2.83 0.26
C LEU D 318 -24.96 3.76 0.81
N LYS D 319 -24.19 4.37 -0.08
CA LYS D 319 -23.25 5.40 0.38
C LYS D 319 -24.02 6.59 0.93
N GLY D 320 -23.74 6.94 2.19
CA GLY D 320 -24.41 8.06 2.81
C GLY D 320 -23.78 9.39 2.49
N LYS D 321 -24.59 10.45 2.56
CA LYS D 321 -24.08 11.80 2.35
C LYS D 321 -23.21 12.26 3.50
N GLY D 322 -23.43 11.72 4.70
CA GLY D 322 -22.67 12.13 5.86
C GLY D 322 -23.33 11.58 7.11
N ALA D 323 -22.68 11.86 8.24
CA ALA D 323 -23.16 11.36 9.52
C ALA D 323 -24.35 12.19 10.02
N GLY D 324 -25.13 11.57 10.90
CA GLY D 324 -26.21 12.29 11.57
C GLY D 324 -27.26 12.79 10.61
N GLU D 325 -27.69 14.03 10.84
CA GLU D 325 -28.79 14.60 10.06
C GLU D 325 -28.37 14.97 8.64
N LYS D 326 -27.09 14.83 8.29
CA LYS D 326 -26.66 15.02 6.91
C LYS D 326 -27.33 14.04 5.96
N ASP D 327 -27.88 12.94 6.47
CA ASP D 327 -28.55 11.96 5.62
C ASP D 327 -29.64 11.26 6.42
N VAL D 328 -30.87 11.29 5.89
CA VAL D 328 -31.97 10.58 6.53
C VAL D 328 -31.72 9.07 6.58
N LEU D 329 -30.87 8.55 5.69
CA LEU D 329 -30.50 7.14 5.75
C LEU D 329 -29.76 6.77 7.04
N CYS D 330 -29.35 7.76 7.84
CA CYS D 330 -28.68 7.50 9.11
C CYS D 330 -29.65 7.18 10.24
N LYS D 331 -30.95 7.34 10.02
CA LYS D 331 -31.95 6.93 10.99
C LYS D 331 -32.13 5.42 10.95
N GLU D 332 -32.97 4.91 11.86
CA GLU D 332 -33.27 3.49 11.87
C GLU D 332 -34.02 3.09 10.61
N LYS D 333 -33.61 1.97 10.03
CA LYS D 333 -34.22 1.42 8.83
C LYS D 333 -34.65 -0.02 9.14
N MET D 334 -35.96 -0.24 9.24
CA MET D 334 -36.51 -1.57 9.50
C MET D 334 -36.69 -2.35 8.20
N CYS D 335 -35.57 -2.60 7.54
CA CYS D 335 -35.53 -3.28 6.26
C CYS D 335 -34.07 -3.63 5.96
N PRO D 336 -33.81 -4.54 5.02
CA PRO D 336 -32.41 -4.99 4.77
C PRO D 336 -31.57 -3.98 4.01
N VAL D 337 -31.44 -2.77 4.57
CA VAL D 337 -30.68 -1.69 3.95
C VAL D 337 -29.70 -1.14 4.98
N LEU D 338 -28.44 -0.97 4.57
CA LEU D 338 -27.38 -0.39 5.38
C LEU D 338 -26.93 0.93 4.77
N VAL D 339 -26.55 1.89 5.61
CA VAL D 339 -25.88 3.10 5.15
C VAL D 339 -24.38 2.94 5.42
N ALA D 340 -23.56 3.21 4.41
CA ALA D 340 -22.11 3.12 4.55
C ALA D 340 -21.51 4.49 4.76
N LEU D 341 -20.51 4.57 5.64
CA LEU D 341 -19.88 5.82 6.01
C LEU D 341 -18.39 5.60 6.23
N LYS D 342 -17.59 6.61 5.89
CA LYS D 342 -16.14 6.55 6.01
C LYS D 342 -15.68 7.26 7.29
N TYR D 343 -14.60 6.76 7.86
CA TYR D 343 -13.92 7.46 8.94
C TYR D 343 -12.43 7.49 8.67
N ASP D 344 -11.79 8.56 9.14
CA ASP D 344 -10.34 8.71 9.03
C ASP D 344 -9.61 8.07 10.20
N THR D 345 -10.09 8.27 11.43
CA THR D 345 -9.48 7.71 12.62
C THR D 345 -10.55 7.00 13.44
N PHE D 346 -10.12 6.06 14.27
CA PHE D 346 -11.09 5.34 15.10
C PHE D 346 -11.85 6.31 16.01
N GLU D 347 -11.16 7.32 16.53
CA GLU D 347 -11.84 8.35 17.29
C GLU D 347 -12.97 8.97 16.49
N GLU D 348 -12.76 9.22 15.19
CA GLU D 348 -13.82 9.77 14.36
C GLU D 348 -14.95 8.76 14.18
N ALA D 349 -14.61 7.49 13.97
CA ALA D 349 -15.64 6.45 13.84
C ALA D 349 -16.61 6.47 15.01
N VAL D 350 -16.09 6.64 16.24
CA VAL D 350 -16.96 6.72 17.40
C VAL D 350 -17.82 7.98 17.35
N GLU D 351 -17.24 9.11 16.92
CA GLU D 351 -18.02 10.33 16.80
C GLU D 351 -19.14 10.19 15.77
N ILE D 352 -18.88 9.46 14.67
CA ILE D 352 -19.90 9.25 13.65
C ILE D 352 -21.06 8.44 14.24
N ALA D 353 -20.74 7.31 14.89
CA ALA D 353 -21.77 6.52 15.55
C ALA D 353 -22.57 7.37 16.53
N MET D 354 -21.86 8.13 17.36
CA MET D 354 -22.50 9.02 18.33
C MET D 354 -23.50 9.95 17.66
N ALA D 355 -23.10 10.58 16.55
CA ALA D 355 -23.99 11.51 15.86
C ALA D 355 -25.24 10.81 15.35
N ASN D 356 -25.13 9.53 14.96
CA ASN D 356 -26.32 8.81 14.50
C ASN D 356 -27.22 8.42 15.66
N TYR D 357 -26.64 8.10 16.82
CA TYR D 357 -27.46 7.84 18.01
C TYR D 357 -28.20 9.09 18.46
N MET D 358 -27.54 10.25 18.42
CA MET D 358 -28.22 11.50 18.71
C MET D 358 -29.35 11.76 17.72
N TYR D 359 -29.17 11.33 16.47
CA TYR D 359 -30.25 11.40 15.48
C TYR D 359 -31.41 10.47 15.87
N GLU D 360 -31.10 9.20 16.12
CA GLU D 360 -32.13 8.24 16.53
C GLU D 360 -31.48 7.02 17.15
N GLY D 361 -32.11 6.49 18.20
CA GLY D 361 -31.73 5.20 18.76
C GLY D 361 -30.81 5.22 19.95
N ALA D 362 -30.54 6.39 20.54
CA ALA D 362 -29.62 6.48 21.66
C ALA D 362 -30.03 5.54 22.78
N GLY D 363 -29.06 4.85 23.36
CA GLY D 363 -29.28 3.96 24.47
C GLY D 363 -29.46 2.50 24.11
N HIS D 364 -29.52 2.16 22.82
CA HIS D 364 -29.79 0.77 22.45
C HIS D 364 -28.49 -0.01 22.26
N THR D 365 -28.19 -0.43 21.04
CA THR D 365 -27.11 -1.37 20.79
C THR D 365 -26.15 -0.83 19.75
N ALA D 366 -24.87 -1.20 19.88
CA ALA D 366 -23.87 -0.98 18.85
C ALA D 366 -23.13 -2.28 18.56
N GLY D 367 -22.50 -2.33 17.40
CA GLY D 367 -21.66 -3.45 17.02
C GLY D 367 -20.27 -2.94 16.68
N ILE D 368 -19.27 -3.75 16.99
CA ILE D 368 -17.90 -3.43 16.63
C ILE D 368 -17.22 -4.72 16.21
N HIS D 369 -16.40 -4.63 15.17
CA HIS D 369 -15.63 -5.77 14.66
C HIS D 369 -14.17 -5.36 14.68
N SER D 370 -13.39 -6.02 15.54
CA SER D 370 -12.08 -5.50 15.91
C SER D 370 -11.34 -6.54 16.72
N ASP D 371 -10.01 -6.54 16.56
CA ASP D 371 -9.10 -7.28 17.44
C ASP D 371 -8.37 -6.37 18.40
N ASN D 372 -8.71 -5.09 18.43
CA ASN D 372 -8.03 -4.10 19.27
C ASN D 372 -8.92 -3.83 20.48
N ASP D 373 -8.58 -4.46 21.61
CA ASP D 373 -9.40 -4.33 22.81
C ASP D 373 -9.37 -2.91 23.37
N GLU D 374 -8.27 -2.19 23.17
CA GLU D 374 -8.24 -0.78 23.58
C GLU D 374 -9.29 0.02 22.80
N ASN D 375 -9.44 -0.26 21.51
CA ASN D 375 -10.48 0.41 20.73
C ASN D 375 -11.87 -0.05 21.16
N ILE D 376 -12.04 -1.36 21.40
CA ILE D 376 -13.33 -1.88 21.84
C ILE D 376 -13.75 -1.24 23.15
N ARG D 377 -12.81 -1.13 24.09
CA ARG D 377 -13.14 -0.54 25.39
C ARG D 377 -13.40 0.95 25.27
N TYR D 378 -12.68 1.65 24.39
CA TYR D 378 -12.94 3.07 24.18
C TYR D 378 -14.35 3.28 23.61
N ALA D 379 -14.75 2.46 22.65
CA ALA D 379 -16.10 2.57 22.10
C ALA D 379 -17.15 2.31 23.16
N GLY D 380 -16.96 1.26 23.97
CA GLY D 380 -17.94 0.94 25.00
C GLY D 380 -18.02 1.98 26.09
N THR D 381 -16.93 2.73 26.31
CA THR D 381 -16.89 3.74 27.36
C THR D 381 -17.60 5.01 26.94
N VAL D 382 -17.56 5.35 25.66
CA VAL D 382 -17.98 6.65 25.16
C VAL D 382 -19.40 6.62 24.61
N LEU D 383 -19.78 5.53 23.95
CA LEU D 383 -21.01 5.54 23.17
C LEU D 383 -22.23 5.52 24.09
N PRO D 384 -23.27 6.28 23.75
CA PRO D 384 -24.53 6.24 24.54
C PRO D 384 -25.35 5.00 24.20
N ILE D 385 -24.87 3.84 24.66
CA ILE D 385 -25.50 2.56 24.34
C ILE D 385 -25.58 1.72 25.62
N SER D 386 -26.54 0.80 25.62
CA SER D 386 -26.64 -0.19 26.69
C SER D 386 -25.89 -1.47 26.36
N ARG D 387 -25.66 -1.76 25.08
CA ARG D 387 -25.04 -3.01 24.67
C ARG D 387 -24.06 -2.76 23.54
N LEU D 388 -22.83 -3.24 23.71
CA LEU D 388 -21.83 -3.25 22.64
C LEU D 388 -21.53 -4.70 22.30
N VAL D 389 -21.85 -5.08 21.07
CA VAL D 389 -21.73 -6.46 20.60
C VAL D 389 -20.44 -6.57 19.79
N VAL D 390 -19.56 -7.49 20.19
CA VAL D 390 -18.20 -7.58 19.64
C VAL D 390 -18.08 -8.83 18.76
N ASN D 391 -17.68 -8.62 17.50
CA ASN D 391 -17.29 -9.71 16.61
C ASN D 391 -18.37 -10.78 16.48
N GLN D 392 -19.62 -10.34 16.36
CA GLN D 392 -20.75 -11.23 16.14
C GLN D 392 -21.89 -10.38 15.58
N PRO D 393 -22.93 -11.01 15.01
CA PRO D 393 -24.06 -10.21 14.53
C PRO D 393 -24.68 -9.44 15.69
N ALA D 394 -25.07 -8.19 15.41
CA ALA D 394 -25.62 -7.36 16.48
C ALA D 394 -26.97 -7.87 16.97
N THR D 395 -27.65 -8.69 16.17
CA THR D 395 -28.92 -9.29 16.59
C THR D 395 -28.75 -10.29 17.72
N THR D 396 -27.52 -10.69 18.05
CA THR D 396 -27.27 -11.51 19.24
C THR D 396 -27.35 -10.72 20.54
N ALA D 397 -27.61 -9.40 20.47
CA ALA D 397 -27.65 -8.57 21.66
C ALA D 397 -28.76 -9.02 22.62
N GLY D 398 -29.83 -9.61 22.09
CA GLY D 398 -30.90 -10.15 22.90
C GLY D 398 -30.65 -11.53 23.45
N GLY D 399 -29.41 -12.01 23.39
CA GLY D 399 -29.10 -13.32 23.94
C GLY D 399 -28.64 -14.32 22.90
N SER D 400 -27.57 -15.04 23.20
CA SER D 400 -27.01 -16.05 22.33
C SER D 400 -26.29 -17.06 23.19
N PHE D 401 -26.19 -18.31 22.69
CA PHE D 401 -25.44 -19.29 23.45
C PHE D 401 -23.94 -19.04 23.42
N ASN D 402 -23.48 -18.00 22.72
CA ASN D 402 -22.07 -17.70 22.60
C ASN D 402 -21.69 -16.34 23.18
N ASN D 403 -22.62 -15.65 23.84
CA ASN D 403 -22.29 -14.40 24.53
C ASN D 403 -23.02 -14.37 25.88
N GLY D 404 -22.76 -13.32 26.65
CA GLY D 404 -23.24 -13.20 28.01
C GLY D 404 -24.41 -12.27 28.23
N PHE D 405 -25.01 -11.73 27.17
CA PHE D 405 -26.21 -10.91 27.34
C PHE D 405 -27.36 -11.79 27.81
N ASN D 406 -28.17 -11.27 28.74
CA ASN D 406 -29.31 -12.01 29.26
C ASN D 406 -30.37 -12.15 28.18
N PRO D 407 -30.79 -13.36 27.83
CA PRO D 407 -31.77 -13.52 26.74
C PRO D 407 -33.10 -12.87 27.09
N THR D 408 -33.71 -12.23 26.10
CA THR D 408 -34.93 -11.47 26.27
C THR D 408 -35.50 -11.16 24.91
N THR D 409 -36.71 -10.62 24.90
CA THR D 409 -37.30 -9.97 23.74
C THR D 409 -37.50 -8.49 23.99
N THR D 410 -37.13 -8.00 25.17
CA THR D 410 -37.42 -6.65 25.64
C THR D 410 -36.09 -6.04 26.07
N LEU D 411 -35.48 -5.25 25.18
CA LEU D 411 -34.14 -4.73 25.39
C LEU D 411 -34.24 -3.27 25.85
N GLY D 412 -33.98 -3.05 27.15
CA GLY D 412 -34.05 -1.70 27.68
C GLY D 412 -32.97 -0.80 27.11
N CYS D 413 -33.29 0.49 27.03
CA CYS D 413 -32.41 1.47 26.42
C CYS D 413 -32.00 2.58 27.37
N GLY D 414 -32.13 2.34 28.68
CA GLY D 414 -31.66 3.31 29.67
C GLY D 414 -32.35 4.68 29.59
N SER D 415 -31.72 5.63 30.27
CA SER D 415 -32.23 7.00 30.30
C SER D 415 -32.20 7.63 28.90
N TRP D 416 -31.23 7.27 28.08
CA TRP D 416 -31.20 7.77 26.70
C TRP D 416 -32.51 7.49 25.98
N GLY D 417 -32.95 6.22 26.00
CA GLY D 417 -34.21 5.84 25.42
C GLY D 417 -35.43 6.09 26.28
N ARG D 418 -35.27 6.83 27.38
CA ARG D 418 -36.36 7.11 28.32
C ARG D 418 -36.93 5.82 28.91
N ASN D 419 -36.05 4.89 29.25
CA ASN D 419 -36.43 3.64 29.91
C ASN D 419 -35.82 3.59 31.31
N SER D 420 -36.39 2.70 32.14
CA SER D 420 -35.95 2.59 33.51
C SER D 420 -34.67 1.78 33.67
N ILE D 421 -34.34 0.91 32.72
CA ILE D 421 -33.13 0.10 32.79
C ILE D 421 -32.38 0.18 31.47
N SER D 422 -31.05 0.05 31.58
CA SER D 422 -30.16 0.04 30.44
C SER D 422 -29.64 -1.37 30.18
N GLU D 423 -30.55 -2.34 30.16
CA GLU D 423 -30.16 -3.74 30.02
C GLU D 423 -31.37 -4.54 29.56
N ASN D 424 -31.11 -5.80 29.22
CA ASN D 424 -32.17 -6.71 28.79
C ASN D 424 -33.10 -7.05 29.95
N LEU D 425 -34.40 -7.09 29.67
CA LEU D 425 -35.38 -7.41 30.70
C LEU D 425 -35.41 -8.90 30.99
N THR D 426 -35.47 -9.25 32.28
CA THR D 426 -35.56 -10.62 32.71
C THR D 426 -36.61 -10.74 33.82
N TYR D 427 -36.73 -11.96 34.34
CA TYR D 427 -37.54 -12.23 35.53
C TYR D 427 -37.21 -11.25 36.65
N GLU D 428 -35.93 -10.85 36.77
CA GLU D 428 -35.47 -10.13 37.94
C GLU D 428 -36.13 -8.77 38.07
N HIS D 429 -36.57 -8.19 36.95
CA HIS D 429 -37.23 -6.90 36.98
C HIS D 429 -38.70 -6.99 37.35
N LEU D 430 -39.25 -8.20 37.46
CA LEU D 430 -40.65 -8.39 37.79
C LEU D 430 -40.86 -8.92 39.19
N ILE D 431 -39.83 -8.90 40.04
CA ILE D 431 -39.96 -9.29 41.44
C ILE D 431 -39.45 -8.16 42.32
N ASN D 432 -40.19 -7.89 43.40
CA ASN D 432 -39.66 -7.08 44.49
C ASN D 432 -38.68 -7.94 45.29
N VAL D 433 -37.49 -7.41 45.53
CA VAL D 433 -36.53 -8.05 46.43
C VAL D 433 -36.53 -7.25 47.73
N SER D 434 -36.85 -7.92 48.83
CA SER D 434 -36.90 -7.32 50.16
C SER D 434 -35.72 -7.76 50.98
N ARG D 435 -35.43 -6.99 52.04
CA ARG D 435 -34.28 -7.25 52.89
C ARG D 435 -34.72 -7.36 54.35
N ILE D 436 -34.36 -8.46 54.99
CA ILE D 436 -34.39 -8.57 56.44
C ILE D 436 -33.05 -8.09 56.96
N GLY D 437 -33.07 -7.04 57.78
CA GLY D 437 -31.83 -6.49 58.31
C GLY D 437 -31.65 -6.73 59.79
N TYR D 438 -30.68 -7.55 60.16
CA TYR D 438 -30.42 -7.86 61.55
C TYR D 438 -29.51 -6.80 62.16
N PHE D 439 -29.38 -6.85 63.49
CA PHE D 439 -28.56 -5.89 64.22
C PHE D 439 -27.16 -6.46 64.42
N ASN D 440 -26.15 -5.64 64.16
CA ASN D 440 -24.76 -6.03 64.39
C ASN D 440 -24.27 -5.31 65.65
N LYS D 441 -24.36 -5.99 66.79
CA LYS D 441 -23.96 -5.40 68.07
C LYS D 441 -22.46 -5.17 68.16
N GLU D 442 -21.66 -5.85 67.34
CA GLU D 442 -20.21 -5.76 67.46
C GLU D 442 -19.66 -4.43 66.97
N ALA D 443 -20.40 -3.71 66.13
CA ALA D 443 -19.88 -2.49 65.51
C ALA D 443 -19.88 -1.34 66.50
N LYS D 444 -18.78 -0.59 66.51
CA LYS D 444 -18.61 0.52 67.44
C LYS D 444 -19.18 1.81 66.86
N VAL D 445 -19.36 2.79 67.75
CA VAL D 445 -19.77 4.13 67.34
C VAL D 445 -18.56 4.85 66.75
N PRO D 446 -18.54 5.11 65.45
CA PRO D 446 -17.34 5.69 64.84
C PRO D 446 -17.14 7.13 65.25
N SER D 447 -15.89 7.58 65.11
CA SER D 447 -15.51 8.94 65.45
C SER D 447 -15.45 9.81 64.19
N TYR D 448 -15.27 11.12 64.42
CA TYR D 448 -15.24 12.07 63.32
C TYR D 448 -14.13 11.74 62.32
N GLU D 449 -12.92 11.50 62.82
CA GLU D 449 -11.82 11.19 61.92
C GLU D 449 -11.97 9.83 61.28
N GLU D 450 -12.61 8.88 61.98
CA GLU D 450 -12.91 7.60 61.34
C GLU D 450 -13.91 7.77 60.21
N ILE D 451 -14.79 8.76 60.31
CA ILE D 451 -15.82 8.96 59.29
C ILE D 451 -15.29 9.80 58.13
N TRP D 452 -14.60 10.90 58.44
CA TRP D 452 -14.21 11.87 57.42
C TRP D 452 -12.71 11.92 57.15
N GLY D 453 -11.92 11.04 57.77
CA GLY D 453 -10.48 11.03 57.56
C GLY D 453 -10.04 10.15 56.41
PA NAP E . 36.38 -10.16 -0.15
O1A NAP E . 37.72 -9.69 0.29
O2A NAP E . 35.08 -9.50 0.14
O5B NAP E . 36.52 -10.25 -1.81
C5B NAP E . 37.51 -11.21 -2.03
C4B NAP E . 37.82 -11.21 -3.52
O4B NAP E . 36.69 -11.67 -4.25
C3B NAP E . 38.12 -9.73 -3.91
O3B NAP E . 39.22 -9.71 -4.76
C2B NAP E . 36.83 -9.35 -4.66
O2B NAP E . 37.01 -8.38 -5.58
C1B NAP E . 36.53 -10.75 -5.32
N9A NAP E . 35.15 -10.87 -5.85
C8A NAP E . 34.74 -11.37 -7.11
N7A NAP E . 33.40 -11.34 -7.26
C5A NAP E . 32.92 -10.81 -6.05
C6A NAP E . 31.62 -10.52 -5.58
N6A NAP E . 30.53 -10.78 -6.39
N1A NAP E . 31.41 -9.98 -4.35
C2A NAP E . 32.56 -9.76 -3.61
N3A NAP E . 33.85 -9.97 -3.90
C4A NAP E . 34.00 -10.51 -5.16
O3 NAP E . 36.31 -11.64 0.53
PN NAP E . 35.49 -11.69 1.89
O1N NAP E . 34.02 -11.61 1.68
O2N NAP E . 36.14 -12.61 2.86
O5D NAP E . 35.77 -10.16 2.78
C5D NAP E . 36.90 -10.34 3.55
C4D NAP E . 37.25 -8.99 4.14
O4D NAP E . 36.03 -8.37 4.57
C3D NAP E . 38.15 -9.20 5.41
O3D NAP E . 39.11 -8.21 5.37
C2D NAP E . 37.17 -8.98 6.55
O2D NAP E . 37.73 -8.32 7.66
C1D NAP E . 36.18 -7.98 5.90
N1N NAP E . 34.88 -8.23 6.54
C2N NAP E . 34.43 -7.33 7.47
C3N NAP E . 33.21 -7.55 8.08
C7N NAP E . 32.74 -6.58 9.09
O7N NAP E . 31.66 -6.70 9.67
N7N NAP E . 33.56 -5.52 9.38
C4N NAP E . 32.47 -8.70 7.72
C5N NAP E . 32.95 -9.58 6.78
C6N NAP E . 34.16 -9.36 6.18
P2B NAP E . 36.48 -6.71 -5.14
O1X NAP E . 37.86 -6.11 -4.87
O2X NAP E . 35.67 -6.18 -6.28
O3X NAP E . 35.81 -7.04 -3.81
PA NAP F . 20.23 23.80 -7.87
O1A NAP F . 18.85 23.28 -7.65
O2A NAP F . 21.48 23.25 -7.26
O5B NAP F . 20.40 23.75 -9.52
C5B NAP F . 21.54 24.48 -9.80
C4B NAP F . 21.78 24.44 -11.29
O4B NAP F . 23.15 24.71 -11.52
C3B NAP F . 21.47 23.03 -11.77
O3B NAP F . 21.33 23.02 -13.15
C2B NAP F . 22.75 22.31 -11.36
O2B NAP F . 23.04 21.23 -12.14
C1B NAP F . 23.84 23.45 -11.55
N9A NAP F . 24.81 23.47 -10.45
C8A NAP F . 24.61 23.28 -9.06
N7A NAP F . 25.75 23.36 -8.35
C5A NAP F . 26.75 23.60 -9.31
C6A NAP F . 28.14 23.78 -9.21
N6A NAP F . 28.75 23.72 -7.98
N1A NAP F . 28.91 24.00 -10.32
C2A NAP F . 28.22 24.04 -11.52
N3A NAP F . 26.91 23.90 -11.78
C4A NAP F . 26.18 23.67 -10.62
O3 NAP F . 20.09 25.35 -7.34
PN NAP F . 20.18 25.49 -5.76
O1N NAP F . 21.57 25.40 -5.22
O2N NAP F . 19.17 26.47 -5.26
O5D NAP F . 19.47 24.02 -5.00
C5D NAP F . 18.14 24.30 -4.80
C4D NAP F . 17.41 22.99 -4.62
O4D NAP F . 17.97 22.34 -3.46
C3D NAP F . 15.92 23.29 -4.32
O3D NAP F . 15.19 22.23 -4.83
C2D NAP F . 15.89 23.32 -2.80
O2D NAP F . 14.71 22.84 -2.25
C1D NAP F . 17.00 22.27 -2.44
N1N NAP F . 17.66 22.71 -1.19
C2N NAP F . 17.50 21.93 -0.07
C3N NAP F . 18.09 22.31 1.11
C7N NAP F . 17.87 21.44 2.28
O7N NAP F . 18.37 21.67 3.39
N7N NAP F . 17.09 20.32 2.11
C4N NAP F . 18.86 23.49 1.17
C5N NAP F . 19.02 24.26 0.03
C6N NAP F . 18.42 23.87 -1.16
P2B NAP F . 23.33 19.67 -11.32
O1X NAP F . 21.96 19.04 -11.57
O2X NAP F . 24.54 19.03 -11.92
O3X NAP F . 23.39 20.18 -9.89
PA NAP G . -5.25 -17.31 -33.26
O1A NAP G . -4.84 -16.32 -32.23
O2A NAP G . -5.41 -17.03 -34.73
O5B NAP G . -4.13 -18.53 -33.12
C5B NAP G . -3.91 -18.68 -31.75
C4B NAP G . -2.97 -19.84 -31.55
O4B NAP G . -3.24 -20.84 -32.52
C3B NAP G . -1.54 -19.29 -31.76
O3B NAP G . -0.64 -20.00 -30.97
C2B NAP G . -1.33 -19.59 -33.24
O2B NAP G . -0.02 -19.73 -33.59
C1B NAP G . -2.10 -20.97 -33.35
N9A NAP G . -2.57 -21.22 -34.72
C8A NAP G . -3.29 -20.37 -35.58
N7A NAP G . -3.57 -20.94 -36.78
C5A NAP G . -2.99 -22.22 -36.69
C6A NAP G . -2.92 -23.30 -37.60
N6A NAP G . -3.50 -23.19 -38.84
N1A NAP G . -2.29 -24.47 -37.27
C2A NAP G . -1.74 -24.50 -36.01
N3A NAP G . -1.71 -23.57 -35.04
C4A NAP G . -2.37 -22.41 -35.41
O3 NAP G . -6.70 -17.79 -32.70
PN NAP G . -7.93 -17.26 -33.56
O1N NAP G . -8.05 -17.91 -34.90
O2N NAP G . -9.11 -16.97 -32.68
O5D NAP G . -7.60 -15.58 -34.07
C5D NAP G . -7.73 -14.81 -32.94
C4D NAP G . -7.34 -13.40 -33.30
O4D NAP G . -7.82 -13.14 -34.63
C3D NAP G . -8.07 -12.42 -32.34
O3D NAP G . -7.10 -11.58 -31.82
C2D NAP G . -9.04 -11.66 -33.27
O2D NAP G . -9.07 -10.29 -33.03
C1D NAP G . -8.36 -11.86 -34.66
N1N NAP G . -9.40 -11.89 -35.72
C2N NAP G . -9.59 -10.74 -36.46
C3N NAP G . -10.55 -10.74 -37.46
C7N NAP G . -10.76 -9.50 -38.22
O7N NAP G . -11.64 -9.37 -39.07
N7N NAP G . -9.91 -8.45 -37.96
C4N NAP G . -11.31 -11.91 -37.71
C5N NAP G . -11.07 -13.05 -36.95
C6N NAP G . -10.12 -13.04 -35.95
P2B NAP G . 0.92 -18.23 -33.84
O1X NAP G . 1.14 -17.85 -32.38
O2X NAP G . 2.11 -18.56 -34.68
O3X NAP G . -0.20 -17.37 -34.43
PA NAP H . -44.70 0.80 16.49
O1A NAP H . -43.67 1.69 15.89
O2A NAP H . -44.69 0.26 17.88
O5B NAP H . -46.11 1.65 16.33
C5B NAP H . -46.52 1.47 15.01
C4B NAP H . -47.64 2.43 14.74
O4B NAP H . -48.87 1.87 15.18
C3B NAP H . -47.34 3.70 15.57
O3B NAP H . -47.63 4.83 14.82
C2B NAP H . -48.34 3.55 16.73
O2B NAP H . -48.70 4.73 17.31
C1B NAP H . -49.52 2.88 15.94
N9A NAP H . -50.54 2.23 16.80
C8A NAP H . -51.94 2.41 16.78
N7A NAP H . -52.57 1.67 17.72
C5A NAP H . -51.54 0.98 18.37
C6A NAP H . -51.53 0.06 19.44
N6A NAP H . -52.72 -0.32 20.03
N1A NAP H . -50.37 -0.49 19.90
C2A NAP H . -49.23 -0.07 19.27
N3A NAP H . -49.06 0.81 18.25
C4A NAP H . -50.26 1.32 17.82
O3 NAP H . -44.66 -0.49 15.50
PN NAP H . -43.86 -1.72 16.09
O1N NAP H . -44.60 -2.46 17.16
O2N NAP H . -43.05 -2.40 15.03
O5D NAP H . -42.48 -1.11 17.05
C5D NAP H . -41.52 -0.72 16.15
C4D NAP H . -40.37 -0.14 16.95
O4D NAP H . -40.21 -0.93 18.12
C3D NAP H . -39.05 -0.29 16.11
O3D NAP H . -38.49 0.97 16.07
C2D NAP H . -38.21 -1.27 16.95
O2D NAP H . -36.87 -0.88 17.07
C1D NAP H . -38.85 -1.11 18.36
N1N NAP H . -38.74 -2.38 19.10
C2N NAP H . -37.83 -2.46 20.13
C3N NAP H . -37.71 -3.65 20.84
C7N NAP H . -36.73 -3.71 21.93
O7N NAP H . -36.65 -4.67 22.71
N7N NAP H . -35.88 -2.64 22.08
C4N NAP H . -38.53 -4.75 20.50
C5N NAP H . -39.44 -4.64 19.47
C6N NAP H . -39.55 -3.45 18.76
P2B NAP H . -47.97 5.10 18.91
O1X NAP H . -46.89 6.07 18.44
O2X NAP H . -49.06 5.63 19.80
O3X NAP H . -47.35 3.74 19.20
#